data_1GK6
# 
_entry.id   1GK6 
# 
_audit_conform.dict_name       mmcif_pdbx.dic 
_audit_conform.dict_version    5.382 
_audit_conform.dict_location   http://mmcif.pdb.org/dictionaries/ascii/mmcif_pdbx.dic 
# 
loop_
_database_2.database_id 
_database_2.database_code 
_database_2.pdbx_database_accession 
_database_2.pdbx_DOI 
PDB   1GK6         pdb_00001gk6 10.2210/pdb1gk6/pdb 
PDBE  EBI-8040     ?            ?                   
WWPDB D_1290008040 ?            ?                   
# 
_pdbx_database_PDB_obs_spr.id               SPRSDE 
_pdbx_database_PDB_obs_spr.date             2003-03-27 
_pdbx_database_PDB_obs_spr.pdb_id           1GK6 
_pdbx_database_PDB_obs_spr.replace_pdb_id   1E7T 
_pdbx_database_PDB_obs_spr.details          ? 
# 
loop_
_pdbx_database_related.db_name 
_pdbx_database_related.db_id 
_pdbx_database_related.content_type 
_pdbx_database_related.details 
PDB 1GK4 unspecified 'HUMAN VIMENTIN COIL 2B FRAGMENT (CYS2)' 
PDB 1GK7 unspecified 'HUMAN VIMENTIN COIL 1A FRAGMENT (1A)'   
PDB 2ZTA unspecified 'LEUCINE ZIPPER'                         
# 
_pdbx_database_status.status_code                     REL 
_pdbx_database_status.entry_id                        1GK6 
_pdbx_database_status.deposit_site                    PDBE 
_pdbx_database_status.process_site                    PDBE 
_pdbx_database_status.SG_entry                        . 
_pdbx_database_status.recvd_initial_deposition_date   2001-08-08 
_pdbx_database_status.pdb_format_compatible           Y 
_pdbx_database_status.status_code_sf                  REL 
_pdbx_database_status.status_code_mr                  ? 
_pdbx_database_status.status_code_cs                  ? 
_pdbx_database_status.methods_development_category    ? 
_pdbx_database_status.status_code_nmr_data            ? 
# 
loop_
_audit_author.name 
_audit_author.pdbx_ordinal 
'Strelkov, S.V.' 1 
'Herrmann, H.'   2 
'Geisler, N.'    3 
'Zimbelmann, R.' 4 
'Aebi, U.'       5 
'Burkhard, P.'   6 
# 
loop_
_citation.id 
_citation.title 
_citation.journal_abbrev 
_citation.journal_volume 
_citation.page_first 
_citation.page_last 
_citation.year 
_citation.journal_id_ASTM 
_citation.country 
_citation.journal_id_ISSN 
_citation.journal_id_CSD 
_citation.book_publisher 
_citation.pdbx_database_id_PubMed 
_citation.pdbx_database_id_DOI 
primary 'Conserved Segments 1A and 2B of the Intermediate Filament Dimer: Their Atomic Structures and Role in Filament Assembly.' 
'Embo J.'       21  1255 ? 2002 EMJODG UK 0261-4189 0897 ? 11889032 10.1093/EMBOJ/21.6.1255 
1       'Divide-and-Conquer Crystallographic Approach Towards an Atomic Structure of Intermediate Filaments'                      
J.Mol.Biol.     306 773  ? 2001 JMOBAK UK 0022-2836 0070 ? 11243787 10.1006/JMBI.2001.4442  
2       'The Intermediate Filament Protein Consensus Motifof Helix 2B: Its Atomic Structure and Contribution to Assembly'         
'J. Mol. Biol.' 298 817  ? 2000 JMOBAK UK 0022-2836 0070 ? 10801351 10.1006/JMBI.2000.3719  
# 
loop_
_citation_author.citation_id 
_citation_author.name 
_citation_author.ordinal 
_citation_author.identifier_ORCID 
primary 'Strelkov, S.'   1  ? 
primary 'Herrmann, H.'   2  ? 
primary 'Geisler, N.'    3  ? 
primary 'Wedig, T.'      4  ? 
primary 'Zimbelmann, R.' 5  ? 
primary 'Aebi, U.'       6  ? 
primary 'Burkhard, P.'   7  ? 
1       'Strelkov, S.V.' 8  ? 
1       'Herrmann, H.'   9  ? 
1       'Geisler, N.'    10 ? 
1       'Lustig, A.'     11 ? 
1       'Ivaninskii, S.' 12 ? 
1       'Zimbelmann, R.' 13 ? 
1       'Burkhard, P.'   14 ? 
1       'Aebi, U.'       15 ? 
2       'Herrmann, H.'   16 ? 
2       'Strelkov, S.V.' 17 ? 
2       'Feja, B.'       18 ? 
2       'Rogers, K.R.'   19 ? 
2       'Brettel, M.'    20 ? 
2       'Lustig, A.'     21 ? 
2       'Haener, M.'     22 ? 
2       'Parry, D.A.D.'  23 ? 
2       'Steinert, P.M.' 24 ? 
2       'Burkhard, P.'   25 ? 
2       'Aebi, U.'       26 ? 
# 
_cell.entry_id           1GK6 
_cell.length_a           98.801 
_cell.length_b           98.801 
_cell.length_c           36.473 
_cell.angle_alpha        90.00 
_cell.angle_beta         90.00 
_cell.angle_gamma        120.00 
_cell.Z_PDB              12 
_cell.pdbx_unique_axis   ? 
# 
_symmetry.entry_id                         1GK6 
_symmetry.space_group_name_H-M             'P 31 2 1' 
_symmetry.pdbx_full_space_group_name_H-M   ? 
_symmetry.cell_setting                     ? 
_symmetry.Int_Tables_number                152 
# 
loop_
_entity.id 
_entity.type 
_entity.src_method 
_entity.pdbx_description 
_entity.formula_weight 
_entity.pdbx_number_of_molecules 
_entity.pdbx_ec 
_entity.pdbx_mutation 
_entity.pdbx_fragment 
_entity.details 
1 polymer man VIMENTIN 6926.064 2   ? ? 
'Z2B FUSION CONSTRUCT CONTAINING THE GCN4 LEUCINE ZIPPER LINKED TO VIMENTIN RESIDUES 385 - 412' 
'N-TERMINAL HALF OF THE MOLECULE CONTAINS THE GCN4 LEUCINE ZIPPER SEQUENCE WHILE THE C-TERMINAL HALF CONTAINS THE VIMENTIN SEQUENCE' 
2 water   nat water    18.015   194 ? ? ? ? 
# 
_entity_poly.entity_id                      1 
_entity_poly.type                           'polypeptide(L)' 
_entity_poly.nstd_linkage                   no 
_entity_poly.nstd_monomer                   no 
_entity_poly.pdbx_seq_one_letter_code       RMKQLEDKVEELLSKNYHLENEVARLKKLVGDLLNVKMALDIEIATYRKLLEGEESRIS 
_entity_poly.pdbx_seq_one_letter_code_can   RMKQLEDKVEELLSKNYHLENEVARLKKLVGDLLNVKMALDIEIATYRKLLEGEESRIS 
_entity_poly.pdbx_strand_id                 A,B 
_entity_poly.pdbx_target_identifier         ? 
# 
loop_
_entity_poly_seq.entity_id 
_entity_poly_seq.num 
_entity_poly_seq.mon_id 
_entity_poly_seq.hetero 
1 1  ARG n 
1 2  MET n 
1 3  LYS n 
1 4  GLN n 
1 5  LEU n 
1 6  GLU n 
1 7  ASP n 
1 8  LYS n 
1 9  VAL n 
1 10 GLU n 
1 11 GLU n 
1 12 LEU n 
1 13 LEU n 
1 14 SER n 
1 15 LYS n 
1 16 ASN n 
1 17 TYR n 
1 18 HIS n 
1 19 LEU n 
1 20 GLU n 
1 21 ASN n 
1 22 GLU n 
1 23 VAL n 
1 24 ALA n 
1 25 ARG n 
1 26 LEU n 
1 27 LYS n 
1 28 LYS n 
1 29 LEU n 
1 30 VAL n 
1 31 GLY n 
1 32 ASP n 
1 33 LEU n 
1 34 LEU n 
1 35 ASN n 
1 36 VAL n 
1 37 LYS n 
1 38 MET n 
1 39 ALA n 
1 40 LEU n 
1 41 ASP n 
1 42 ILE n 
1 43 GLU n 
1 44 ILE n 
1 45 ALA n 
1 46 THR n 
1 47 TYR n 
1 48 ARG n 
1 49 LYS n 
1 50 LEU n 
1 51 LEU n 
1 52 GLU n 
1 53 GLY n 
1 54 GLU n 
1 55 GLU n 
1 56 SER n 
1 57 ARG n 
1 58 ILE n 
1 59 SER n 
# 
loop_
_entity_src_gen.entity_id 
_entity_src_gen.pdbx_src_id 
_entity_src_gen.pdbx_alt_source_flag 
_entity_src_gen.pdbx_seq_type 
_entity_src_gen.pdbx_beg_seq_num 
_entity_src_gen.pdbx_end_seq_num 
_entity_src_gen.gene_src_common_name 
_entity_src_gen.gene_src_genus 
_entity_src_gen.pdbx_gene_src_gene 
_entity_src_gen.gene_src_species 
_entity_src_gen.gene_src_strain 
_entity_src_gen.gene_src_tissue 
_entity_src_gen.gene_src_tissue_fraction 
_entity_src_gen.gene_src_details 
_entity_src_gen.pdbx_gene_src_fragment 
_entity_src_gen.pdbx_gene_src_scientific_name 
_entity_src_gen.pdbx_gene_src_ncbi_taxonomy_id 
_entity_src_gen.pdbx_gene_src_variant 
_entity_src_gen.pdbx_gene_src_cell_line 
_entity_src_gen.pdbx_gene_src_atcc 
_entity_src_gen.pdbx_gene_src_organ 
_entity_src_gen.pdbx_gene_src_organelle 
_entity_src_gen.pdbx_gene_src_cell 
_entity_src_gen.pdbx_gene_src_cellular_location 
_entity_src_gen.host_org_common_name 
_entity_src_gen.pdbx_host_org_scientific_name 
_entity_src_gen.pdbx_host_org_ncbi_taxonomy_id 
_entity_src_gen.host_org_genus 
_entity_src_gen.pdbx_host_org_gene 
_entity_src_gen.pdbx_host_org_organ 
_entity_src_gen.host_org_species 
_entity_src_gen.pdbx_host_org_tissue 
_entity_src_gen.pdbx_host_org_tissue_fraction 
_entity_src_gen.pdbx_host_org_strain 
_entity_src_gen.pdbx_host_org_variant 
_entity_src_gen.pdbx_host_org_cell_line 
_entity_src_gen.pdbx_host_org_atcc 
_entity_src_gen.pdbx_host_org_culture_collection 
_entity_src_gen.pdbx_host_org_cell 
_entity_src_gen.pdbx_host_org_organelle 
_entity_src_gen.pdbx_host_org_cellular_location 
_entity_src_gen.pdbx_host_org_vector_type 
_entity_src_gen.pdbx_host_org_vector 
_entity_src_gen.host_org_details 
_entity_src_gen.expression_system_id 
_entity_src_gen.plasmid_name 
_entity_src_gen.plasmid_details 
_entity_src_gen.pdbx_description 
1 1 sample ? 1  31 
;BAKER'S YEAST
;
? ? ? ? ? ? ? ? 'SACCHAROMYCES CEREVISIAE' 4932 ? ? ? ? ? ? ? ? 'ESCHERICHIA COLI BL21(DE3)' 469008 ? ? ? ? ? ? ? ? ? ? ? ? ? ? ? 
? ? ? ? ? ? 
1 2 sample ? 32 59 HUMAN           ? ? ? ? ? ? ? ? 'HOMO SAPIENS'             9606 ? ? ? ? ? ? ? ? 'ESCHERICHIA COLI BL21(DE3)' 
469008 ? ? ? ? ? ? ? ? ? ? ? ? ? ? ? ? ? ? ? ? ? 
# 
loop_
_struct_ref.id 
_struct_ref.db_name 
_struct_ref.db_code 
_struct_ref.entity_id 
_struct_ref.pdbx_seq_one_letter_code 
_struct_ref.pdbx_align_begin 
_struct_ref.pdbx_db_accession 
_struct_ref.pdbx_db_isoform 
1 UNP GCN4_YEAST 1 ? ? P03069 ? 
2 UNP VIME_HUMAN 1 ? ? P08670 ? 
# 
loop_
_struct_ref_seq.align_id 
_struct_ref_seq.ref_id 
_struct_ref_seq.pdbx_PDB_id_code 
_struct_ref_seq.pdbx_strand_id 
_struct_ref_seq.seq_align_beg 
_struct_ref_seq.pdbx_seq_align_beg_ins_code 
_struct_ref_seq.seq_align_end 
_struct_ref_seq.pdbx_seq_align_end_ins_code 
_struct_ref_seq.pdbx_db_accession 
_struct_ref_seq.db_align_beg 
_struct_ref_seq.pdbx_db_align_beg_ins_code 
_struct_ref_seq.db_align_end 
_struct_ref_seq.pdbx_db_align_end_ins_code 
_struct_ref_seq.pdbx_auth_seq_align_beg 
_struct_ref_seq.pdbx_auth_seq_align_end 
1 1 1GK6 A 1  ? 31 ? P03069 249 ? 279 ? 354 384 
2 2 1GK6 A 32 ? 59 ? P08670 384 ? 411 ? 385 412 
3 1 1GK6 B 1  ? 31 ? P03069 249 ? 279 ? 354 384 
4 2 1GK6 B 32 ? 59 ? P08670 384 ? 411 ? 385 412 
# 
loop_
_chem_comp.id 
_chem_comp.type 
_chem_comp.mon_nstd_flag 
_chem_comp.name 
_chem_comp.pdbx_synonyms 
_chem_comp.formula 
_chem_comp.formula_weight 
ALA 'L-peptide linking' y ALANINE         ? 'C3 H7 N O2'     89.093  
ARG 'L-peptide linking' y ARGININE        ? 'C6 H15 N4 O2 1' 175.209 
ASN 'L-peptide linking' y ASPARAGINE      ? 'C4 H8 N2 O3'    132.118 
ASP 'L-peptide linking' y 'ASPARTIC ACID' ? 'C4 H7 N O4'     133.103 
GLN 'L-peptide linking' y GLUTAMINE       ? 'C5 H10 N2 O3'   146.144 
GLU 'L-peptide linking' y 'GLUTAMIC ACID' ? 'C5 H9 N O4'     147.129 
GLY 'peptide linking'   y GLYCINE         ? 'C2 H5 N O2'     75.067  
HIS 'L-peptide linking' y HISTIDINE       ? 'C6 H10 N3 O2 1' 156.162 
HOH non-polymer         . WATER           ? 'H2 O'           18.015  
ILE 'L-peptide linking' y ISOLEUCINE      ? 'C6 H13 N O2'    131.173 
LEU 'L-peptide linking' y LEUCINE         ? 'C6 H13 N O2'    131.173 
LYS 'L-peptide linking' y LYSINE          ? 'C6 H15 N2 O2 1' 147.195 
MET 'L-peptide linking' y METHIONINE      ? 'C5 H11 N O2 S'  149.211 
SER 'L-peptide linking' y SERINE          ? 'C3 H7 N O3'     105.093 
THR 'L-peptide linking' y THREONINE       ? 'C4 H9 N O3'     119.119 
TYR 'L-peptide linking' y TYROSINE        ? 'C9 H11 N O3'    181.189 
VAL 'L-peptide linking' y VALINE          ? 'C5 H11 N O2'    117.146 
# 
_exptl.entry_id          1GK6 
_exptl.method            'X-RAY DIFFRACTION' 
_exptl.crystals_number   1 
# 
_exptl_crystal.id                    1 
_exptl_crystal.density_meas          ? 
_exptl_crystal.density_Matthews      3.72 
_exptl_crystal.density_percent_sol   67.5 
_exptl_crystal.description           ? 
# 
_exptl_crystal_grow.crystal_id      1 
_exptl_crystal_grow.method          'VAPOR DIFFUSION, HANGING DROP' 
_exptl_crystal_grow.temp            ? 
_exptl_crystal_grow.temp_details    ? 
_exptl_crystal_grow.pH              8.50 
_exptl_crystal_grow.pdbx_pH_range   ? 
_exptl_crystal_grow.pdbx_details    
'HANGING DROPS WITH 12.5MG/ML PROTEIN AND 0.55M (NH4)2HPO4, PH ADJUSTED TO 9.0 WITH NAOH, AS PRECIPITANT' 
# 
_diffrn.id                     1 
_diffrn.ambient_temp           100.0 
_diffrn.ambient_temp_details   ? 
_diffrn.crystal_id             1 
# 
_diffrn_detector.diffrn_id              1 
_diffrn_detector.detector               'IMAGE PLATE' 
_diffrn_detector.type                   MARRESEARCH 
_diffrn_detector.pdbx_collection_date   1998-11-20 
_diffrn_detector.details                ? 
# 
_diffrn_radiation.diffrn_id                        1 
_diffrn_radiation.wavelength_id                    1 
_diffrn_radiation.pdbx_monochromatic_or_laue_m_l   M 
_diffrn_radiation.monochromator                    ? 
_diffrn_radiation.pdbx_diffrn_protocol             'SINGLE WAVELENGTH' 
_diffrn_radiation.pdbx_scattering_type             x-ray 
# 
_diffrn_radiation_wavelength.id           1 
_diffrn_radiation_wavelength.wavelength   1.2545 
_diffrn_radiation_wavelength.wt           1.0 
# 
_diffrn_source.diffrn_id                   1 
_diffrn_source.source                      SYNCHROTRON 
_diffrn_source.type                        'EMBL/DESY, HAMBURG BEAMLINE X31' 
_diffrn_source.pdbx_synchrotron_site       'EMBL/DESY, HAMBURG' 
_diffrn_source.pdbx_synchrotron_beamline   X31 
_diffrn_source.pdbx_wavelength             1.2545 
_diffrn_source.pdbx_wavelength_list        ? 
# 
_reflns.pdbx_diffrn_id               1 
_reflns.pdbx_ordinal                 1 
_reflns.entry_id                     1GK6 
_reflns.observed_criterion_sigma_I   0.000 
_reflns.observed_criterion_sigma_F   ? 
_reflns.d_resolution_low             33.500 
_reflns.d_resolution_high            1.900 
_reflns.number_obs                   16241 
_reflns.number_all                   ? 
_reflns.percent_possible_obs         99.2 
_reflns.pdbx_Rmerge_I_obs            0.06300 
_reflns.pdbx_Rsym_value              ? 
_reflns.pdbx_netI_over_sigmaI        15.0000 
_reflns.B_iso_Wilson_estimate        ? 
_reflns.pdbx_redundancy              3.700 
# 
_reflns_shell.pdbx_diffrn_id         1 
_reflns_shell.pdbx_ordinal           1 
_reflns_shell.d_res_high             1.90 
_reflns_shell.d_res_low              1.97 
_reflns_shell.percent_possible_all   99.4 
_reflns_shell.Rmerge_I_obs           0.37200 
_reflns_shell.pdbx_Rsym_value        ? 
_reflns_shell.meanI_over_sigI_obs    3.300 
_reflns_shell.pdbx_redundancy        3.60 
# 
_refine.pdbx_refine_id                           'X-RAY DIFFRACTION' 
_refine.entry_id                                 1GK6 
_refine.pdbx_diffrn_id                           1 
_refine.pdbx_TLS_residual_ADP_flag               ? 
_refine.ls_number_reflns_obs                     15422 
_refine.ls_number_reflns_all                     ? 
_refine.pdbx_ls_sigma_I                          ? 
_refine.pdbx_ls_sigma_F                          0.0 
_refine.pdbx_data_cutoff_high_absF               ? 
_refine.pdbx_data_cutoff_low_absF                ? 
_refine.pdbx_data_cutoff_high_rms_absF           ? 
_refine.ls_d_res_low                             35.00 
_refine.ls_d_res_high                            1.9 
_refine.ls_percent_reflns_obs                    99.2 
_refine.ls_R_factor_obs                          0.20062 
_refine.ls_R_factor_all                          ? 
_refine.ls_R_factor_R_work                       0.19927 
_refine.ls_R_factor_R_free                       0.22670 
_refine.ls_R_factor_R_free_error                 ? 
_refine.ls_R_factor_R_free_error_details         ? 
_refine.ls_percent_reflns_R_free                 5.0 
_refine.ls_number_reflns_R_free                  819 
_refine.ls_number_parameters                     ? 
_refine.ls_number_restraints                     ? 
_refine.occupancy_min                            ? 
_refine.occupancy_max                            ? 
_refine.correlation_coeff_Fo_to_Fc               ? 
_refine.correlation_coeff_Fo_to_Fc_free          ? 
_refine.B_iso_mean                               ? 
_refine.aniso_B[1][1]                            ? 
_refine.aniso_B[2][2]                            ? 
_refine.aniso_B[3][3]                            ? 
_refine.aniso_B[1][2]                            ? 
_refine.aniso_B[1][3]                            ? 
_refine.aniso_B[2][3]                            ? 
_refine.solvent_model_details                    ? 
_refine.solvent_model_param_ksol                 ? 
_refine.solvent_model_param_bsol                 ? 
_refine.pdbx_solvent_vdw_probe_radii             ? 
_refine.pdbx_solvent_ion_probe_radii             ? 
_refine.pdbx_solvent_shrinkage_radii             ? 
_refine.pdbx_ls_cross_valid_method               THROUGHOUT 
_refine.details                                  ? 
_refine.pdbx_starting_model                      'PDB ENTRY 2ZTA' 
_refine.pdbx_method_to_determine_struct          'MOLECULAR REPLACEMENT' 
_refine.pdbx_isotropic_thermal_model             ? 
_refine.pdbx_stereochemistry_target_values       ? 
_refine.pdbx_stereochem_target_val_spec_case     ? 
_refine.pdbx_R_Free_selection_details            RANDOM 
_refine.pdbx_overall_ESU_R                       0.11921 
_refine.pdbx_overall_ESU_R_Free                  0.11540 
_refine.overall_SU_ML                            0.08356 
_refine.pdbx_overall_phase_error                 ? 
_refine.overall_SU_B                             2.76753 
_refine.overall_SU_R_Cruickshank_DPI             ? 
_refine.pdbx_overall_SU_R_free_Cruickshank_DPI   ? 
_refine.pdbx_overall_SU_R_Blow_DPI               ? 
_refine.pdbx_overall_SU_R_free_Blow_DPI          ? 
# 
_refine_hist.pdbx_refine_id                   'X-RAY DIFFRACTION' 
_refine_hist.cycle_id                         LAST 
_refine_hist.pdbx_number_atoms_protein        870 
_refine_hist.pdbx_number_atoms_nucleic_acid   0 
_refine_hist.pdbx_number_atoms_ligand         0 
_refine_hist.number_atoms_solvent             194 
_refine_hist.number_atoms_total               1064 
_refine_hist.d_res_high                       1.9 
_refine_hist.d_res_low                        35.00 
# 
_struct.entry_id                  1GK6 
_struct.title                     'Human vimentin coil 2B fragment linked to GCN4 leucine zipper (Z2B)' 
_struct.pdbx_model_details        ? 
_struct.pdbx_CASP_flag            ? 
_struct.pdbx_model_type_details   ? 
# 
_struct_keywords.entry_id        1GK6 
_struct_keywords.pdbx_keywords   'STRUCTURAL PROTEIN' 
_struct_keywords.text            
'STRUCTURAL PROTEIN, INTERMEDIATE FILAMENT, DIMER, PARALLEL COILED COIL, HEPTAD REPEAT, LEUCINE ZIPPER, FUSION PROTEIN' 
# 
loop_
_struct_asym.id 
_struct_asym.pdbx_blank_PDB_chainid_flag 
_struct_asym.pdbx_modified 
_struct_asym.entity_id 
_struct_asym.details 
A N N 1 ? 
B N N 1 ? 
C N N 2 ? 
D N N 2 ? 
# 
_struct_biol.id   1 
# 
loop_
_struct_conf.conf_type_id 
_struct_conf.id 
_struct_conf.pdbx_PDB_helix_id 
_struct_conf.beg_label_comp_id 
_struct_conf.beg_label_asym_id 
_struct_conf.beg_label_seq_id 
_struct_conf.pdbx_beg_PDB_ins_code 
_struct_conf.end_label_comp_id 
_struct_conf.end_label_asym_id 
_struct_conf.end_label_seq_id 
_struct_conf.pdbx_end_PDB_ins_code 
_struct_conf.beg_auth_comp_id 
_struct_conf.beg_auth_asym_id 
_struct_conf.beg_auth_seq_id 
_struct_conf.end_auth_comp_id 
_struct_conf.end_auth_asym_id 
_struct_conf.end_auth_seq_id 
_struct_conf.pdbx_PDB_helix_class 
_struct_conf.details 
_struct_conf.pdbx_PDB_helix_length 
HELX_P HELX_P1 1 MET A 2 ? GLU A 52 ? MET A 355 GLU A 405 1 ? 51 
HELX_P HELX_P2 2 MET B 2 ? GLU B 52 ? MET B 355 GLU B 405 1 ? 51 
# 
_struct_conf_type.id          HELX_P 
_struct_conf_type.criteria    ? 
_struct_conf_type.reference   ? 
# 
_atom_sites.entry_id                    1GK6 
_atom_sites.fract_transf_matrix[1][1]   -0.00841802 
_atom_sites.fract_transf_matrix[1][2]   0.00087373 
_atom_sites.fract_transf_matrix[1][3]   -0.00805908 
_atom_sites.fract_transf_matrix[2][1]   -0.00893206 
_atom_sites.fract_transf_matrix[2][2]   0.00735319 
_atom_sites.fract_transf_matrix[2][3]   0.00165376 
_atom_sites.fract_transf_matrix[3][1]   0.01407075 
_atom_sites.fract_transf_matrix[3][2]   0.01991201 
_atom_sites.fract_transf_matrix[3][3]   -0.01253866 
_atom_sites.fract_transf_vector[1]      0.927128 
_atom_sites.fract_transf_vector[2]      0.441485 
_atom_sites.fract_transf_vector[3]      0.460850 
# 
loop_
_atom_type.symbol 
C 
N 
O 
S 
# 
loop_
_atom_site.group_PDB 
_atom_site.id 
_atom_site.type_symbol 
_atom_site.label_atom_id 
_atom_site.label_alt_id 
_atom_site.label_comp_id 
_atom_site.label_asym_id 
_atom_site.label_entity_id 
_atom_site.label_seq_id 
_atom_site.pdbx_PDB_ins_code 
_atom_site.Cartn_x 
_atom_site.Cartn_y 
_atom_site.Cartn_z 
_atom_site.occupancy 
_atom_site.B_iso_or_equiv 
_atom_site.pdbx_formal_charge 
_atom_site.auth_seq_id 
_atom_site.auth_comp_id 
_atom_site.auth_asym_id 
_atom_site.auth_atom_id 
_atom_site.pdbx_PDB_model_num 
ATOM   1    N N   . MET A 1 2  ? -11.384 -19.423 -30.372 1.00 69.31 ? 355  MET A N   1 
ATOM   2    C CA  . MET A 1 2  ? -12.607 -20.170 -30.802 1.00 69.41 ? 355  MET A CA  1 
ATOM   3    C C   . MET A 1 2  ? -13.310 -20.695 -29.567 1.00 68.86 ? 355  MET A C   1 
ATOM   4    O O   . MET A 1 2  ? -14.521 -20.547 -29.392 1.00 69.15 ? 355  MET A O   1 
ATOM   5    C CB  . MET A 1 2  ? -12.233 -21.334 -31.726 1.00 69.90 ? 355  MET A CB  1 
ATOM   6    C CG  . MET A 1 2  ? -10.853 -21.922 -31.477 1.00 71.49 ? 355  MET A CG  1 
ATOM   7    S SD  . MET A 1 2  ? -9.592  -20.741 -31.950 1.00 75.64 ? 355  MET A SD  1 
ATOM   8    C CE  . MET A 1 2  ? -8.099  -21.668 -31.641 1.00 75.42 ? 355  MET A CE  1 
ATOM   9    N N   . LYS A 1 3  ? -12.497 -21.332 -28.737 1.00 68.02 ? 356  LYS A N   1 
ATOM   10   C CA  . LYS A 1 3  ? -12.850 -21.884 -27.448 1.00 66.78 ? 356  LYS A CA  1 
ATOM   11   C C   . LYS A 1 3  ? -11.594 -21.478 -26.681 1.00 65.36 ? 356  LYS A C   1 
ATOM   12   O O   . LYS A 1 3  ? -11.602 -21.325 -25.453 1.00 65.34 ? 356  LYS A O   1 
ATOM   13   C CB  . LYS A 1 3  ? -12.987 -23.413 -27.543 1.00 67.25 ? 356  LYS A CB  1 
ATOM   14   C CG  . LYS A 1 3  ? -12.492 -24.192 -26.329 1.00 68.21 ? 356  LYS A CG  1 
ATOM   15   C CD  . LYS A 1 3  ? -13.327 -23.927 -25.073 1.00 70.03 ? 356  LYS A CD  1 
ATOM   16   C CE  . LYS A 1 3  ? -12.623 -24.505 -23.860 1.00 70.91 ? 356  LYS A CE  1 
ATOM   17   N NZ  . LYS A 1 3  ? -11.768 -25.669 -24.270 1.00 71.66 ? 356  LYS A NZ  1 
ATOM   18   N N   . GLN A 1 4  ? -10.516 -21.266 -27.441 1.00 63.21 ? 357  GLN A N   1 
ATOM   19   C CA  . GLN A 1 4  ? -9.277  -20.762 -26.867 1.00 61.07 ? 357  GLN A CA  1 
ATOM   20   C C   . GLN A 1 4  ? -9.532  -19.337 -26.348 1.00 58.88 ? 357  GLN A C   1 
ATOM   21   O O   . GLN A 1 4  ? -9.080  -18.971 -25.255 1.00 58.60 ? 357  GLN A O   1 
ATOM   22   C CB  . GLN A 1 4  ? -8.126  -20.781 -27.883 1.00 61.51 ? 357  GLN A CB  1 
ATOM   23   C CG  . GLN A 1 4  ? -6.748  -20.714 -27.203 1.00 63.72 ? 357  GLN A CG  1 
ATOM   24   C CD  . GLN A 1 4  ? -5.559  -20.564 -28.158 1.00 66.91 ? 357  GLN A CD  1 
ATOM   25   O OE1 . GLN A 1 4  ? -5.694  -20.713 -29.380 1.00 67.89 ? 357  GLN A OE1 1 
ATOM   26   N NE2 . GLN A 1 4  ? -4.382  -20.280 -27.592 1.00 67.95 ? 357  GLN A NE2 1 
ATOM   27   N N   . LEU A 1 5  ? -10.263 -18.546 -27.136 1.00 55.68 ? 358  LEU A N   1 
ATOM   28   C CA  . LEU A 1 5  ? -10.645 -17.197 -26.735 1.00 52.80 ? 358  LEU A CA  1 
ATOM   29   C C   . LEU A 1 5  ? -11.490 -17.240 -25.462 1.00 50.58 ? 358  LEU A C   1 
ATOM   30   O O   . LEU A 1 5  ? -11.365 -16.357 -24.600 1.00 48.99 ? 358  LEU A O   1 
ATOM   31   C CB  . LEU A 1 5  ? -11.434 -16.490 -27.839 1.00 53.27 ? 358  LEU A CB  1 
ATOM   32   C CG  . LEU A 1 5  ? -10.688 -15.846 -29.011 1.00 54.05 ? 358  LEU A CG  1 
ATOM   33   C CD1 . LEU A 1 5  ? -11.655 -15.595 -30.171 1.00 54.65 ? 358  LEU A CD1 1 
ATOM   34   C CD2 . LEU A 1 5  ? -9.982  -14.561 -28.581 1.00 54.01 ? 358  LEU A CD2 1 
ATOM   35   N N   . GLU A 1 6  ? -12.356 -18.254 -25.349 1.00 47.21 ? 359  GLU A N   1 
ATOM   36   C CA  . GLU A 1 6  ? -13.167 -18.382 -24.156 1.00 44.63 ? 359  GLU A CA  1 
ATOM   37   C C   . GLU A 1 6  ? -12.247 -18.704 -22.982 1.00 42.85 ? 359  GLU A C   1 
ATOM   38   O O   . GLU A 1 6  ? -12.403 -18.151 -21.899 1.00 41.26 ? 359  GLU A O   1 
ATOM   39   C CB  . GLU A 1 6  ? -14.223 -19.482 -24.304 1.00 45.02 ? 359  GLU A CB  1 
ATOM   40   C CG  . GLU A 1 6  ? -15.114 -19.372 -25.538 1.00 46.62 ? 359  GLU A CG  1 
ATOM   41   C CD  . GLU A 1 6  ? -16.281 -20.359 -25.491 1.00 48.96 ? 359  GLU A CD  1 
ATOM   42   O OE1 . GLU A 1 6  ? -16.077 -21.511 -25.048 1.00 47.67 ? 359  GLU A OE1 1 
ATOM   43   O OE2 . GLU A 1 6  ? -17.416 -19.970 -25.860 1.00 46.79 ? 359  GLU A OE2 1 
ATOM   44   N N   . ASP A 1 7  ? -11.302 -19.612 -23.204 1.00 40.35 ? 360  ASP A N   1 
ATOM   45   C CA  . ASP A 1 7  ? -10.395 -20.007 -22.162 1.00 39.23 ? 360  ASP A CA  1 
ATOM   46   C C   . ASP A 1 7  ? -9.587  -18.802 -21.707 1.00 37.98 ? 360  ASP A C   1 
ATOM   47   O O   . ASP A 1 7  ? -9.348  -18.646 -20.521 1.00 37.19 ? 360  ASP A O   1 
ATOM   48   C CB  . ASP A 1 7  ? -9.445  -21.101 -22.651 1.00 39.60 ? 360  ASP A CB  1 
ATOM   49   C CG  . ASP A 1 7  ? -10.056 -22.485 -22.570 1.00 42.12 ? 360  ASP A CG  1 
ATOM   50   O OD1 . ASP A 1 7  ? -11.217 -22.549 -22.093 1.00 42.73 ? 360  ASP A OD1 1 
ATOM   51   O OD2 . ASP A 1 7  ? -9.461  -23.529 -22.930 1.00 42.55 ? 360  ASP A OD2 1 
ATOM   52   N N   . LYS A 1 8  ? -9.162  -17.965 -22.648 1.00 36.74 ? 361  LYS A N   1 
ATOM   53   C CA  . LYS A 1 8  ? -8.338  -16.789 -22.309 1.00 36.15 ? 361  LYS A CA  1 
ATOM   54   C C   . LYS A 1 8  ? -9.158  -15.765 -21.538 1.00 34.74 ? 361  LYS A C   1 
ATOM   55   O O   . LYS A 1 8  ? -8.677  -15.167 -20.567 1.00 34.85 ? 361  LYS A O   1 
ATOM   56   C CB  . LYS A 1 8  ? -7.756  -16.138 -23.576 1.00 36.87 ? 361  LYS A CB  1 
ATOM   57   C CG  . LYS A 1 8  ? -7.006  -14.838 -23.341 1.00 38.51 ? 361  LYS A CG  1 
ATOM   58   C CD  . LYS A 1 8  ? -5.738  -15.073 -22.547 1.00 39.85 ? 361  LYS A CD  1 
ATOM   59   C CE  . LYS A 1 8  ? -4.945  -16.237 -23.122 1.00 44.48 ? 361  LYS A CE  1 
ATOM   60   N NZ  . LYS A 1 8  ? -3.744  -16.464 -22.262 1.00 48.24 ? 361  LYS A NZ  1 
ATOM   61   N N   . VAL A 1 9  ? -10.384 -15.556 -21.984 1.00 31.57 ? 362  VAL A N   1 
ATOM   62   C CA  . VAL A 1 9  ? -11.296 -14.664 -21.286 1.00 30.33 ? 362  VAL A CA  1 
ATOM   63   C C   . VAL A 1 9  ? -11.502 -15.133 -19.821 1.00 29.38 ? 362  VAL A C   1 
ATOM   64   O O   . VAL A 1 9  ? -11.469 -14.309 -18.888 1.00 27.81 ? 362  VAL A O   1 
ATOM   65   C CB  . VAL A 1 9  ? -12.635 -14.530 -22.019 1.00 29.85 ? 362  VAL A CB  1 
ATOM   66   C CG1 . VAL A 1 9  ? -13.652 -13.814 -21.173 1.00 27.94 ? 362  VAL A CG1 1 
ATOM   67   C CG2 . VAL A 1 9  ? -12.456 -13.756 -23.320 1.00 29.64 ? 362  VAL A CG2 1 
ATOM   68   N N   . GLU A 1 10 ? -11.686 -16.449 -19.628 1.00 27.89 ? 363  GLU A N   1 
ATOM   69   C CA  . GLU A 1 10 ? -11.888 -17.031 -18.297 1.00 26.69 ? 363  GLU A CA  1 
ATOM   70   C C   . GLU A 1 10 ? -10.644 -16.807 -17.469 1.00 25.53 ? 363  GLU A C   1 
ATOM   71   O O   . GLU A 1 10 ? -10.732 -16.345 -16.331 1.00 23.53 ? 363  GLU A O   1 
ATOM   72   C CB  . GLU A 1 10 ? -12.198 -18.555 -18.373 1.00 27.75 ? 363  GLU A CB  1 
ATOM   73   C CG  . GLU A 1 10 ? -12.567 -19.197 -17.027 1.00 31.99 ? 363  GLU A CG  1 
ATOM   74   C CD  . GLU A 1 10 ? -12.786 -20.713 -17.097 1.00 38.65 ? 363  GLU A CD  1 
ATOM   75   O OE1 . GLU A 1 10 ? -12.021 -21.395 -17.828 1.00 41.99 ? 363  GLU A OE1 1 
ATOM   76   O OE2 . GLU A 1 10 ? -13.703 -21.217 -16.413 1.00 40.27 ? 363  GLU A OE2 1 
ATOM   77   N N   . GLU A 1 11 ? -9.489  -17.097 -18.067 1.00 24.03 ? 364  GLU A N   1 
ATOM   78   C CA  . GLU A 1 11 ? -8.203  -16.971 -17.391 1.00 25.39 ? 364  GLU A CA  1 
ATOM   79   C C   . GLU A 1 11 ? -7.980  -15.536 -16.900 1.00 23.56 ? 364  GLU A C   1 
ATOM   80   O O   . GLU A 1 11 ? -7.511  -15.322 -15.794 1.00 21.93 ? 364  GLU A O   1 
ATOM   81   C CB  . GLU A 1 11 ? -7.046  -17.311 -18.362 1.00 26.27 ? 364  GLU A CB  1 
ATOM   82   C CG  . GLU A 1 11 ? -5.629  -17.182 -17.758 1.00 30.85 ? 364  GLU A CG  1 
ATOM   83   C CD  . GLU A 1 11 ? -4.490  -17.275 -18.803 1.00 38.23 ? 364  GLU A CD  1 
ATOM   84   O OE1 . GLU A 1 11 ? -4.747  -17.654 -19.965 1.00 42.28 ? 364  GLU A OE1 1 
ATOM   85   O OE2 . GLU A 1 11 ? -3.328  -16.951 -18.467 1.00 43.02 ? 364  GLU A OE2 1 
ATOM   86   N N   . LEU A 1 12 ? -8.236  -14.569 -17.768 1.00 22.39 ? 365  LEU A N   1 
ATOM   87   C CA  . LEU A 1 12 ? -7.999  -13.172 -17.439 1.00 22.25 ? 365  LEU A CA  1 
ATOM   88   C C   . LEU A 1 12 ? -8.968  -12.626 -16.420 1.00 21.36 ? 365  LEU A C   1 
ATOM   89   O O   . LEU A 1 12 ? -8.573  -11.862 -15.523 1.00 21.16 ? 365  LEU A O   1 
ATOM   90   C CB  . LEU A 1 12 ? -8.035  -12.321 -18.710 1.00 20.87 ? 365  LEU A CB  1 
ATOM   91   C CG  . LEU A 1 12 ? -6.835  -12.512 -19.631 1.00 24.62 ? 365  LEU A CG  1 
ATOM   92   C CD1 . LEU A 1 12 ? -7.036  -11.801 -20.965 1.00 25.08 ? 365  LEU A CD1 1 
ATOM   93   C CD2 . LEU A 1 12 ? -5.562  -12.033 -18.933 1.00 26.34 ? 365  LEU A CD2 1 
ATOM   94   N N   . LEU A 1 13 ? -10.243 -12.979 -16.544 1.00 19.58 ? 366  LEU A N   1 
ATOM   95   C CA  . LEU A 1 13 ? -11.192 -12.504 -15.562 1.00 20.37 ? 366  LEU A CA  1 
ATOM   96   C C   . LEU A 1 13 ? -10.762 -13.080 -14.207 1.00 19.27 ? 366  LEU A C   1 
ATOM   97   O O   . LEU A 1 13 ? -10.883 -12.404 -13.185 1.00 17.73 ? 366  LEU A O   1 
ATOM   98   C CB  . LEU A 1 13 ? -12.627 -12.973 -15.873 1.00 19.66 ? 366  LEU A CB  1 
ATOM   99   C CG  . LEU A 1 13 ? -13.339 -12.263 -17.040 1.00 20.73 ? 366  LEU A CG  1 
ATOM   100  C CD1 . LEU A 1 13 ? -14.575 -13.102 -17.472 1.00 19.70 ? 366  LEU A CD1 1 
ATOM   101  C CD2 . LEU A 1 13 ? -13.750 -10.838 -16.604 1.00 19.92 ? 366  LEU A CD2 1 
ATOM   102  N N   . SER A 1 14 ? -10.296 -14.323 -14.218 1.00 20.23 ? 367  SER A N   1 
ATOM   103  C CA  . SER A 1 14 ? -9.858  -14.977 -12.957 1.00 20.29 ? 367  SER A CA  1 
ATOM   104  C C   . SER A 1 14 ? -8.585  -14.330 -12.362 1.00 19.44 ? 367  SER A C   1 
ATOM   105  O O   . SER A 1 14 ? -8.546  -14.005 -11.189 1.00 18.07 ? 367  SER A O   1 
ATOM   106  C CB  . SER A 1 14 ? -9.613  -16.475 -13.187 1.00 21.53 ? 367  SER A CB  1 
ATOM   107  O OG  . SER A 1 14 ? -10.852 -17.169 -13.230 1.00 26.33 ? 367  SER A OG  1 
ATOM   108  N N   . LYS A 1 15 ? -7.551  -14.153 -13.187 1.00 19.08 ? 368  LYS A N   1 
ATOM   109  C CA  . LYS A 1 15 ? -6.340  -13.477 -12.727 1.00 18.25 ? 368  LYS A CA  1 
ATOM   110  C C   . LYS A 1 15 ? -6.658  -12.084 -12.221 1.00 17.89 ? 368  LYS A C   1 
ATOM   111  O O   . LYS A 1 15 ? -6.110  -11.661 -11.191 1.00 15.69 ? 368  LYS A O   1 
ATOM   112  C CB  . LYS A 1 15 ? -5.284  -13.384 -13.844 1.00 19.72 ? 368  LYS A CB  1 
ATOM   113  C CG  . LYS A 1 15 ? -4.647  -14.714 -14.117 1.00 24.17 ? 368  LYS A CG  1 
ATOM   114  C CD  . LYS A 1 15 ? -3.528  -14.590 -15.155 1.00 32.55 ? 368  LYS A CD  1 
ATOM   115  C CE  . LYS A 1 15 ? -2.789  -15.920 -15.256 1.00 35.59 ? 368  LYS A CE  1 
ATOM   116  N NZ  . LYS A 1 15 ? -1.874  -15.959 -16.445 1.00 40.43 ? 368  LYS A NZ  1 
ATOM   117  N N   . ASN A 1 16 ? -7.475  -11.327 -12.975 1.00 16.65 ? 369  ASN A N   1 
ATOM   118  C CA  . ASN A 1 16 ? -7.852  -9.962  -12.544 1.00 17.52 ? 369  ASN A CA  1 
ATOM   119  C C   . ASN A 1 16 ? -8.587  -9.918  -11.213 1.00 17.19 ? 369  ASN A C   1 
ATOM   120  O O   . ASN A 1 16 ? -8.385  -9.001  -10.404 1.00 16.57 ? 369  ASN A O   1 
ATOM   121  C CB  . ASN A 1 16 ? -8.694  -9.203  -13.609 1.00 17.50 ? 369  ASN A CB  1 
ATOM   122  C CG  . ASN A 1 16 ? -7.882  -8.847  -14.845 1.00 19.41 ? 369  ASN A CG  1 
ATOM   123  O OD1 . ASN A 1 16 ? -6.672  -9.044  -14.887 1.00 18.78 ? 369  ASN A OD1 1 
ATOM   124  N ND2 . ASN A 1 16 ? -8.576  -8.405  -15.911 1.00 19.88 ? 369  ASN A ND2 1 
ATOM   125  N N   . TYR A 1 17 ? -9.525  -10.855 -11.029 1.00 16.71 ? 370  TYR A N   1 
ATOM   126  C CA  . TYR A 1 17 ? -10.255 -10.957 -9.749  1.00 15.49 ? 370  TYR A CA  1 
ATOM   127  C C   . TYR A 1 17 ? -9.226  -11.108 -8.575  1.00 15.12 ? 370  TYR A C   1 
ATOM   128  O O   . TYR A 1 17 ? -9.305  -10.375 -7.540  1.00 14.32 ? 370  TYR A O   1 
ATOM   129  C CB  . TYR A 1 17 ? -11.161 -12.191 -9.809  1.00 15.67 ? 370  TYR A CB  1 
ATOM   130  C CG  . TYR A 1 17 ? -11.874 -12.481 -8.529  1.00 14.77 ? 370  TYR A CG  1 
ATOM   131  C CD1 . TYR A 1 17 ? -12.801 -11.596 -8.058  1.00 14.78 ? 370  TYR A CD1 1 
ATOM   132  C CD2 . TYR A 1 17 ? -11.616 -13.667 -7.809  1.00 16.63 ? 370  TYR A CD2 1 
ATOM   133  C CE1 . TYR A 1 17 ? -13.487 -11.820 -6.868  1.00 17.43 ? 370  TYR A CE1 1 
ATOM   134  C CE2 . TYR A 1 17 ? -12.292 -13.910 -6.586  1.00 15.05 ? 370  TYR A CE2 1 
ATOM   135  C CZ  . TYR A 1 17 ? -13.247 -12.977 -6.148  1.00 15.10 ? 370  TYR A CZ  1 
ATOM   136  O OH  . TYR A 1 17 ? -13.950 -13.161 -4.976  1.00 17.93 ? 370  TYR A OH  1 
ATOM   137  N N   . HIS A 1 18 ? -8.269  -12.019 -8.743  1.00 14.08 ? 371  HIS A N   1 
ATOM   138  C CA  . HIS A 1 18 ? -7.308  -12.236 -7.657  1.00 15.50 ? 371  HIS A CA  1 
ATOM   139  C C   . HIS A 1 18 ? -6.383  -11.037 -7.466  1.00 15.73 ? 371  HIS A C   1 
ATOM   140  O O   . HIS A 1 18 ? -6.019  -10.733 -6.353  1.00 14.50 ? 371  HIS A O   1 
ATOM   141  C CB  . HIS A 1 18 ? -6.540  -13.538 -7.823  1.00 15.05 ? 371  HIS A CB  1 
ATOM   142  C CG  . HIS A 1 18 ? -7.425  -14.733 -7.613  1.00 18.84 ? 371  HIS A CG  1 
ATOM   143  N ND1 . HIS A 1 18 ? -7.954  -15.075 -6.386  1.00 19.41 ? 371  HIS A ND1 1 
ATOM   144  C CD2 . HIS A 1 18 ? -7.899  -15.645 -8.494  1.00 18.54 ? 371  HIS A CD2 1 
ATOM   145  C CE1 . HIS A 1 18 ? -8.691  -16.164 -6.518  1.00 22.73 ? 371  HIS A CE1 1 
ATOM   146  N NE2 . HIS A 1 18 ? -8.673  -16.531 -7.787  1.00 19.68 ? 371  HIS A NE2 1 
ATOM   147  N N   . LEU A 1 19 ? -5.988  -10.386 -8.561  1.00 14.68 ? 372  LEU A N   1 
ATOM   148  C CA  . LEU A 1 19 ? -5.213  -9.144  -8.420  1.00 15.24 ? 372  LEU A CA  1 
ATOM   149  C C   . LEU A 1 19 ? -6.013  -8.047  -7.712  1.00 14.13 ? 372  LEU A C   1 
ATOM   150  O O   . LEU A 1 19 ? -5.477  -7.316  -6.842  1.00 13.40 ? 372  LEU A O   1 
ATOM   151  C CB  . LEU A 1 19 ? -4.703  -8.662  -9.794  1.00 14.86 ? 372  LEU A CB  1 
ATOM   152  C CG  . LEU A 1 19 ? -3.696  -9.625  -10.418 1.00 16.45 ? 372  LEU A CG  1 
ATOM   153  C CD1 . LEU A 1 19 ? -3.533  -9.354  -11.917 1.00 19.00 ? 372  LEU A CD1 1 
ATOM   154  C CD2 . LEU A 1 19 ? -2.366  -9.440  -9.636  1.00 19.99 ? 372  LEU A CD2 1 
ATOM   155  N N   . GLU A 1 20 ? -7.295  -7.890  -8.045  1.00 12.96 ? 373  GLU A N   1 
ATOM   156  C CA  . GLU A 1 20 ? -8.131  -6.949  -7.289  1.00 12.64 ? 373  GLU A CA  1 
ATOM   157  C C   . GLU A 1 20 ? -8.168  -7.265  -5.786  1.00 13.07 ? 373  GLU A C   1 
ATOM   158  O O   . GLU A 1 20 ? -8.149  -6.328  -4.946  1.00 14.25 ? 373  GLU A O   1 
ATOM   159  C CB  . GLU A 1 20 ? -9.606  -7.002  -7.757  1.00 14.31 ? 373  GLU A CB  1 
ATOM   160  C CG  . GLU A 1 20 ? -9.816  -6.379  -9.141  1.00 17.61 ? 373  GLU A CG  1 
ATOM   161  C CD  . GLU A 1 20 ? -11.224 -6.666  -9.724  1.00 21.39 ? 373  GLU A CD  1 
ATOM   162  O OE1 . GLU A 1 20 ? -11.964 -7.560  -9.255  1.00 18.47 ? 373  GLU A OE1 1 
ATOM   163  O OE2 . GLU A 1 20 ? -11.577 -5.965  -10.670 1.00 21.07 ? 373  GLU A OE2 1 
ATOM   164  N N   . ASN A 1 21 ? -8.295  -8.534  -5.449  1.00 12.29 ? 374  ASN A N   1 
ATOM   165  C CA  . ASN A 1 21 ? -8.336  -8.936  -4.021  1.00 13.68 ? 374  ASN A CA  1 
ATOM   166  C C   . ASN A 1 21 ? -7.031  -8.497  -3.314  1.00 12.30 ? 374  ASN A C   1 
ATOM   167  O O   . ASN A 1 21 ? -7.040  -8.069  -2.148  1.00 13.66 ? 374  ASN A O   1 
ATOM   168  C CB  . ASN A 1 21 ? -8.482  -10.450 -3.900  1.00 12.49 ? 374  ASN A CB  1 
ATOM   169  C CG  . ASN A 1 21 ? -9.791  -10.958 -4.465  1.00 13.97 ? 374  ASN A CG  1 
ATOM   170  O OD1 . ASN A 1 21 ? -10.709 -10.161 -4.700  1.00 14.07 ? 374  ASN A OD1 1 
ATOM   171  N ND2 . ASN A 1 21 ? -9.885  -12.266 -4.698  1.00 13.75 ? 374  ASN A ND2 1 
ATOM   172  N N   . GLU A 1 22 ? -5.941  -8.665  -4.033  1.00 13.96 ? 375  GLU A N   1 
ATOM   173  C CA  . GLU A 1 22 ? -4.597  -8.275  -3.534  1.00 13.36 ? 375  GLU A CA  1 
ATOM   174  C C   . GLU A 1 22 ? -4.486  -6.761  -3.406  1.00 14.77 ? 375  GLU A C   1 
ATOM   175  O O   . GLU A 1 22 ? -4.034  -6.223  -2.368  1.00 14.29 ? 375  GLU A O   1 
ATOM   176  C CB  . GLU A 1 22 ? -3.499  -8.837  -4.434  1.00 13.62 ? 375  GLU A CB  1 
ATOM   177  C CG  . GLU A 1 22 ? -2.074  -8.520  -3.865  1.00 15.17 ? 375  GLU A CG  1 
ATOM   178  C CD  . GLU A 1 22 ? -0.918  -9.233  -4.596  1.00 17.22 ? 375  GLU A CD  1 
ATOM   179  O OE1 . GLU A 1 22 ? -1.122  -9.913  -5.638  1.00 17.76 ? 375  GLU A OE1 1 
ATOM   180  O OE2 . GLU A 1 22 ? 0.226   -9.125  -4.105  1.00 20.08 ? 375  GLU A OE2 1 
ATOM   181  N N   . VAL A 1 23 ? -4.942  -6.052  -4.431  1.00 13.17 ? 376  VAL A N   1 
ATOM   182  C CA  . VAL A 1 23 ? -5.010  -4.596  -4.334  1.00 14.37 ? 376  VAL A CA  1 
ATOM   183  C C   . VAL A 1 23 ? -5.796  -4.137  -3.095  1.00 15.07 ? 376  VAL A C   1 
ATOM   184  O O   . VAL A 1 23 ? -5.324  -3.256  -2.349  1.00 15.15 ? 376  VAL A O   1 
ATOM   185  C CB  . VAL A 1 23 ? -5.619  -3.945  -5.605  1.00 12.61 ? 376  VAL A CB  1 
ATOM   186  C CG1 . VAL A 1 23 ? -5.963  -2.489  -5.311  1.00 11.98 ? 376  VAL A CG1 1 
ATOM   187  C CG2 . VAL A 1 23 ? -4.662  -4.065  -6.809  1.00 16.00 ? 376  VAL A CG2 1 
ATOM   188  N N   . ALA A 1 24 ? -6.962  -4.731  -2.833  1.00 15.21 ? 377  ALA A N   1 
ATOM   189  C CA  . ALA A 1 24 ? -7.729  -4.366  -1.658  1.00 14.64 ? 377  ALA A CA  1 
ATOM   190  C C   . ALA A 1 24 ? -6.963  -4.661  -0.357  1.00 15.31 ? 377  ALA A C   1 
ATOM   191  O O   . ALA A 1 24 ? -6.989  -3.849  0.576   1.00 14.59 ? 377  ALA A O   1 
ATOM   192  C CB  . ALA A 1 24 ? -9.086  -5.116  -1.630  1.00 16.10 ? 377  ALA A CB  1 
ATOM   193  N N   . ARG A 1 25 ? -6.311  -5.812  -0.292  1.00 14.47 ? 378  ARG A N   1 
ATOM   194  C CA  . ARG A 1 25 ? -5.508  -6.145  0.914   1.00 14.78 ? 378  ARG A CA  1 
ATOM   195  C C   . ARG A 1 25 ? -4.391  -5.094  1.185   1.00 14.37 ? 378  ARG A C   1 
ATOM   196  O O   . ARG A 1 25 ? -4.208  -4.600  2.322   1.00 14.22 ? 378  ARG A O   1 
ATOM   197  C CB  . ARG A 1 25 ? -4.885  -7.539  0.763   1.00 12.92 ? 378  ARG A CB  1 
ATOM   198  C CG  . ARG A 1 25 ? -4.150  -8.003  2.057   1.00 14.42 ? 378  ARG A CG  1 
ATOM   199  C CD  . ARG A 1 25 ? -5.159  -8.428  3.099   1.00 15.35 ? 378  ARG A CD  1 
ATOM   200  N NE  . ARG A 1 25 ? -4.612  -8.935  4.355   1.00 18.21 ? 378  ARG A NE  1 
ATOM   201  C CZ  . ARG A 1 25 ? -4.207  -10.169 4.594   1.00 16.87 ? 378  ARG A CZ  1 
ATOM   202  N NH1 . ARG A 1 25 ? -4.134  -11.096 3.611   1.00 14.83 ? 378  ARG A NH1 1 
ATOM   203  N NH2 . ARG A 1 25 ? -3.778  -10.478 5.812   1.00 18.50 ? 378  ARG A NH2 1 
ATOM   204  N N   . LEU A 1 26 ? -3.662  -4.758  0.122   1.00 14.82 ? 379  LEU A N   1 
ATOM   205  C CA  . LEU A 1 26 ? -2.569  -3.798  0.200   1.00 15.16 ? 379  LEU A CA  1 
ATOM   206  C C   . LEU A 1 26 ? -3.069  -2.423  0.610   1.00 16.46 ? 379  LEU A C   1 
ATOM   207  O O   . LEU A 1 26 ? -2.460  -1.762  1.447   1.00 16.57 ? 379  LEU A O   1 
ATOM   208  C CB  . LEU A 1 26 ? -1.810  -3.737  -1.131  1.00 15.03 ? 379  LEU A CB  1 
ATOM   209  C CG  . LEU A 1 26 ? -0.944  -4.964  -1.442  1.00 16.18 ? 379  LEU A CG  1 
ATOM   210  C CD1 . LEU A 1 26 ? -0.439  -4.992  -2.865  1.00 16.77 ? 379  LEU A CD1 1 
ATOM   211  C CD2 . LEU A 1 26 ? 0.232   -4.983  -0.457  1.00 17.27 ? 379  LEU A CD2 1 
ATOM   212  N N   . LYS A 1 27 ? -4.185  -1.992  0.029   1.00 16.00 ? 380  LYS A N   1 
ATOM   213  C CA  . LYS A 1 27 ? -4.748  -0.706  0.415   1.00 17.09 ? 380  LYS A CA  1 
ATOM   214  C C   . LYS A 1 27 ? -5.177  -0.713  1.860   1.00 17.87 ? 380  LYS A C   1 
ATOM   215  O O   . LYS A 1 27 ? -4.996  0.307   2.560   1.00 19.60 ? 380  LYS A O   1 
ATOM   216  C CB  . LYS A 1 27 ? -5.919  -0.320  -0.468  1.00 17.15 ? 380  LYS A CB  1 
ATOM   217  C CG  . LYS A 1 27 ? -5.539  0.144   -1.861  1.00 16.90 ? 380  LYS A CG  1 
ATOM   218  C CD  . LYS A 1 27 ? -6.852  0.372   -2.636  1.00 21.99 ? 380  LYS A CD  1 
ATOM   219  C CE  . LYS A 1 27 ? -6.591  0.681   -4.095  1.00 28.65 ? 380  LYS A CE  1 
ATOM   220  N NZ  . LYS A 1 27 ? -7.879  1.142   -4.767  1.00 31.35 ? 380  LYS A NZ  1 
ATOM   221  N N   . LYS A 1 28 ? -5.634  -1.836  2.409   1.00 17.65 ? 381  LYS A N   1 
ATOM   222  C CA  . LYS A 1 28 ? -5.964  -1.868  3.842   1.00 19.57 ? 381  LYS A CA  1 
ATOM   223  C C   . LYS A 1 28 ? -4.665  -1.775  4.695   1.00 19.86 ? 381  LYS A C   1 
ATOM   224  O O   . LYS A 1 28 ? -4.601  -1.058  5.706   1.00 19.19 ? 381  LYS A O   1 
ATOM   225  C CB  . LYS A 1 28 ? -6.683  -3.185  4.207   1.00 20.13 ? 381  LYS A CB  1 
ATOM   226  C CG  . LYS A 1 28 ? -7.113  -3.266  5.666   1.00 25.93 ? 381  LYS A CG  1 
ATOM   227  C CD  . LYS A 1 28 ? -7.777  -4.648  5.958   1.00 32.00 ? 381  LYS A CD  1 
ATOM   228  C CE  . LYS A 1 28 ? -8.206  -4.718  7.427   1.00 38.56 ? 381  LYS A CE  1 
ATOM   229  N NZ  . LYS A 1 28 ? -7.087  -4.298  8.346   1.00 38.81 ? 381  LYS A NZ  1 
ATOM   230  N N   . LEU A 1 29 ? -3.655  -2.527  4.293   1.00 19.57 ? 382  LEU A N   1 
ATOM   231  C CA  . LEU A 1 29 ? -2.375  -2.431  4.991   1.00 20.25 ? 382  LEU A CA  1 
ATOM   232  C C   . LEU A 1 29 ? -1.834  -1.006  4.961   1.00 20.07 ? 382  LEU A C   1 
ATOM   233  O O   . LEU A 1 29 ? -1.299  -0.505  6.012   1.00 19.48 ? 382  LEU A O   1 
ATOM   234  C CB  . LEU A 1 29 ? -1.365  -3.375  4.364   1.00 20.25 ? 382  LEU A CB  1 
ATOM   235  C CG  . LEU A 1 29 ? -1.636  -4.874  4.320   1.00 25.99 ? 382  LEU A CG  1 
ATOM   236  C CD1 . LEU A 1 29 ? -0.300  -5.619  4.023   1.00 32.83 ? 382  LEU A CD1 1 
ATOM   237  C CD2 . LEU A 1 29 ? -2.226  -5.379  5.589   1.00 32.56 ? 382  LEU A CD2 1 
ATOM   238  N N   . VAL A 1 30 ? -1.932  -0.341  3.811   1.00 19.36 ? 383  VAL A N   1 
ATOM   239  C CA  . VAL A 1 30 ? -1.455  1.040   3.702   1.00 19.36 ? 383  VAL A CA  1 
ATOM   240  C C   . VAL A 1 30 ? -2.217  1.965   4.682   1.00 20.49 ? 383  VAL A C   1 
ATOM   241  O O   . VAL A 1 30 ? -1.624  2.802   5.420   1.00 19.30 ? 383  VAL A O   1 
ATOM   242  C CB  . VAL A 1 30 ? -1.616  1.555   2.265   1.00 19.67 ? 383  VAL A CB  1 
ATOM   243  C CG1 . VAL A 1 30 ? -1.539  3.068   2.228   1.00 21.32 ? 383  VAL A CG1 1 
ATOM   244  C CG2 . VAL A 1 30 ? -0.549  0.942   1.364   1.00 18.83 ? 383  VAL A CG2 1 
ATOM   245  N N   . GLY A 1 31 ? -3.532  1.814   4.704   1.00 20.38 ? 384  GLY A N   1 
ATOM   246  C CA  . GLY A 1 31 ? -4.371  2.597   5.586   1.00 21.15 ? 384  GLY A CA  1 
ATOM   247  C C   . GLY A 1 31 ? -3.979  2.324   7.010   1.00 20.61 ? 384  GLY A C   1 
ATOM   248  O O   . GLY A 1 31 ? -3.880  3.250   7.826   1.00 19.95 ? 384  GLY A O   1 
ATOM   249  N N   . ASP A 1 32 ? -3.729  1.058   7.334   1.00 20.45 ? 385  ASP A N   1 
ATOM   250  C CA  . ASP A 1 32 ? -3.296  0.751   8.705   1.00 21.13 ? 385  ASP A CA  1 
ATOM   251  C C   . ASP A 1 32 ? -1.945  1.398   9.092   1.00 21.49 ? 385  ASP A C   1 
ATOM   252  O O   . ASP A 1 32 ? -1.774  1.917   10.184  1.00 20.83 ? 385  ASP A O   1 
ATOM   253  C CB  . ASP A 1 32 ? -3.242  -0.751  8.953   1.00 21.16 ? 385  ASP A CB  1 
ATOM   254  C CG  . ASP A 1 32 ? -4.658  -1.387  8.961   1.00 24.59 ? 385  ASP A CG  1 
ATOM   255  O OD1 . ASP A 1 32 ? -5.664  -0.649  9.009   1.00 27.38 ? 385  ASP A OD1 1 
ATOM   256  O OD2 . ASP A 1 32 ? -4.830  -2.594  8.861   1.00 27.03 ? 385  ASP A OD2 1 
ATOM   257  N N   . LEU A 1 33 ? -1.005  1.360   8.151   1.00 20.15 ? 386  LEU A N   1 
ATOM   258  C CA  . LEU A 1 33 ? 0.309   1.955   8.374   1.00 20.61 ? 386  LEU A CA  1 
ATOM   259  C C   . LEU A 1 33 ? 0.212   3.461   8.433   1.00 20.93 ? 386  LEU A C   1 
ATOM   260  O O   . LEU A 1 33 ? 0.973   4.143   9.169   1.00 21.11 ? 386  LEU A O   1 
ATOM   261  C CB  . LEU A 1 33 ? 1.301   1.507   7.290   1.00 19.75 ? 386  LEU A CB  1 
ATOM   262  C CG  . LEU A 1 33 ? 1.845   0.086   7.478   1.00 20.60 ? 386  LEU A CG  1 
ATOM   263  C CD1 . LEU A 1 33 ? 2.537   -0.387  6.161   1.00 20.51 ? 386  LEU A CD1 1 
ATOM   264  C CD2 . LEU A 1 33 ? 2.838   0.008   8.650   1.00 24.15 ? 386  LEU A CD2 1 
ATOM   265  N N   . LEU A 1 34 ? -0.693  4.026   7.654   1.00 20.12 ? 387  LEU A N   1 
ATOM   266  C CA  . LEU A 1 34 ? -0.859  5.464   7.704   1.00 21.18 ? 387  LEU A CA  1 
ATOM   267  C C   . LEU A 1 34 ? -1.402  5.881   9.070   1.00 22.49 ? 387  LEU A C   1 
ATOM   268  O O   . LEU A 1 34 ? -1.040  6.947   9.569   1.00 22.99 ? 387  LEU A O   1 
ATOM   269  C CB  . LEU A 1 34 ? -1.787  5.996   6.565   1.00 21.07 ? 387  LEU A CB  1 
ATOM   270  C CG  . LEU A 1 34 ? -1.047  6.046   5.215   1.00 21.52 ? 387  LEU A CG  1 
ATOM   271  C CD1 . LEU A 1 34 ? -2.009  6.399   4.041   1.00 25.94 ? 387  LEU A CD1 1 
ATOM   272  C CD2 . LEU A 1 34 ? 0.192   6.954   5.256   1.00 21.11 ? 387  LEU A CD2 1 
ATOM   273  N N   . ASN A 1 35 ? -2.247  5.077   9.682   1.00 23.08 ? 388  ASN A N   1 
ATOM   274  C CA  . ASN A 1 35 ? -2.785  5.430   10.993  1.00 24.34 ? 388  ASN A CA  1 
ATOM   275  C C   . ASN A 1 35 ? -1.712  5.263   12.088  1.00 24.68 ? 388  ASN A C   1 
ATOM   276  O O   . ASN A 1 35 ? -1.639  6.052   13.037  1.00 24.83 ? 388  ASN A O   1 
ATOM   277  C CB  . ASN A 1 35 ? -4.012  4.579   11.349  1.00 25.50 ? 388  ASN A CB  1 
ATOM   278  C CG  . ASN A 1 35 ? -5.216  4.843   10.426  1.00 30.00 ? 388  ASN A CG  1 
ATOM   279  O OD1 . ASN A 1 35 ? -5.350  5.935   9.875   1.00 34.25 ? 388  ASN A OD1 1 
ATOM   280  N ND2 . ASN A 1 35 ? -6.113  3.852   10.299  1.00 30.17 ? 388  ASN A ND2 1 
ATOM   281  N N   . VAL A 1 36 ? -0.886  4.237   11.957  1.00 23.34 ? 389  VAL A N   1 
ATOM   282  C CA  . VAL A 1 36 ? 0.199   4.042   12.912  1.00 23.68 ? 389  VAL A CA  1 
ATOM   283  C C   . VAL A 1 36 ? 1.120   5.249   12.796  1.00 23.82 ? 389  VAL A C   1 
ATOM   284  O O   . VAL A 1 36 ? 1.582   5.790   13.812  1.00 25.10 ? 389  VAL A O   1 
ATOM   285  C CB  . VAL A 1 36 ? 0.926   2.724   12.585  1.00 23.00 ? 389  VAL A CB  1 
ATOM   286  C CG1 . VAL A 1 36 ? 2.309   2.697   13.209  1.00 25.46 ? 389  VAL A CG1 1 
ATOM   287  C CG2 . VAL A 1 36 ? 0.083   1.536   13.056  1.00 24.94 ? 389  VAL A CG2 1 
ATOM   288  N N   . LYS A 1 37 ? 1.430   5.676   11.576  1.00 23.21 ? 390  LYS A N   1 
ATOM   289  C CA  . LYS A 1 37 ? 2.259   6.871   11.381  1.00 22.70 ? 390  LYS A CA  1 
ATOM   290  C C   . LYS A 1 37 ? 1.672   8.157   12.022  1.00 23.54 ? 390  LYS A C   1 
ATOM   291  O O   . LYS A 1 37 ? 2.407   8.927   12.639  1.00 22.28 ? 390  LYS A O   1 
ATOM   292  C CB  . LYS A 1 37 ? 2.538   7.123   9.882   1.00 23.02 ? 390  LYS A CB  1 
ATOM   293  C CG  . LYS A 1 37 ? 3.498   8.315   9.623   1.00 21.13 ? 390  LYS A CG  1 
ATOM   294  C CD  . LYS A 1 37 ? 3.756   8.557   8.099   1.00 23.02 ? 390  LYS A CD  1 
ATOM   295  C CE  . LYS A 1 37 ? 4.465   9.926   7.736   1.00 21.58 ? 390  LYS A CE  1 
ATOM   296  N NZ  . LYS A 1 37 ? 3.672   11.100  8.156   1.00 22.67 ? 390  LYS A NZ  1 
ATOM   297  N N   . MET A 1 38 ? 0.384   8.381   11.875  1.00 23.77 ? 391  MET A N   1 
ATOM   298  C CA  . MET A 1 38 ? -0.236  9.569   12.440  1.00 26.45 ? 391  MET A CA  1 
ATOM   299  C C   . MET A 1 38 ? -0.072  9.567   13.968  1.00 24.96 ? 391  MET A C   1 
ATOM   300  O O   . MET A 1 38 ? 0.235   10.614  14.552  1.00 25.15 ? 391  MET A O   1 
ATOM   301  C CB  . MET A 1 38 ? -1.702  9.610   12.049  1.00 27.46 ? 391  MET A CB  1 
ATOM   302  C CG  . MET A 1 38 ? -2.427  10.882  12.449  1.00 35.88 ? 391  MET A CG  1 
ATOM   303  S SD  . MET A 1 38 ? -3.967  11.186  11.492  1.00 52.14 ? 391  MET A SD  1 
ATOM   304  C CE  . MET A 1 38 ? -4.556  9.486   11.250  1.00 43.00 ? 391  MET A CE  1 
ATOM   305  N N   . ALA A 1 39 ? -0.298  8.421   14.623  1.00 24.26 ? 392  ALA A N   1 
ATOM   306  C CA  . ALA A 1 39 ? -0.102  8.380   16.091  1.00 23.12 ? 392  ALA A CA  1 
ATOM   307  C C   . ALA A 1 39 ? 1.345   8.639   16.468  1.00 22.28 ? 392  ALA A C   1 
ATOM   308  O O   . ALA A 1 39 ? 1.624   9.367   17.423  1.00 23.04 ? 392  ALA A O   1 
ATOM   309  C CB  . ALA A 1 39 ? -0.581  7.082   16.733  1.00 23.49 ? 392  ALA A CB  1 
ATOM   310  N N   . LEU A 1 40 ? 2.288   8.003   15.772  1.00 19.86 ? 393  LEU A N   1 
ATOM   311  C CA  . LEU A 1 40 ? 3.667   8.273   16.070  1.00 18.82 ? 393  LEU A CA  1 
ATOM   312  C C   . LEU A 1 40 ? 4.080   9.703   15.822  1.00 19.25 ? 393  LEU A C   1 
ATOM   313  O O   . LEU A 1 40 ? 4.834   10.268  16.625  1.00 19.64 ? 393  LEU A O   1 
ATOM   314  C CB  . LEU A 1 40 ? 4.635   7.324   15.336  1.00 18.32 ? 393  LEU A CB  1 
ATOM   315  C CG  . LEU A 1 40 ? 4.364   5.842   15.505  1.00 19.96 ? 393  LEU A CG  1 
ATOM   316  C CD1 . LEU A 1 40 ? 5.284   5.054   14.579  1.00 20.14 ? 393  LEU A CD1 1 
ATOM   317  C CD2 . LEU A 1 40 ? 4.669   5.448   16.945  1.00 21.25 ? 393  LEU A CD2 1 
ATOM   318  N N   . ASP A 1 41 ? 3.580   10.294  14.738  1.00 18.10 ? 394  ASP A N   1 
ATOM   319  C CA  . ASP A 1 41 ? 3.935   11.657  14.403  1.00 20.41 ? 394  ASP A CA  1 
ATOM   320  C C   . ASP A 1 41 ? 3.475   12.630  15.496  1.00 19.96 ? 394  ASP A C   1 
ATOM   321  O O   . ASP A 1 41 ? 4.222   13.553  15.852  1.00 20.43 ? 394  ASP A O   1 
ATOM   322  C CB  . ASP A 1 41 ? 3.277   12.099  13.093  1.00 21.05 ? 394  ASP A CB  1 
ATOM   323  C CG  . ASP A 1 41 ? 4.036   11.615  11.852  1.00 22.81 ? 394  ASP A CG  1 
ATOM   324  O OD1 . ASP A 1 41 ? 5.245   11.258  11.902  1.00 20.23 ? 394  ASP A OD1 1 
ATOM   325  O OD2 . ASP A 1 41 ? 3.466   11.637  10.754  1.00 24.28 ? 394  ASP A OD2 1 
ATOM   326  N N   . ILE A 1 42 ? 2.248   12.457  15.991  1.00 20.34 ? 395  ILE A N   1 
ATOM   327  C CA  . ILE A 1 42 ? 1.794   13.406  17.009  1.00 21.72 ? 395  ILE A CA  1 
ATOM   328  C C   . ILE A 1 42 ? 2.577   13.287  18.316  1.00 21.19 ? 395  ILE A C   1 
ATOM   329  O O   . ILE A 1 42 ? 2.837   14.321  18.974  1.00 20.05 ? 395  ILE A O   1 
ATOM   330  C CB  . ILE A 1 42 ? 0.337   13.259  17.303  1.00 23.26 ? 395  ILE A CB  1 
ATOM   331  C CG1 . ILE A 1 42 ? -0.442  13.467  16.024  1.00 27.94 ? 395  ILE A CG1 1 
ATOM   332  C CG2 . ILE A 1 42 ? -0.083  14.330  18.345  1.00 24.77 ? 395  ILE A CG2 1 
ATOM   333  C CD1 . ILE A 1 42 ? -1.935  13.225  16.172  1.00 34.25 ? 395  ILE A CD1 1 
ATOM   334  N N   . GLU A 1 43 ? 2.992   12.066  18.666  1.00 20.44 ? 396  GLU A N   1 
ATOM   335  C CA  . GLU A 1 43 ? 3.809   11.852  19.874  1.00 21.68 ? 396  GLU A CA  1 
ATOM   336  C C   . GLU A 1 43 ? 5.152   12.542  19.697  1.00 22.52 ? 396  GLU A C   1 
ATOM   337  O O   . GLU A 1 43 ? 5.592   13.321  20.561  1.00 19.86 ? 396  GLU A O   1 
ATOM   338  C CB  . GLU A 1 43 ? 3.935   10.365  20.226  1.00 22.49 ? 396  GLU A CB  1 
ATOM   339  C CG  . GLU A 1 43 ? 4.791   10.108  21.475  1.00 24.42 ? 396  GLU A CG  1 
ATOM   340  C CD  . GLU A 1 43 ? 4.851   8.652   21.928  1.00 30.59 ? 396  GLU A CD  1 
ATOM   341  O OE1 . GLU A 1 43 ? 4.194   7.795   21.308  1.00 30.22 ? 396  GLU A OE1 1 
ATOM   342  O OE2 . GLU A 1 43 ? 5.593   8.381   22.894  1.00 26.90 ? 396  GLU A OE2 1 
ATOM   343  N N   . ILE A 1 44 ? 5.812   12.316  18.550  1.00 21.02 ? 397  ILE A N   1 
ATOM   344  C CA  . ILE A 1 44 ? 7.091   12.971  18.343  1.00 21.54 ? 397  ILE A CA  1 
ATOM   345  C C   . ILE A 1 44 ? 6.960   14.503  18.289  1.00 19.74 ? 397  ILE A C   1 
ATOM   346  O O   . ILE A 1 44 ? 7.795   15.217  18.859  1.00 20.37 ? 397  ILE A O   1 
ATOM   347  C CB  . ILE A 1 44 ? 7.721   12.443  17.032  1.00 22.11 ? 397  ILE A CB  1 
ATOM   348  C CG1 . ILE A 1 44 ? 8.223   11.031  17.230  1.00 24.37 ? 397  ILE A CG1 1 
ATOM   349  C CG2 . ILE A 1 44 ? 8.785   13.398  16.506  1.00 24.07 ? 397  ILE A CG2 1 
ATOM   350  C CD1 . ILE A 1 44 ? 8.297   10.251  15.826  1.00 29.65 ? 397  ILE A CD1 1 
ATOM   351  N N   . ALA A 1 45 ? 5.930   15.006  17.621  1.00 19.44 ? 398  ALA A N   1 
ATOM   352  C CA  . ALA A 1 45 ? 5.716   16.442  17.514  1.00 19.33 ? 398  ALA A CA  1 
ATOM   353  C C   . ALA A 1 45 ? 5.488   17.052  18.912  1.00 19.34 ? 398  ALA A C   1 
ATOM   354  O O   . ALA A 1 45 ? 5.904   18.169  19.189  1.00 18.32 ? 398  ALA A O   1 
ATOM   355  C CB  . ALA A 1 45 ? 4.546   16.765  16.632  1.00 18.53 ? 398  ALA A CB  1 
ATOM   356  N N   . THR A 1 46 ? 4.827   16.305  19.764  1.00 18.34 ? 399  THR A N   1 
ATOM   357  C CA  . THR A 1 46 ? 4.563   16.800  21.119  1.00 18.68 ? 399  THR A CA  1 
ATOM   358  C C   . THR A 1 46 ? 5.843   16.856  21.937  1.00 18.48 ? 399  THR A C   1 
ATOM   359  O O   . THR A 1 46 ? 6.060   17.812  22.683  1.00 19.47 ? 399  THR A O   1 
ATOM   360  C CB  . THR A 1 46 ? 3.481   15.946  21.793  1.00 18.66 ? 399  THR A CB  1 
ATOM   361  O OG1 . THR A 1 46 ? 2.281   16.025  20.988  1.00 19.98 ? 399  THR A OG1 1 
ATOM   362  C CG2 . THR A 1 46 ? 3.067   16.561  23.151  1.00 16.74 ? 399  THR A CG2 1 
ATOM   363  N N   . TYR A 1 47 ? 6.690   15.844  21.836  1.00 17.75 ? 400  TYR A N   1 
ATOM   364  C CA  . TYR A 1 47 ? 7.958   15.897  22.563  1.00 19.62 ? 400  TYR A CA  1 
ATOM   365  C C   . TYR A 1 47 ? 8.811   17.055  22.070  1.00 21.10 ? 400  TYR A C   1 
ATOM   366  O O   . TYR A 1 47 ? 9.448   17.751  22.872  1.00 22.51 ? 400  TYR A O   1 
ATOM   367  C CB  . TYR A 1 47 ? 8.731   14.603  22.405  1.00 18.72 ? 400  TYR A CB  1 
ATOM   368  C CG  . TYR A 1 47 ? 8.090   13.407  23.058  1.00 21.93 ? 400  TYR A CG  1 
ATOM   369  C CD1 . TYR A 1 47 ? 7.434   13.516  24.256  1.00 22.20 ? 400  TYR A CD1 1 
ATOM   370  C CD2 . TYR A 1 47 ? 8.159   12.133  22.453  1.00 22.38 ? 400  TYR A CD2 1 
ATOM   371  C CE1 . TYR A 1 47 ? 6.837   12.394  24.855  1.00 25.48 ? 400  TYR A CE1 1 
ATOM   372  C CE2 . TYR A 1 47 ? 7.603   11.017  23.051  1.00 23.74 ? 400  TYR A CE2 1 
ATOM   373  C CZ  . TYR A 1 47 ? 6.883   11.165  24.225  1.00 24.79 ? 400  TYR A CZ  1 
ATOM   374  O OH  . TYR A 1 47 ? 6.313   10.046  24.816  1.00 26.02 ? 400  TYR A OH  1 
ATOM   375  N N   . ARG A 1 48 ? 8.858   17.253  20.746  1.00 20.24 ? 401  ARG A N   1 
ATOM   376  C CA  . ARG A 1 48 ? 9.615   18.374  20.164  1.00 20.84 ? 401  ARG A CA  1 
ATOM   377  C C   . ARG A 1 48 ? 9.091   19.694  20.742  1.00 20.56 ? 401  ARG A C   1 
ATOM   378  O O   . ARG A 1 48 ? 9.851   20.635  21.017  1.00 20.97 ? 401  ARG A O   1 
ATOM   379  C CB  . ARG A 1 48 ? 9.564   18.372  18.620  1.00 21.68 ? 401  ARG A CB  1 
ATOM   380  C CG  . ARG A 1 48 ? 10.362  17.176  18.091  1.00 26.54 ? 401  ARG A CG  1 
ATOM   381  C CD  . ARG A 1 48 ? 10.741  17.122  16.613  1.00 30.11 ? 401  ARG A CD  1 
ATOM   382  N NE  . ARG A 1 48 ? 11.618  15.954  16.421  1.00 29.80 ? 401  ARG A NE  1 
ATOM   383  C CZ  . ARG A 1 48 ? 11.495  15.093  15.403  1.00 34.05 ? 401  ARG A CZ  1 
ATOM   384  N NH1 . ARG A 1 48 ? 10.528  15.267  14.497  1.00 29.85 ? 401  ARG A NH1 1 
ATOM   385  N NH2 . ARG A 1 48 ? 12.323  14.061  15.300  1.00 34.53 ? 401  ARG A NH2 1 
ATOM   386  N N   . LYS A 1 49 ? 7.790   19.757  20.926  1.00 20.03 ? 402  LYS A N   1 
ATOM   387  C CA  . LYS A 1 49 ? 7.240   20.974  21.451  1.00 20.44 ? 402  LYS A CA  1 
ATOM   388  C C   . LYS A 1 49 ? 7.590   21.165  22.935  1.00 19.03 ? 402  LYS A C   1 
ATOM   389  O O   . LYS A 1 49 ? 8.116   22.216  23.349  1.00 17.96 ? 402  LYS A O   1 
ATOM   390  C CB  . LYS A 1 49 ? 5.724   21.006  21.270  1.00 20.81 ? 402  LYS A CB  1 
ATOM   391  C CG  . LYS A 1 49 ? 5.116   22.357  21.498  1.00 28.59 ? 402  LYS A CG  1 
ATOM   392  C CD  . LYS A 1 49 ? 3.614   22.260  21.489  1.00 36.06 ? 402  LYS A CD  1 
ATOM   393  C CE  . LYS A 1 49 ? 3.007   22.685  20.164  1.00 43.26 ? 402  LYS A CE  1 
ATOM   394  N NZ  . LYS A 1 49 ? 1.918   23.719  20.558  1.00 49.36 ? 402  LYS A NZ  1 
ATOM   395  N N   . LEU A 1 50 ? 7.326   20.125  23.724  1.00 17.57 ? 403  LEU A N   1 
ATOM   396  C CA  . LEU A 1 50 ? 7.541   20.212  25.171  1.00 17.16 ? 403  LEU A CA  1 
ATOM   397  C C   . LEU A 1 50 ? 9.001   20.390  25.564  1.00 17.77 ? 403  LEU A C   1 
ATOM   398  O O   . LEU A 1 50 ? 9.309   21.193  26.473  1.00 18.40 ? 403  LEU A O   1 
ATOM   399  C CB  . LEU A 1 50 ? 7.019   18.945  25.821  1.00 17.85 ? 403  LEU A CB  1 
ATOM   400  C CG  . LEU A 1 50 ? 5.520   18.714  25.780  1.00 18.30 ? 403  LEU A CG  1 
ATOM   401  C CD1 . LEU A 1 50 ? 5.253   17.243  26.232  1.00 18.00 ? 403  LEU A CD1 1 
ATOM   402  C CD2 . LEU A 1 50 ? 4.821   19.759  26.695  1.00 22.91 ? 403  LEU A CD2 1 
ATOM   403  N N   . LEU A 1 51 ? 9.898   19.635  24.866  1.00 17.29 ? 404  LEU A N   1 
ATOM   404  C CA  . LEU A 1 51 ? 11.300  19.558  25.263  1.00 17.79 ? 404  LEU A CA  1 
ATOM   405  C C   . LEU A 1 51 ? 12.213  20.495  24.502  1.00 18.63 ? 404  LEU A C   1 
ATOM   406  O O   . LEU A 1 51 ? 13.217  20.921  25.016  1.00 17.31 ? 404  LEU A O   1 
ATOM   407  C CB  . LEU A 1 51 ? 11.823  18.111  25.065  1.00 18.44 ? 404  LEU A CB  1 
ATOM   408  C CG  . LEU A 1 51 ? 10.882  17.037  25.645  1.00 22.12 ? 404  LEU A CG  1 
ATOM   409  C CD1 . LEU A 1 51 ? 11.548  15.671  25.486  1.00 23.17 ? 404  LEU A CD1 1 
ATOM   410  C CD2 . LEU A 1 51 ? 10.552  17.302  27.086  1.00 24.16 ? 404  LEU A CD2 1 
ATOM   411  N N   . GLU A 1 52 ? 11.824  20.843  23.288  1.00 18.80 ? 405  GLU A N   1 
ATOM   412  C CA  . GLU A 1 52 ? 12.713  21.626  22.445  1.00 18.71 ? 405  GLU A CA  1 
ATOM   413  C C   . GLU A 1 52 ? 12.144  22.976  22.047  1.00 19.96 ? 405  GLU A C   1 
ATOM   414  O O   . GLU A 1 52 ? 12.848  23.794  21.478  1.00 20.29 ? 405  GLU A O   1 
ATOM   415  C CB  . GLU A 1 52 ? 13.029  20.847  21.163  1.00 19.59 ? 405  GLU A CB  1 
ATOM   416  C CG  . GLU A 1 52 ? 13.823  19.566  21.355  1.00 20.62 ? 405  GLU A CG  1 
ATOM   417  C CD  . GLU A 1 52 ? 13.908  18.774  20.035  1.00 26.04 ? 405  GLU A CD  1 
ATOM   418  O OE1 . GLU A 1 52 ? 14.491  19.309  19.070  1.00 27.80 ? 405  GLU A OE1 1 
ATOM   419  O OE2 . GLU A 1 52 ? 13.459  17.625  20.062  1.00 26.31 ? 405  GLU A OE2 1 
ATOM   420  N N   . GLY A 1 53 ? 10.888  23.231  22.381  1.00 19.87 ? 406  GLY A N   1 
ATOM   421  C CA  . GLY A 1 53 ? 10.294  24.509  22.045  1.00 25.32 ? 406  GLY A CA  1 
ATOM   422  C C   . GLY A 1 53 ? 9.908   24.589  20.556  1.00 29.95 ? 406  GLY A C   1 
ATOM   423  O O   . GLY A 1 53 ? 9.658   25.714  20.069  1.00 30.06 ? 406  GLY A O   1 
ATOM   424  N N   . GLU A 1 54 ? 9.922   23.433  19.886  1.00 32.72 ? 407  GLU A N   1 
ATOM   425  C CA  . GLU A 1 54 ? 9.564   23.311  18.455  1.00 40.09 ? 407  GLU A CA  1 
ATOM   426  C C   . GLU A 1 54 ? 8.067   23.259  18.210  1.00 43.31 ? 407  GLU A C   1 
ATOM   427  O O   . GLU A 1 54 ? 7.398   22.335  18.666  1.00 43.57 ? 407  GLU A O   1 
ATOM   428  C CB  . GLU A 1 54 ? 10.088  22.003  17.850  1.00 40.31 ? 407  GLU A CB  1 
ATOM   429  C CG  . GLU A 1 54 ? 11.371  22.080  17.055  1.00 45.95 ? 407  GLU A CG  1 
ATOM   430  C CD  . GLU A 1 54 ? 11.280  21.213  15.801  1.00 50.74 ? 407  GLU A CD  1 
ATOM   431  O OE1 . GLU A 1 54 ? 10.654  21.671  14.825  1.00 53.42 ? 407  GLU A OE1 1 
ATOM   432  O OE2 . GLU A 1 54 ? 11.807  20.073  15.792  1.00 53.83 ? 407  GLU A OE2 1 
ATOM   433  N N   . GLU A 1 55 ? 7.541   24.245  17.505  1.00 47.85 ? 408  GLU A N   1 
ATOM   434  C CA  . GLU A 1 55 ? 6.172   24.142  17.006  1.00 52.21 ? 408  GLU A CA  1 
ATOM   435  C C   . GLU A 1 55 ? 6.327   23.757  15.545  1.00 54.28 ? 408  GLU A C   1 
ATOM   436  O O   . GLU A 1 55 ? 7.236   24.265  14.882  1.00 55.05 ? 408  GLU A O   1 
ATOM   437  C CB  . GLU A 1 55 ? 5.453   25.483  17.114  1.00 52.62 ? 408  GLU A CB  1 
ATOM   438  C CG  . GLU A 1 55 ? 5.739   26.222  18.418  1.00 55.32 ? 408  GLU A CG  1 
ATOM   439  C CD  . GLU A 1 55 ? 4.634   26.099  19.458  1.00 58.65 ? 408  GLU A CD  1 
ATOM   440  O OE1 . GLU A 1 55 ? 3.521   26.608  19.203  1.00 60.41 ? 408  GLU A OE1 1 
ATOM   441  O OE2 . GLU A 1 55 ? 4.892   25.537  20.557  1.00 60.30 ? 408  GLU A OE2 1 
ATOM   442  N N   . SER A 1 56 ? 5.469   22.861  15.050  1.00 57.17 ? 409  SER A N   1 
ATOM   443  C CA  . SER A 1 56 ? 5.473   22.402  13.634  1.00 59.39 ? 409  SER A CA  1 
ATOM   444  C C   . SER A 1 56 ? 5.821   23.477  12.584  1.00 60.39 ? 409  SER A C   1 
ATOM   445  O O   . SER A 1 56 ? 5.385   23.451  11.427  1.00 61.07 ? 409  SER A O   1 
ATOM   446  C CB  . SER A 1 56 ? 4.121   21.777  13.270  1.00 59.47 ? 409  SER A CB  1 
ATOM   447  O OG  . SER A 1 56 ? 3.102   22.763  13.235  1.00 61.23 ? 409  SER A OG  1 
ATOM   448  N N   . MET B 1 2  ? -15.499 -14.545 -34.350 1.00 66.18 ? 355  MET B N   1 
ATOM   449  C CA  . MET B 1 2  ? -15.762 -14.417 -32.882 1.00 66.32 ? 355  MET B CA  1 
ATOM   450  C C   . MET B 1 2  ? -14.976 -13.265 -32.245 1.00 65.76 ? 355  MET B C   1 
ATOM   451  O O   . MET B 1 2  ? -14.190 -13.437 -31.291 1.00 66.37 ? 355  MET B O   1 
ATOM   452  C CB  . MET B 1 2  ? -15.490 -15.739 -32.183 1.00 66.39 ? 355  MET B CB  1 
ATOM   453  C CG  . MET B 1 2  ? -14.568 -16.640 -32.961 1.00 68.07 ? 355  MET B CG  1 
ATOM   454  S SD  . MET B 1 2  ? -14.153 -18.110 -32.022 1.00 72.15 ? 355  MET B SD  1 
ATOM   455  C CE  . MET B 1 2  ? -15.696 -18.396 -31.159 1.00 71.30 ? 355  MET B CE  1 
ATOM   456  N N   . LYS B 1 3  ? -15.242 -12.078 -32.778 1.00 64.66 ? 356  LYS B N   1 
ATOM   457  C CA  . LYS B 1 3  ? -14.581 -10.842 -32.388 1.00 62.81 ? 356  LYS B CA  1 
ATOM   458  C C   . LYS B 1 3  ? -14.948 -10.316 -30.997 1.00 61.10 ? 356  LYS B C   1 
ATOM   459  O O   . LYS B 1 3  ? -14.057 -10.014 -30.200 1.00 61.20 ? 356  LYS B O   1 
ATOM   460  C CB  . LYS B 1 3  ? -14.857 -9.787  -33.472 1.00 63.31 ? 356  LYS B CB  1 
ATOM   461  C CG  . LYS B 1 3  ? -15.283 -8.416  -32.984 1.00 64.36 ? 356  LYS B CG  1 
ATOM   462  C CD  . LYS B 1 3  ? -14.676 -7.346  -33.873 1.00 66.99 ? 356  LYS B CD  1 
ATOM   463  C CE  . LYS B 1 3  ? -15.006 -5.955  -33.359 1.00 68.50 ? 356  LYS B CE  1 
ATOM   464  N NZ  . LYS B 1 3  ? -13.846 -5.037  -33.538 1.00 69.04 ? 356  LYS B NZ  1 
ATOM   465  N N   . GLN B 1 4  ? -16.242 -10.190 -30.703 1.00 58.44 ? 357  GLN B N   1 
ATOM   466  C CA  . GLN B 1 4  ? -16.652 -9.726  -29.378 1.00 55.80 ? 357  GLN B CA  1 
ATOM   467  C C   . GLN B 1 4  ? -15.722 -10.326 -28.313 1.00 53.52 ? 357  GLN B C   1 
ATOM   468  O O   . GLN B 1 4  ? -15.373 -9.682  -27.312 1.00 52.26 ? 357  GLN B O   1 
ATOM   469  C CB  . GLN B 1 4  ? -18.108 -10.095 -29.105 1.00 56.40 ? 357  GLN B CB  1 
ATOM   470  C CG  . GLN B 1 4  ? -18.882 -9.058  -28.314 1.00 58.29 ? 357  GLN B CG  1 
ATOM   471  C CD  . GLN B 1 4  ? -18.305 -7.662  -28.443 1.00 61.96 ? 357  GLN B CD  1 
ATOM   472  O OE1 . GLN B 1 4  ? -17.644 -7.343  -29.432 1.00 65.93 ? 357  GLN B OE1 1 
ATOM   473  N NE2 . GLN B 1 4  ? -18.518 -6.834  -27.418 1.00 62.85 ? 357  GLN B NE2 1 
ATOM   474  N N   . LEU B 1 5  ? -15.325 -11.571 -28.563 1.00 50.76 ? 358  LEU B N   1 
ATOM   475  C CA  . LEU B 1 5  ? -14.389 -12.298 -27.727 1.00 48.84 ? 358  LEU B CA  1 
ATOM   476  C C   . LEU B 1 5  ? -13.012 -11.652 -27.806 1.00 47.91 ? 358  LEU B C   1 
ATOM   477  O O   . LEU B 1 5  ? -12.330 -11.516 -26.795 1.00 46.88 ? 358  LEU B O   1 
ATOM   478  C CB  . LEU B 1 5  ? -14.312 -13.775 -28.126 1.00 48.55 ? 358  LEU B CB  1 
ATOM   479  C CG  . LEU B 1 5  ? -15.480 -14.655 -27.654 1.00 48.81 ? 358  LEU B CG  1 
ATOM   480  C CD1 . LEU B 1 5  ? -15.433 -16.014 -28.325 1.00 47.39 ? 358  LEU B CD1 1 
ATOM   481  C CD2 . LEU B 1 5  ? -15.478 -14.812 -26.144 1.00 47.52 ? 358  LEU B CD2 1 
ATOM   482  N N   . GLU B 1 6  ? -12.612 -11.240 -29.007 1.00 46.18 ? 359  GLU B N   1 
ATOM   483  C CA  . GLU B 1 6  ? -11.308 -10.618 -29.188 1.00 45.46 ? 359  GLU B CA  1 
ATOM   484  C C   . GLU B 1 6  ? -11.189 -9.274  -28.485 1.00 43.49 ? 359  GLU B C   1 
ATOM   485  O O   . GLU B 1 6  ? -10.177 -8.998  -27.837 1.00 42.56 ? 359  GLU B O   1 
ATOM   486  C CB  . GLU B 1 6  ? -11.002 -10.491 -30.671 1.00 46.21 ? 359  GLU B CB  1 
ATOM   487  C CG  . GLU B 1 6  ? -10.964 -11.861 -31.318 1.00 51.28 ? 359  GLU B CG  1 
ATOM   488  C CD  . GLU B 1 6  ? -11.038 -11.794 -32.821 1.00 58.96 ? 359  GLU B CD  1 
ATOM   489  O OE1 . GLU B 1 6  ? -10.496 -10.818 -33.384 1.00 60.82 ? 359  GLU B OE1 1 
ATOM   490  O OE2 . GLU B 1 6  ? -11.638 -12.709 -33.431 1.00 61.12 ? 359  GLU B OE2 1 
ATOM   491  N N   . ASP B 1 7  ? -12.221 -8.448  -28.618 1.00 41.54 ? 360  ASP B N   1 
ATOM   492  C CA  . ASP B 1 7  ? -12.251 -7.146  -27.968 1.00 40.61 ? 360  ASP B CA  1 
ATOM   493  C C   . ASP B 1 7  ? -12.249 -7.351  -26.445 1.00 39.23 ? 360  ASP B C   1 
ATOM   494  O O   . ASP B 1 7  ? -11.661 -6.576  -25.706 1.00 37.42 ? 360  ASP B O   1 
ATOM   495  C CB  . ASP B 1 7  ? -13.496 -6.343  -28.396 1.00 40.99 ? 360  ASP B CB  1 
ATOM   496  C CG  . ASP B 1 7  ? -13.439 -5.862  -29.869 1.00 43.18 ? 360  ASP B CG  1 
ATOM   497  O OD1 . ASP B 1 7  ? -12.479 -6.175  -30.605 1.00 44.68 ? 360  ASP B OD1 1 
ATOM   498  O OD2 . ASP B 1 7  ? -14.331 -5.145  -30.368 1.00 45.04 ? 360  ASP B OD2 1 
ATOM   499  N N   . LYS B 1 8  ? -12.919 -8.398  -25.981 1.00 37.62 ? 361  LYS B N   1 
ATOM   500  C CA  . LYS B 1 8  ? -13.004 -8.639  -24.552 1.00 36.23 ? 361  LYS B CA  1 
ATOM   501  C C   . LYS B 1 8  ? -11.635 -9.031  -24.055 1.00 35.25 ? 361  LYS B C   1 
ATOM   502  O O   . LYS B 1 8  ? -11.204 -8.634  -22.956 1.00 34.39 ? 361  LYS B O   1 
ATOM   503  C CB  . LYS B 1 8  ? -13.996 -9.758  -24.251 1.00 36.61 ? 361  LYS B CB  1 
ATOM   504  C CG  . LYS B 1 8  ? -14.440 -9.803  -22.808 1.00 36.46 ? 361  LYS B CG  1 
ATOM   505  C CD  . LYS B 1 8  ? -14.542 -8.388  -22.273 1.00 37.43 ? 361  LYS B CD  1 
ATOM   506  C CE  . LYS B 1 8  ? -15.914 -8.103  -21.709 1.00 38.73 ? 361  LYS B CE  1 
ATOM   507  N NZ  . LYS B 1 8  ? -15.946 -6.854  -20.895 1.00 36.75 ? 361  LYS B NZ  1 
ATOM   508  N N   . VAL B 1 9  ? -10.943 -9.839  -24.839 1.00 33.66 ? 362  VAL B N   1 
ATOM   509  C CA  . VAL B 1 9  ? -9.631  -10.249 -24.388 1.00 33.36 ? 362  VAL B CA  1 
ATOM   510  C C   . VAL B 1 9  ? -8.702  -9.073  -24.332 1.00 33.63 ? 362  VAL B C   1 
ATOM   511  O O   . VAL B 1 9  ? -7.898  -8.995  -23.387 1.00 31.70 ? 362  VAL B O   1 
ATOM   512  C CB  . VAL B 1 9  ? -8.959  -11.377 -25.215 1.00 33.25 ? 362  VAL B CB  1 
ATOM   513  C CG1 . VAL B 1 9  ? -7.444  -11.578 -24.798 1.00 33.86 ? 362  VAL B CG1 1 
ATOM   514  C CG2 . VAL B 1 9  ? -9.702  -12.672 -25.008 1.00 33.45 ? 362  VAL B CG2 1 
ATOM   515  N N   . GLU B 1 10 ? -8.744  -8.182  -25.321 1.00 33.07 ? 363  GLU B N   1 
ATOM   516  C CA  . GLU B 1 10 ? -7.776  -7.079  -25.285 1.00 32.57 ? 363  GLU B CA  1 
ATOM   517  C C   . GLU B 1 10 ? -8.128  -6.134  -24.147 1.00 30.45 ? 363  GLU B C   1 
ATOM   518  O O   . GLU B 1 10 ? -7.230  -5.586  -23.519 1.00 29.91 ? 363  GLU B O   1 
ATOM   519  C CB  . GLU B 1 10 ? -7.660  -6.336  -26.633 1.00 34.03 ? 363  GLU B CB  1 
ATOM   520  C CG  . GLU B 1 10 ? -6.318  -5.610  -26.819 1.00 39.61 ? 363  GLU B CG  1 
ATOM   521  C CD  . GLU B 1 10 ? -5.135  -6.533  -27.125 1.00 47.50 ? 363  GLU B CD  1 
ATOM   522  O OE1 . GLU B 1 10 ? -5.333  -7.550  -27.838 1.00 52.27 ? 363  GLU B OE1 1 
ATOM   523  O OE2 . GLU B 1 10 ? -3.992  -6.237  -26.674 1.00 49.95 ? 363  GLU B OE2 1 
ATOM   524  N N   . GLU B 1 11 ? -9.419  -5.957  -23.896 1.00 28.37 ? 364  GLU B N   1 
ATOM   525  C CA  . GLU B 1 11 ? -9.887  -5.137  -22.805 1.00 29.23 ? 364  GLU B CA  1 
ATOM   526  C C   . GLU B 1 11 ? -9.328  -5.709  -21.487 1.00 28.33 ? 364  GLU B C   1 
ATOM   527  O O   . GLU B 1 11 ? -8.816  -4.971  -20.668 1.00 26.27 ? 364  GLU B O   1 
ATOM   528  C CB  . GLU B 1 11 ? -11.397 -5.152  -22.717 1.00 30.13 ? 364  GLU B CB  1 
ATOM   529  C CG  . GLU B 1 11 ? -11.944 -4.255  -21.613 1.00 32.85 ? 364  GLU B CG  1 
ATOM   530  C CD  . GLU B 1 11 ? -13.419 -4.478  -21.341 1.00 40.95 ? 364  GLU B CD  1 
ATOM   531  O OE1 . GLU B 1 11 ? -14.035 -5.332  -22.013 1.00 45.86 ? 364  GLU B OE1 1 
ATOM   532  O OE2 . GLU B 1 11 ? -13.980 -3.780  -20.469 1.00 45.81 ? 364  GLU B OE2 1 
ATOM   533  N N   . LEU B 1 12 ? -9.462  -7.021  -21.304 1.00 26.61 ? 365  LEU B N   1 
ATOM   534  C CA  . LEU B 1 12 ? -8.951  -7.722  -20.104 1.00 25.40 ? 365  LEU B CA  1 
ATOM   535  C C   . LEU B 1 12 ? -7.432  -7.719  -19.915 1.00 25.82 ? 365  LEU B C   1 
ATOM   536  O O   . LEU B 1 12 ? -6.923  -7.689  -18.775 1.00 23.21 ? 365  LEU B O   1 
ATOM   537  C CB  . LEU B 1 12 ? -9.512  -9.148  -20.049 1.00 25.32 ? 365  LEU B CB  1 
ATOM   538  C CG  . LEU B 1 12 ? -11.035 -9.151  -19.884 1.00 23.22 ? 365  LEU B CG  1 
ATOM   539  C CD1 . LEU B 1 12 ? -11.634 -10.558 -19.864 1.00 24.06 ? 365  LEU B CD1 1 
ATOM   540  C CD2 . LEU B 1 12 ? -11.477 -8.354  -18.683 1.00 28.33 ? 365  LEU B CD2 1 
ATOM   541  N N   . LEU B 1 13 ? -6.667  -7.863  -20.995 1.00 24.90 ? 366  LEU B N   1 
ATOM   542  C CA  . LEU B 1 13 ? -5.224  -7.751  -20.929 1.00 26.18 ? 366  LEU B CA  1 
ATOM   543  C C   . LEU B 1 13 ? -4.803  -6.367  -20.433 1.00 24.82 ? 366  LEU B C   1 
ATOM   544  O O   . LEU B 1 13 ? -3.840  -6.235  -19.658 1.00 23.65 ? 366  LEU B O   1 
ATOM   545  C CB  . LEU B 1 13 ? -4.586  -8.030  -22.302 1.00 27.74 ? 366  LEU B CB  1 
ATOM   546  C CG  . LEU B 1 13 ? -4.450  -9.511  -22.642 1.00 31.69 ? 366  LEU B CG  1 
ATOM   547  C CD1 . LEU B 1 13 ? -4.223  -9.693  -24.200 1.00 34.89 ? 366  LEU B CD1 1 
ATOM   548  C CD2 . LEU B 1 13 ? -3.381  -10.185 -21.769 1.00 32.89 ? 366  LEU B CD2 1 
ATOM   549  N N   . SER B 1 14 ? -5.520  -5.349  -20.879 1.00 24.81 ? 367  SER B N   1 
ATOM   550  C CA  . SER B 1 14 ? -5.207  -3.991  -20.414 1.00 24.87 ? 367  SER B CA  1 
ATOM   551  C C   . SER B 1 14 ? -5.544  -3.828  -18.927 1.00 23.57 ? 367  SER B C   1 
ATOM   552  O O   . SER B 1 14 ? -4.729  -3.274  -18.160 1.00 21.80 ? 367  SER B O   1 
ATOM   553  C CB  . SER B 1 14 ? -5.878  -2.905  -21.282 1.00 26.47 ? 367  SER B CB  1 
ATOM   554  O OG  . SER B 1 14 ? -5.779  -1.620  -20.662 1.00 31.00 ? 367  SER B OG  1 
ATOM   555  N N   . LYS B 1 15 ? -6.719  -4.289  -18.515 1.00 21.15 ? 368  LYS B N   1 
ATOM   556  C CA  . LYS B 1 15 ? -7.062  -4.205  -17.110 1.00 22.55 ? 368  LYS B CA  1 
ATOM   557  C C   . LYS B 1 15 ? -6.008  -4.967  -16.243 1.00 21.18 ? 368  LYS B C   1 
ATOM   558  O O   . LYS B 1 15 ? -5.630  -4.498  -15.182 1.00 21.05 ? 368  LYS B O   1 
ATOM   559  C CB  . LYS B 1 15 ? -8.446  -4.773  -16.847 1.00 22.62 ? 368  LYS B CB  1 
ATOM   560  C CG  . LYS B 1 15 ? -9.590  -3.886  -17.388 1.00 26.23 ? 368  LYS B CG  1 
ATOM   561  C CD  . LYS B 1 15 ? -10.969 -4.382  -16.954 1.00 32.32 ? 368  LYS B CD  1 
ATOM   562  C CE  . LYS B 1 15 ? -12.109 -3.485  -17.505 1.00 34.59 ? 368  LYS B CE  1 
ATOM   563  N NZ  . LYS B 1 15 ? -13.462 -4.072  -17.284 1.00 36.78 ? 368  LYS B NZ  1 
ATOM   564  N N   . ASN B 1 16 ? -5.596  -6.137  -16.706 1.00 19.74 ? 369  ASN B N   1 
ATOM   565  C CA  . ASN B 1 16 ? -4.592  -6.944  -16.017 1.00 19.59 ? 369  ASN B CA  1 
ATOM   566  C C   . ASN B 1 16 ? -3.284  -6.168  -15.901 1.00 19.56 ? 369  ASN B C   1 
ATOM   567  O O   . ASN B 1 16 ? -2.627  -6.166  -14.835 1.00 17.43 ? 369  ASN B O   1 
ATOM   568  C CB  . ASN B 1 16 ? -4.411  -8.262  -16.778 1.00 20.72 ? 369  ASN B CB  1 
ATOM   569  C CG  . ASN B 1 16 ? -3.404  -9.157  -16.169 1.00 21.96 ? 369  ASN B CG  1 
ATOM   570  O OD1 . ASN B 1 16 ? -3.707  -9.985  -15.312 1.00 24.13 ? 369  ASN B OD1 1 
ATOM   571  N ND2 . ASN B 1 16 ? -2.195  -9.037  -16.646 1.00 22.42 ? 369  ASN B ND2 1 
ATOM   572  N N   . TYR B 1 17 ? -2.876  -5.503  -16.986 1.00 18.50 ? 370  TYR B N   1 
ATOM   573  C CA  . TYR B 1 17 ? -1.632  -4.733  -16.948 1.00 19.17 ? 370  TYR B CA  1 
ATOM   574  C C   . TYR B 1 17 ? -1.710  -3.613  -15.894 1.00 18.17 ? 370  TYR B C   1 
ATOM   575  O O   . TYR B 1 17 ? -0.771  -3.425  -15.095 1.00 19.04 ? 370  TYR B O   1 
ATOM   576  C CB  . TYR B 1 17 ? -1.376  -4.149  -18.349 1.00 19.66 ? 370  TYR B CB  1 
ATOM   577  C CG  . TYR B 1 17 ? -0.229  -3.163  -18.407 1.00 21.53 ? 370  TYR B CG  1 
ATOM   578  C CD1 . TYR B 1 17 ? 1.066   -3.598  -18.626 1.00 22.44 ? 370  TYR B CD1 1 
ATOM   579  C CD2 . TYR B 1 17 ? -0.460  -1.796  -18.277 1.00 22.77 ? 370  TYR B CD2 1 
ATOM   580  C CE1 . TYR B 1 17 ? 2.123   -2.691  -18.714 1.00 26.49 ? 370  TYR B CE1 1 
ATOM   581  C CE2 . TYR B 1 17 ? 0.596   -0.881  -18.370 1.00 24.00 ? 370  TYR B CE2 1 
ATOM   582  C CZ  . TYR B 1 17 ? 1.880   -1.338  -18.575 1.00 23.50 ? 370  TYR B CZ  1 
ATOM   583  O OH  . TYR B 1 17 ? 2.951   -0.479  -18.668 1.00 22.48 ? 370  TYR B OH  1 
ATOM   584  N N   . HIS B 1 18 ? -2.838  -2.909  -15.848 1.00 17.87 ? 371  HIS B N   1 
ATOM   585  C CA  . HIS B 1 18 ? -3.013  -1.852  -14.881 1.00 17.89 ? 371  HIS B CA  1 
ATOM   586  C C   . HIS B 1 18 ? -3.132  -2.389  -13.458 1.00 18.25 ? 371  HIS B C   1 
ATOM   587  O O   . HIS B 1 18 ? -2.567  -1.786  -12.566 1.00 16.05 ? 371  HIS B O   1 
ATOM   588  C CB  . HIS B 1 18 ? -4.115  -0.896  -15.283 1.00 19.54 ? 371  HIS B CB  1 
ATOM   589  C CG  . HIS B 1 18 ? -3.780  -0.206  -16.568 1.00 20.75 ? 371  HIS B CG  1 
ATOM   590  N ND1 . HIS B 1 18 ? -2.650  0.573   -16.701 1.00 21.26 ? 371  HIS B ND1 1 
ATOM   591  C CD2 . HIS B 1 18 ? -4.344  -0.268  -17.797 1.00 25.10 ? 371  HIS B CD2 1 
ATOM   592  C CE1 . HIS B 1 18 ? -2.557  0.998   -17.951 1.00 21.97 ? 371  HIS B CE1 1 
ATOM   593  N NE2 . HIS B 1 18 ? -3.576  0.506   -18.637 1.00 24.00 ? 371  HIS B NE2 1 
ATOM   594  N N   . LEU B 1 19 ? -3.835  -3.505  -13.276 1.00 16.95 ? 372  LEU B N   1 
ATOM   595  C CA  . LEU B 1 19 ? -3.849  -4.124  -11.947 1.00 17.09 ? 372  LEU B CA  1 
ATOM   596  C C   . LEU B 1 19 ? -2.481  -4.544  -11.490 1.00 16.89 ? 372  LEU B C   1 
ATOM   597  O O   . LEU B 1 19 ? -2.135  -4.362  -10.318 1.00 17.50 ? 372  LEU B O   1 
ATOM   598  C CB  . LEU B 1 19 ? -4.839  -5.273  -11.877 1.00 16.85 ? 372  LEU B CB  1 
ATOM   599  C CG  . LEU B 1 19 ? -6.276  -4.764  -11.850 1.00 18.49 ? 372  LEU B CG  1 
ATOM   600  C CD1 . LEU B 1 19 ? -7.118  -5.872  -12.399 1.00 20.06 ? 372  LEU B CD1 1 
ATOM   601  C CD2 . LEU B 1 19 ? -6.753  -4.461  -10.476 1.00 18.86 ? 372  LEU B CD2 1 
ATOM   602  N N   . GLU B 1 20 ? -1.655  -5.082  -12.387 1.00 16.55 ? 373  GLU B N   1 
ATOM   603  C CA  . GLU B 1 20 ? -0.286  -5.435  -11.969 1.00 17.25 ? 373  GLU B CA  1 
ATOM   604  C C   . GLU B 1 20 ? 0.511   -4.218  -11.571 1.00 18.76 ? 373  GLU B C   1 
ATOM   605  O O   . GLU B 1 20 ? 1.291   -4.238  -10.580 1.00 17.88 ? 373  GLU B O   1 
ATOM   606  C CB  . GLU B 1 20 ? 0.451   -6.283  -13.011 1.00 18.57 ? 373  GLU B CB  1 
ATOM   607  C CG  . GLU B 1 20 ? -0.203  -7.642  -13.107 1.00 21.83 ? 373  GLU B CG  1 
ATOM   608  C CD  . GLU B 1 20 ? 0.542   -8.599  -13.992 1.00 31.33 ? 373  GLU B CD  1 
ATOM   609  O OE1 . GLU B 1 20 ? 1.220   -8.122  -14.925 1.00 34.00 ? 373  GLU B OE1 1 
ATOM   610  O OE2 . GLU B 1 20 ? 0.462   -9.822  -13.747 1.00 33.26 ? 373  GLU B OE2 1 
ATOM   611  N N   . ASN B 1 21 ? 0.312   -3.146  -12.311 1.00 18.31 ? 374  ASN B N   1 
ATOM   612  C CA  . ASN B 1 21 ? 0.955   -1.871  -11.995 1.00 20.10 ? 374  ASN B CA  1 
ATOM   613  C C   . ASN B 1 21 ? 0.555   -1.383  -10.598 1.00 19.45 ? 374  ASN B C   1 
ATOM   614  O O   . ASN B 1 21 ? 1.416   -0.925  -9.853  1.00 18.30 ? 374  ASN B O   1 
ATOM   615  C CB  . ASN B 1 21 ? 0.563   -0.801  -13.041 1.00 19.98 ? 374  ASN B CB  1 
ATOM   616  C CG  . ASN B 1 21 ? 1.175   0.567   -12.774 1.00 26.02 ? 374  ASN B CG  1 
ATOM   617  O OD1 . ASN B 1 21 ? 0.563   1.410   -12.131 1.00 33.88 ? 374  ASN B OD1 1 
ATOM   618  N ND2 . ASN B 1 21 ? 2.375   0.809   -13.298 1.00 28.27 ? 374  ASN B ND2 1 
ATOM   619  N N   . GLU B 1 22 ? -0.746  -1.436  -10.286 1.00 18.57 ? 375  GLU B N   1 
ATOM   620  C CA  . GLU B 1 22 ? -1.260  -0.935  -9.018  1.00 17.41 ? 375  GLU B CA  1 
ATOM   621  C C   . GLU B 1 22 ? -0.698  -1.755  -7.831  1.00 17.22 ? 375  GLU B C   1 
ATOM   622  O O   . GLU B 1 22 ? -0.306  -1.203  -6.788  1.00 15.97 ? 375  GLU B O   1 
ATOM   623  C CB  . GLU B 1 22 ? -2.799  -0.909  -9.089  1.00 18.17 ? 375  GLU B CB  1 
ATOM   624  C CG  . GLU B 1 22 ? -3.505  -0.421  -7.852  1.00 21.47 ? 375  GLU B CG  1 
ATOM   625  C CD  . GLU B 1 22 ? -3.317  1.071   -7.623  1.00 25.33 ? 375  GLU B CD  1 
ATOM   626  O OE1 . GLU B 1 22 ? -2.461  1.725   -8.330  1.00 25.94 ? 375  GLU B OE1 1 
ATOM   627  O OE2 . GLU B 1 22 ? -3.986  1.560   -6.702  1.00 25.49 ? 375  GLU B OE2 1 
ATOM   628  N N   . VAL B 1 23 ? -0.691  -3.065  -8.003  1.00 15.22 ? 376  VAL B N   1 
ATOM   629  C CA  . VAL B 1 23 ? -0.033  -3.976  -7.028  1.00 16.66 ? 376  VAL B CA  1 
ATOM   630  C C   . VAL B 1 23 ? 1.451   -3.643  -6.757  1.00 16.84 ? 376  VAL B C   1 
ATOM   631  O O   . VAL B 1 23 ? 1.840   -3.509  -5.612  1.00 15.79 ? 376  VAL B O   1 
ATOM   632  C CB  . VAL B 1 23 ? -0.145  -5.427  -7.480  1.00 15.48 ? 376  VAL B CB  1 
ATOM   633  C CG1 . VAL B 1 23 ? 0.739   -6.412  -6.635  1.00 14.47 ? 376  VAL B CG1 1 
ATOM   634  C CG2 . VAL B 1 23 ? -1.681  -5.965  -7.403  1.00 13.87 ? 376  VAL B CG2 1 
ATOM   635  N N   . ALA B 1 24 ? 2.187   -3.409  -7.830  1.00 17.10 ? 377  ALA B N   1 
ATOM   636  C CA  . ALA B 1 24 ? 3.602   -3.014  -7.686  1.00 18.35 ? 377  ALA B CA  1 
ATOM   637  C C   . ALA B 1 24 ? 3.715   -1.690  -6.921  1.00 18.82 ? 377  ALA B C   1 
ATOM   638  O O   . ALA B 1 24 ? 4.551   -1.563  -6.009  1.00 19.08 ? 377  ALA B O   1 
ATOM   639  C CB  . ALA B 1 24 ? 4.254   -2.926  -9.052  1.00 17.89 ? 377  ALA B CB  1 
ATOM   640  N N   . ARG B 1 25 ? 2.894   -0.718  -7.282  1.00 17.95 ? 378  ARG B N   1 
ATOM   641  C CA  . ARG B 1 25 ? 2.892   0.603   -6.614  1.00 18.34 ? 378  ARG B CA  1 
ATOM   642  C C   . ARG B 1 25 ? 2.594   0.480   -5.135  1.00 17.79 ? 378  ARG B C   1 
ATOM   643  O O   . ARG B 1 25 ? 3.246   1.125   -4.282  1.00 14.99 ? 378  ARG B O   1 
ATOM   644  C CB  . ARG B 1 25 ? 1.854   1.541   -7.235  1.00 18.08 ? 378  ARG B CB  1 
ATOM   645  C CG  . ARG B 1 25 ? 1.739   2.925   -6.558  1.00 20.67 ? 378  ARG B CG  1 
ATOM   646  C CD  . ARG B 1 25 ? 0.606   3.805   -7.132  1.00 24.18 ? 378  ARG B CD  1 
ATOM   647  N NE  . ARG B 1 25 ? -0.744  3.409   -6.729  1.00 24.47 ? 378  ARG B NE  1 
ATOM   648  C CZ  . ARG B 1 25 ? -1.288  3.711   -5.542  1.00 28.05 ? 378  ARG B CZ  1 
ATOM   649  N NH1 . ARG B 1 25 ? -0.584  4.394   -4.631  1.00 25.21 ? 378  ARG B NH1 1 
ATOM   650  N NH2 . ARG B 1 25 ? -2.526  3.362   -5.267  1.00 27.33 ? 378  ARG B NH2 1 
ATOM   651  N N   . LEU B 1 26 ? 1.563   -0.302  -4.813  1.00 15.39 ? 379  LEU B N   1 
ATOM   652  C CA  . LEU B 1 26 ? 1.190   -0.427  -3.418  1.00 15.10 ? 379  LEU B CA  1 
ATOM   653  C C   . LEU B 1 26 ? 2.212   -1.185  -2.621  1.00 15.03 ? 379  LEU B C   1 
ATOM   654  O O   . LEU B 1 26 ? 2.471   -0.856  -1.453  1.00 15.23 ? 379  LEU B O   1 
ATOM   655  C CB  . LEU B 1 26 ? -0.176  -1.099  -3.293  1.00 14.24 ? 379  LEU B CB  1 
ATOM   656  C CG  . LEU B 1 26 ? -1.344  -0.188  -3.703  1.00 16.24 ? 379  LEU B CG  1 
ATOM   657  C CD1 . LEU B 1 26 ? -2.603  -0.969  -4.082  1.00 18.15 ? 379  LEU B CD1 1 
ATOM   658  C CD2 . LEU B 1 26 ? -1.639  0.801   -2.592  1.00 19.20 ? 379  LEU B CD2 1 
ATOM   659  N N   . LYS B 1 27 ? 2.833   -2.202  -3.215  1.00 14.94 ? 380  LYS B N   1 
ATOM   660  C CA  . LYS B 1 27 ? 3.894   -2.907  -2.464  1.00 15.44 ? 380  LYS B CA  1 
ATOM   661  C C   . LYS B 1 27 ? 5.009   -1.951  -2.087  1.00 17.08 ? 380  LYS B C   1 
ATOM   662  O O   . LYS B 1 27 ? 5.611   -2.061  -1.001  1.00 16.95 ? 380  LYS B O   1 
ATOM   663  C CB  . LYS B 1 27 ? 4.492   -4.111  -3.213  1.00 15.41 ? 380  LYS B CB  1 
ATOM   664  C CG  . LYS B 1 27 ? 3.524   -5.274  -3.369  1.00 12.76 ? 380  LYS B CG  1 
ATOM   665  C CD  . LYS B 1 27 ? 4.108   -6.371  -4.302  1.00 15.44 ? 380  LYS B CD  1 
ATOM   666  C CE  . LYS B 1 27 ? 3.139   -7.574  -4.404  1.00 17.68 ? 380  LYS B CE  1 
ATOM   667  N NZ  . LYS B 1 27 ? 3.570   -8.398  -5.552  1.00 21.31 ? 380  LYS B NZ  1 
ATOM   668  N N   . LYS B 1 28 ? 5.385   -1.095  -3.019  1.00 19.17 ? 381  LYS B N   1 
ATOM   669  C CA  . LYS B 1 28 ? 6.413   -0.103  -2.737  1.00 19.72 ? 381  LYS B CA  1 
ATOM   670  C C   . LYS B 1 28 ? 5.963   0.861   -1.611  1.00 20.66 ? 381  LYS B C   1 
ATOM   671  O O   . LYS B 1 28 ? 6.749   1.251   -0.753  1.00 20.09 ? 381  LYS B O   1 
ATOM   672  C CB  . LYS B 1 28 ? 6.710   0.666   -4.039  1.00 20.31 ? 381  LYS B CB  1 
ATOM   673  C CG  . LYS B 1 28 ? 7.734   1.837   -3.892  1.00 22.76 ? 381  LYS B CG  1 
ATOM   674  C CD  . LYS B 1 28 ? 8.996   1.437   -3.202  1.00 27.11 ? 381  LYS B CD  1 
ATOM   675  C CE  . LYS B 1 28 ? 10.087  2.437   -3.522  1.00 35.20 ? 381  LYS B CE  1 
ATOM   676  N NZ  . LYS B 1 28 ? 9.600   3.820   -3.212  1.00 39.99 ? 381  LYS B NZ  1 
ATOM   677  N N   . LEU B 1 29 ? 4.696   1.242   -1.607  1.00 19.89 ? 382  LEU B N   1 
ATOM   678  C CA  . LEU B 1 29 ? 4.194   2.185   -0.621  1.00 19.06 ? 382  LEU B CA  1 
ATOM   679  C C   . LEU B 1 29 ? 4.210   1.508   0.767   1.00 19.57 ? 382  LEU B C   1 
ATOM   680  O O   . LEU B 1 29 ? 4.606   2.102   1.787   1.00 18.81 ? 382  LEU B O   1 
ATOM   681  C CB  . LEU B 1 29 ? 2.803   2.686   -1.013  1.00 19.54 ? 382  LEU B CB  1 
ATOM   682  C CG  . LEU B 1 29 ? 2.105   3.697   -0.095  1.00 20.20 ? 382  LEU B CG  1 
ATOM   683  C CD1 . LEU B 1 29 ? 3.015   4.932   0.199   1.00 21.45 ? 382  LEU B CD1 1 
ATOM   684  C CD2 . LEU B 1 29 ? 0.762   4.136   -0.783  1.00 21.32 ? 382  LEU B CD2 1 
ATOM   685  N N   . VAL B 1 30 ? 3.839   0.240   0.796   1.00 17.68 ? 383  VAL B N   1 
ATOM   686  C CA  . VAL B 1 30 ? 3.911   -0.525  2.034   1.00 18.61 ? 383  VAL B CA  1 
ATOM   687  C C   . VAL B 1 30 ? 5.402   -0.642  2.569   1.00 20.45 ? 383  VAL B C   1 
ATOM   688  O O   . VAL B 1 30 ? 5.639   -0.427  3.756   1.00 19.69 ? 383  VAL B O   1 
ATOM   689  C CB  . VAL B 1 30 ? 3.329   -1.956  1.879   1.00 18.63 ? 383  VAL B CB  1 
ATOM   690  C CG1 . VAL B 1 30 ? 3.678   -2.864  3.083   1.00 17.47 ? 383  VAL B CG1 1 
ATOM   691  C CG2 . VAL B 1 30 ? 1.759   -1.906  1.670   1.00 16.13 ? 383  VAL B CG2 1 
ATOM   692  N N   . GLY B 1 31 ? 6.356   -0.981  1.698   1.00 19.11 ? 384  GLY B N   1 
ATOM   693  C CA  . GLY B 1 31 ? 7.765   -1.028  2.081   1.00 20.21 ? 384  GLY B CA  1 
ATOM   694  C C   . GLY B 1 31 ? 8.207   0.340   2.601   1.00 20.65 ? 384  GLY B C   1 
ATOM   695  O O   . GLY B 1 31 ? 8.889   0.419   3.652   1.00 21.36 ? 384  GLY B O   1 
ATOM   696  N N   . ASP B 1 32 ? 7.830   1.403   1.906   1.00 19.54 ? 385  ASP B N   1 
ATOM   697  C CA  . ASP B 1 32 ? 8.271   2.739   2.298   1.00 20.66 ? 385  ASP B CA  1 
ATOM   698  C C   . ASP B 1 32 ? 7.664   3.098   3.650   1.00 21.60 ? 385  ASP B C   1 
ATOM   699  O O   . ASP B 1 32 ? 8.353   3.646   4.558   1.00 19.78 ? 385  ASP B O   1 
ATOM   700  C CB  . ASP B 1 32 ? 7.873   3.784   1.272   1.00 21.09 ? 385  ASP B CB  1 
ATOM   701  C CG  . ASP B 1 32 ? 8.710   3.712   0.025   1.00 23.43 ? 385  ASP B CG  1 
ATOM   702  O OD1 . ASP B 1 32 ? 9.690   2.937   0.024   1.00 22.96 ? 385  ASP B OD1 1 
ATOM   703  O OD2 . ASP B 1 32 ? 8.461   4.434   -0.964  1.00 25.53 ? 385  ASP B OD2 1 
ATOM   704  N N   . LEU B 1 33 ? 6.375   2.830   3.808   1.00 19.17 ? 386  LEU B N   1 
ATOM   705  C CA  . LEU B 1 33 ? 5.768   3.122   5.100   1.00 20.25 ? 386  LEU B CA  1 
ATOM   706  C C   . LEU B 1 33 ? 6.336   2.266   6.225   1.00 20.66 ? 386  LEU B C   1 
ATOM   707  O O   . LEU B 1 33 ? 6.441   2.708   7.392   1.00 20.83 ? 386  LEU B O   1 
ATOM   708  C CB  . LEU B 1 33 ? 4.236   2.980   5.026   1.00 19.42 ? 386  LEU B CB  1 
ATOM   709  C CG  . LEU B 1 33 ? 3.575   4.127   4.255   1.00 19.87 ? 386  LEU B CG  1 
ATOM   710  C CD1 . LEU B 1 33 ? 2.127   3.778   4.034   1.00 20.00 ? 386  LEU B CD1 1 
ATOM   711  C CD2 . LEU B 1 33 ? 3.664   5.482   5.047   1.00 22.65 ? 386  LEU B CD2 1 
ATOM   712  N N   . LEU B 1 34 ? 6.742   1.054   5.920   1.00 20.65 ? 387  LEU B N   1 
ATOM   713  C CA  . LEU B 1 34 ? 7.264   0.267   7.004   1.00 20.74 ? 387  LEU B CA  1 
ATOM   714  C C   . LEU B 1 34 ? 8.647   0.820   7.374   1.00 22.75 ? 387  LEU B C   1 
ATOM   715  O O   . LEU B 1 34 ? 9.098   0.735   8.519   1.00 22.54 ? 387  LEU B O   1 
ATOM   716  C CB  . LEU B 1 34 ? 7.373   -1.199  6.618   1.00 21.08 ? 387  LEU B CB  1 
ATOM   717  C CG  . LEU B 1 34 ? 6.099   -2.021  6.738   1.00 19.90 ? 387  LEU B CG  1 
ATOM   718  C CD1 . LEU B 1 34 ? 6.343   -3.339  5.924   1.00 20.10 ? 387  LEU B CD1 1 
ATOM   719  C CD2 . LEU B 1 34 ? 5.825   -2.389  8.182   1.00 19.84 ? 387  LEU B CD2 1 
ATOM   720  N N   . ASN B 1 35 ? 9.355   1.348   6.400   1.00 22.00 ? 388  ASN B N   1 
ATOM   721  C CA  . ASN B 1 35 ? 10.639  1.967   6.700   1.00 23.79 ? 388  ASN B CA  1 
ATOM   722  C C   . ASN B 1 35 ? 10.446  3.230   7.532   1.00 23.69 ? 388  ASN B C   1 
ATOM   723  O O   . ASN B 1 35 ? 11.228  3.476   8.469   1.00 23.61 ? 388  ASN B O   1 
ATOM   724  C CB  . ASN B 1 35 ? 11.394  2.287   5.431   1.00 23.08 ? 388  ASN B CB  1 
ATOM   725  C CG  . ASN B 1 35 ? 12.071  1.049   4.832   1.00 27.92 ? 388  ASN B CG  1 
ATOM   726  O OD1 . ASN B 1 35 ? 12.367  0.060   5.538   1.00 32.00 ? 388  ASN B OD1 1 
ATOM   727  N ND2 . ASN B 1 35 ? 12.306  1.088   3.525   1.00 33.62 ? 388  ASN B ND2 1 
ATOM   728  N N   . VAL B 1 36 ? 9.460   4.037   7.150   1.00 22.77 ? 389  VAL B N   1 
ATOM   729  C CA  . VAL B 1 36 ? 9.063   5.221   7.927   1.00 23.92 ? 389  VAL B CA  1 
ATOM   730  C C   . VAL B 1 36 ? 8.716   4.863   9.387   1.00 24.13 ? 389  VAL B C   1 
ATOM   731  O O   . VAL B 1 36 ? 9.199   5.519   10.341  1.00 23.70 ? 389  VAL B O   1 
ATOM   732  C CB  . VAL B 1 36 ? 7.883   5.936   7.273   1.00 24.76 ? 389  VAL B CB  1 
ATOM   733  C CG1 . VAL B 1 36 ? 7.156   6.858   8.276   1.00 25.22 ? 389  VAL B CG1 1 
ATOM   734  C CG2 . VAL B 1 36 ? 8.363   6.720   6.032   1.00 25.12 ? 389  VAL B CG2 1 
ATOM   735  N N   . LYS B 1 37 ? 7.916   3.821   9.574   1.00 22.09 ? 390  LYS B N   1 
ATOM   736  C CA  . LYS B 1 37 ? 7.550   3.384   10.916  1.00 22.13 ? 390  LYS B CA  1 
ATOM   737  C C   . LYS B 1 37 ? 8.808   3.068   11.736  1.00 23.22 ? 390  LYS B C   1 
ATOM   738  O O   . LYS B 1 37 ? 8.915   3.470   12.895  1.00 22.92 ? 390  LYS B O   1 
ATOM   739  C CB  . LYS B 1 37 ? 6.628   2.153   10.896  1.00 20.21 ? 390  LYS B CB  1 
ATOM   740  C CG  . LYS B 1 37 ? 6.357   1.537   12.292  1.00 21.44 ? 390  LYS B CG  1 
ATOM   741  C CD  . LYS B 1 37 ? 5.418   0.275   12.208  1.00 19.89 ? 390  LYS B CD  1 
ATOM   742  C CE  . LYS B 1 37 ? 5.121   -0.317  13.580  1.00 24.87 ? 390  LYS B CE  1 
ATOM   743  N NZ  . LYS B 1 37 ? 6.369   -0.764  14.242  1.00 23.33 ? 390  LYS B NZ  1 
ATOM   744  N N   . MET B 1 38 ? 9.758   2.355   11.128  1.00 23.44 ? 391  MET B N   1 
ATOM   745  C CA  . MET B 1 38 ? 10.995  1.974   11.796  1.00 25.42 ? 391  MET B CA  1 
ATOM   746  C C   . MET B 1 38 ? 11.735  3.219   12.253  1.00 24.25 ? 391  MET B C   1 
ATOM   747  O O   . MET B 1 38 ? 12.252  3.232   13.385  1.00 23.90 ? 391  MET B O   1 
ATOM   748  C CB  . MET B 1 38 ? 11.890  1.186   10.835  1.00 25.86 ? 391  MET B CB  1 
ATOM   749  C CG  . MET B 1 38 ? 13.297  0.909   11.363  1.00 32.91 ? 391  MET B CG  1 
ATOM   750  S SD  . MET B 1 38 ? 14.242  -0.152  10.197  1.00 47.28 ? 391  MET B SD  1 
ATOM   751  C CE  . MET B 1 38 ? 12.781  -1.193  9.555   1.00 43.13 ? 391  MET B CE  1 
ATOM   752  N N   . ALA B 1 39 ? 11.832  4.216   11.376  1.00 22.01 ? 392  ALA B N   1 
ATOM   753  C CA  . ALA B 1 39 ? 12.571  5.432   11.726  1.00 23.03 ? 392  ALA B CA  1 
ATOM   754  C C   . ALA B 1 39 ? 11.874  6.230   12.834  1.00 22.48 ? 392  ALA B C   1 
ATOM   755  O O   . ALA B 1 39 ? 12.521  6.782   13.738  1.00 22.38 ? 392  ALA B O   1 
ATOM   756  C CB  . ALA B 1 39 ? 12.844  6.328   10.489  1.00 22.25 ? 392  ALA B CB  1 
ATOM   757  N N   . LEU B 1 40 ? 10.558  6.299   12.789  1.00 21.84 ? 393  LEU B N   1 
ATOM   758  C CA  . LEU B 1 40 ? 9.835   7.031   13.823  1.00 21.17 ? 393  LEU B CA  1 
ATOM   759  C C   . LEU B 1 40 ? 9.933   6.315   15.166  1.00 22.33 ? 393  LEU B C   1 
ATOM   760  O O   . LEU B 1 40 ? 10.065  6.956   16.236  1.00 21.95 ? 393  LEU B O   1 
ATOM   761  C CB  . LEU B 1 40 ? 8.370   7.197   13.411  1.00 21.19 ? 393  LEU B CB  1 
ATOM   762  C CG  . LEU B 1 40 ? 8.114   8.117   12.204  1.00 21.59 ? 393  LEU B CG  1 
ATOM   763  C CD1 . LEU B 1 40 ? 6.633   8.115   11.771  1.00 20.62 ? 393  LEU B CD1 1 
ATOM   764  C CD2 . LEU B 1 40 ? 8.553   9.594   12.506  1.00 25.28 ? 393  LEU B CD2 1 
ATOM   765  N N   . ASP B 1 41 ? 9.858   4.987   15.122  1.00 21.99 ? 394  ASP B N   1 
ATOM   766  C CA  . ASP B 1 41 ? 9.929   4.208   16.337  1.00 22.43 ? 394  ASP B CA  1 
ATOM   767  C C   . ASP B 1 41 ? 11.266  4.490   17.000  1.00 22.43 ? 394  ASP B C   1 
ATOM   768  O O   . ASP B 1 41 ? 11.346  4.620   18.222  1.00 22.14 ? 394  ASP B O   1 
ATOM   769  C CB  . ASP B 1 41 ? 9.870   2.723   16.030  1.00 21.99 ? 394  ASP B CB  1 
ATOM   770  C CG  . ASP B 1 41 ? 8.473   2.210   15.884  1.00 24.18 ? 394  ASP B CG  1 
ATOM   771  O OD1 . ASP B 1 41 ? 7.500   2.887   16.320  1.00 24.61 ? 394  ASP B OD1 1 
ATOM   772  O OD2 . ASP B 1 41 ? 8.246   1.117   15.321  1.00 26.21 ? 394  ASP B OD2 1 
ATOM   773  N N   . ILE B 1 42 ? 12.313  4.586   16.187  1.00 23.34 ? 395  ILE B N   1 
ATOM   774  C CA  . ILE B 1 42 ? 13.637  4.887   16.731  1.00 24.11 ? 395  ILE B CA  1 
ATOM   775  C C   . ILE B 1 42 ? 13.660  6.294   17.385  1.00 24.03 ? 395  ILE B C   1 
ATOM   776  O O   . ILE B 1 42 ? 14.180  6.457   18.514  1.00 23.21 ? 395  ILE B O   1 
ATOM   777  C CB  . ILE B 1 42 ? 14.746  4.691   15.654  1.00 24.56 ? 395  ILE B CB  1 
ATOM   778  C CG1 . ILE B 1 42 ? 14.993  3.204   15.397  1.00 26.84 ? 395  ILE B CG1 1 
ATOM   779  C CG2 . ILE B 1 42 ? 16.092  5.301   16.079  1.00 23.85 ? 395  ILE B CG2 1 
ATOM   780  C CD1 . ILE B 1 42 ? 15.801  2.923   14.106  1.00 28.25 ? 395  ILE B CD1 1 
ATOM   781  N N   . GLU B 1 43 ? 13.064  7.287   16.726  1.00 23.94 ? 396  GLU B N   1 
ATOM   782  C CA  . GLU B 1 43 ? 13.049  8.639   17.282  1.00 24.13 ? 396  GLU B CA  1 
ATOM   783  C C   . GLU B 1 43 ? 12.281  8.664   18.607  1.00 24.95 ? 396  GLU B C   1 
ATOM   784  O O   . GLU B 1 43 ? 12.699  9.311   19.564  1.00 23.22 ? 396  GLU B O   1 
ATOM   785  C CB  . GLU B 1 43 ? 12.422  9.658   16.328  1.00 24.30 ? 396  GLU B CB  1 
ATOM   786  C CG  . GLU B 1 43 ? 13.150  9.762   14.985  1.00 27.44 ? 396  GLU B CG  1 
ATOM   787  C CD  . GLU B 1 43 ? 12.705  10.972  14.193  1.00 32.99 ? 396  GLU B CD  1 
ATOM   788  O OE1 . GLU B 1 43 ? 11.510  11.044  13.846  1.00 34.12 ? 396  GLU B OE1 1 
ATOM   789  O OE2 . GLU B 1 43 ? 13.520  11.895  13.978  1.00 38.87 ? 396  GLU B OE2 1 
ATOM   790  N N   . ILE B 1 44 ? 11.146  7.993   18.652  1.00 24.19 ? 397  ILE B N   1 
ATOM   791  C CA  . ILE B 1 44 ? 10.379  7.996   19.892  1.00 25.27 ? 397  ILE B CA  1 
ATOM   792  C C   . ILE B 1 44 ? 11.130  7.257   20.977  1.00 25.58 ? 397  ILE B C   1 
ATOM   793  O O   . ILE B 1 44 ? 11.111  7.649   22.149  1.00 24.67 ? 397  ILE B O   1 
ATOM   794  C CB  . ILE B 1 44 ? 9.072   7.298   19.687  1.00 25.91 ? 397  ILE B CB  1 
ATOM   795  C CG1 . ILE B 1 44 ? 8.092   8.213   18.956  1.00 26.58 ? 397  ILE B CG1 1 
ATOM   796  C CG2 . ILE B 1 44 ? 8.368   7.017   20.997  1.00 27.82 ? 397  ILE B CG2 1 
ATOM   797  C CD1 . ILE B 1 44 ? 6.875   7.477   18.497  1.00 29.14 ? 397  ILE B CD1 1 
ATOM   798  N N   . ALA B 1 45 ? 11.833  6.190   20.605  1.00 24.01 ? 398  ALA B N   1 
ATOM   799  C CA  . ALA B 1 45 ? 12.518  5.445   21.622  1.00 24.22 ? 398  ALA B CA  1 
ATOM   800  C C   . ALA B 1 45 ? 13.575  6.336   22.225  1.00 24.43 ? 398  ALA B C   1 
ATOM   801  O O   . ALA B 1 45 ? 13.913  6.197   23.405  1.00 23.77 ? 398  ALA B O   1 
ATOM   802  C CB  . ALA B 1 45 ? 13.179  4.170   21.057  1.00 23.78 ? 398  ALA B CB  1 
ATOM   803  N N   . THR B 1 46 ? 14.181  7.179   21.411  1.00 23.80 ? 399  THR B N   1 
ATOM   804  C CA  . THR B 1 46 ? 15.235  8.044   21.898  1.00 24.85 ? 399  THR B CA  1 
ATOM   805  C C   . THR B 1 46 ? 14.672  9.013   22.926  1.00 24.23 ? 399  THR B C   1 
ATOM   806  O O   . THR B 1 46 ? 15.257  9.192   24.006  1.00 25.56 ? 399  THR B O   1 
ATOM   807  C CB  . THR B 1 46 ? 15.806  8.883   20.743  1.00 25.20 ? 399  THR B CB  1 
ATOM   808  O OG1 . THR B 1 46 ? 16.516  8.013   19.853  1.00 27.14 ? 399  THR B OG1 1 
ATOM   809  C CG2 . THR B 1 46 ? 16.868  9.854   21.258  1.00 23.60 ? 399  THR B CG2 1 
ATOM   810  N N   . TYR B 1 47 ? 13.587  9.661   22.559  1.00 23.96 ? 400  TYR B N   1 
ATOM   811  C CA  . TYR B 1 47 ? 12.910  10.593  23.453  1.00 25.30 ? 400  TYR B CA  1 
ATOM   812  C C   . TYR B 1 47 ? 12.478  9.928   24.764  1.00 25.70 ? 400  TYR B C   1 
ATOM   813  O O   . TYR B 1 47 ? 12.694  10.459  25.845  1.00 24.75 ? 400  TYR B O   1 
ATOM   814  C CB  . TYR B 1 47 ? 11.660  11.133  22.793  1.00 25.45 ? 400  TYR B CB  1 
ATOM   815  C CG  . TYR B 1 47 ? 11.917  12.287  21.856  1.00 27.06 ? 400  TYR B CG  1 
ATOM   816  C CD1 . TYR B 1 47 ? 12.448  13.465  22.320  1.00 26.08 ? 400  TYR B CD1 1 
ATOM   817  C CD2 . TYR B 1 47 ? 11.659  12.175  20.483  1.00 30.83 ? 400  TYR B CD2 1 
ATOM   818  C CE1 . TYR B 1 47 ? 12.701  14.536  21.461  1.00 26.30 ? 400  TYR B CE1 1 
ATOM   819  C CE2 . TYR B 1 47 ? 11.916  13.222  19.612  1.00 31.29 ? 400  TYR B CE2 1 
ATOM   820  C CZ  . TYR B 1 47 ? 12.442  14.411  20.111  1.00 31.51 ? 400  TYR B CZ  1 
ATOM   821  O OH  . TYR B 1 47 ? 12.695  15.467  19.264  1.00 32.63 ? 400  TYR B OH  1 
ATOM   822  N N   . ARG B 1 48 ? 11.785  8.807   24.663  1.00 24.89 ? 401  ARG B N   1 
ATOM   823  C CA  . ARG B 1 48 ? 11.322  8.116   25.862  1.00 26.54 ? 401  ARG B CA  1 
ATOM   824  C C   . ARG B 1 48 ? 12.420  7.687   26.804  1.00 26.70 ? 401  ARG B C   1 
ATOM   825  O O   . ARG B 1 48 ? 12.299  7.781   28.038  1.00 27.32 ? 401  ARG B O   1 
ATOM   826  C CB  . ARG B 1 48 ? 10.458  6.935   25.461  1.00 26.43 ? 401  ARG B CB  1 
ATOM   827  C CG  . ARG B 1 48 ? 9.211   7.407   24.738  1.00 29.66 ? 401  ARG B CG  1 
ATOM   828  C CD  . ARG B 1 48 ? 8.126   6.398   24.734  1.00 39.29 ? 401  ARG B CD  1 
ATOM   829  N NE  . ARG B 1 48 ? 7.917   6.050   26.128  1.00 44.98 ? 401  ARG B NE  1 
ATOM   830  C CZ  . ARG B 1 48 ? 7.182   5.046   26.538  1.00 48.05 ? 401  ARG B CZ  1 
ATOM   831  N NH1 . ARG B 1 48 ? 6.559   4.261   25.660  1.00 47.15 ? 401  ARG B NH1 1 
ATOM   832  N NH2 . ARG B 1 48 ? 7.076   4.833   27.846  1.00 48.47 ? 401  ARG B NH2 1 
ATOM   833  N N   . LYS B 1 49 ? 13.502  7.208   26.212  1.00 26.17 ? 402  LYS B N   1 
ATOM   834  C CA  . LYS B 1 49 ? 14.649  6.775   26.999  1.00 29.12 ? 402  LYS B CA  1 
ATOM   835  C C   . LYS B 1 49 ? 15.245  7.967   27.744  1.00 29.72 ? 402  LYS B C   1 
ATOM   836  O O   . LYS B 1 49 ? 15.550  7.876   28.930  1.00 29.15 ? 402  LYS B O   1 
ATOM   837  C CB  . LYS B 1 49 ? 15.707  6.103   26.117  1.00 29.48 ? 402  LYS B CB  1 
ATOM   838  C CG  . LYS B 1 49 ? 17.051  5.834   26.828  1.00 36.53 ? 402  LYS B CG  1 
ATOM   839  C CD  . LYS B 1 49 ? 17.083  4.475   27.530  1.00 44.68 ? 402  LYS B CD  1 
ATOM   840  C CE  . LYS B 1 49 ? 17.832  3.423   26.702  1.00 49.88 ? 402  LYS B CE  1 
ATOM   841  N NZ  . LYS B 1 49 ? 17.489  2.012   27.067  1.00 54.30 ? 402  LYS B NZ  1 
ATOM   842  N N   . LEU B 1 50 ? 15.365  9.092   27.039  1.00 29.64 ? 403  LEU B N   1 
ATOM   843  C CA  . LEU B 1 50 ? 15.840  10.344  27.623  1.00 32.12 ? 403  LEU B CA  1 
ATOM   844  C C   . LEU B 1 50 ? 14.865  10.847  28.688  1.00 31.56 ? 403  LEU B C   1 
ATOM   845  O O   . LEU B 1 50 ? 15.310  11.275  29.730  1.00 33.89 ? 403  LEU B O   1 
ATOM   846  C CB  . LEU B 1 50 ? 16.049  11.430  26.543  1.00 31.54 ? 403  LEU B CB  1 
ATOM   847  C CG  . LEU B 1 50 ? 17.380  11.159  25.840  1.00 34.85 ? 403  LEU B CG  1 
ATOM   848  C CD1 . LEU B 1 50 ? 17.609  12.113  24.632  1.00 37.55 ? 403  LEU B CD1 1 
ATOM   849  C CD2 . LEU B 1 50 ? 18.558  11.239  26.856  1.00 39.62 ? 403  LEU B CD2 1 
ATOM   850  N N   . LEU B 1 51 ? 13.571  10.783  28.443  1.00 32.67 ? 404  LEU B N   1 
ATOM   851  C CA  . LEU B 1 51 ? 12.606  11.283  29.401  1.00 35.47 ? 404  LEU B CA  1 
ATOM   852  C C   . LEU B 1 51 ? 12.632  10.397  30.651  1.00 39.02 ? 404  LEU B C   1 
ATOM   853  O O   . LEU B 1 51 ? 12.448  10.889  31.765  1.00 38.45 ? 404  LEU B O   1 
ATOM   854  C CB  . LEU B 1 51 ? 11.248  11.339  28.760  1.00 34.70 ? 404  LEU B CB  1 
ATOM   855  C CG  . LEU B 1 51 ? 10.893  12.632  27.972  1.00 33.34 ? 404  LEU B CG  1 
ATOM   856  C CD1 . LEU B 1 51 ? 9.682   12.447  27.099  1.00 32.18 ? 404  LEU B CD1 1 
ATOM   857  C CD2 . LEU B 1 51 ? 10.624  13.816  28.927  1.00 32.36 ? 404  LEU B CD2 1 
ATOM   858  N N   . GLU B 1 52 ? 12.883  9.103   30.465  1.00 41.76 ? 405  GLU B N   1 
ATOM   859  C CA  . GLU B 1 52 ? 12.816  8.179   31.584  1.00 46.44 ? 405  GLU B CA  1 
ATOM   860  C C   . GLU B 1 52 ? 13.920  8.464   32.582  1.00 48.72 ? 405  GLU B C   1 
ATOM   861  O O   . GLU B 1 52 ? 13.685  8.497   33.787  1.00 49.59 ? 405  GLU B O   1 
ATOM   862  C CB  . GLU B 1 52 ? 12.729  6.719   31.108  1.00 46.94 ? 405  GLU B CB  1 
ATOM   863  C CG  . GLU B 1 52 ? 11.268  6.300   30.921  1.00 51.45 ? 405  GLU B CG  1 
ATOM   864  C CD  . GLU B 1 52 ? 10.967  5.308   29.783  1.00 58.47 ? 405  GLU B CD  1 
ATOM   865  O OE1 . GLU B 1 52 ? 11.806  5.032   28.886  1.00 60.87 ? 405  GLU B OE1 1 
ATOM   866  O OE2 . GLU B 1 52 ? 9.823   4.803   29.768  1.00 60.68 ? 405  GLU B OE2 1 
ATOM   867  N N   . GLY B 1 53 ? 15.114  8.746   32.073  1.00 51.64 ? 406  GLY B N   1 
ATOM   868  C CA  . GLY B 1 53 ? 16.227  9.109   32.934  1.00 53.94 ? 406  GLY B CA  1 
ATOM   869  C C   . GLY B 1 53 ? 17.577  8.512   32.556  1.00 55.22 ? 406  GLY B C   1 
ATOM   870  O O   . GLY B 1 53 ? 18.648  8.812   33.121  1.00 56.24 ? 406  GLY B O   1 
HETATM 871  O O   . HOH C 2 .  ? -8.434  -20.175 -14.617 1.00 60.27 ? 2001 HOH A O   1 
HETATM 872  O O   . HOH C 2 .  ? -4.536  -16.087 -10.389 1.00 31.40 ? 2002 HOH A O   1 
HETATM 873  O O   . HOH C 2 .  ? -2.716  -13.072 -8.243  1.00 38.91 ? 2003 HOH A O   1 
HETATM 874  O O   . HOH C 2 .  ? -8.990  -2.794  -8.030  1.00 25.51 ? 2004 HOH A O   1 
HETATM 875  O O   . HOH C 2 .  ? 2.224   -12.584 -7.388  1.00 44.54 ? 2005 HOH A O   1 
HETATM 876  O O   . HOH C 2 .  ? -8.698  0.283   2.040   1.00 44.77 ? 2006 HOH A O   1 
HETATM 877  O O   . HOH C 2 .  ? -11.846 -3.133  1.168   1.00 52.75 ? 2007 HOH A O   1 
HETATM 878  O O   . HOH C 2 .  ? -10.305 -1.450  -1.619  1.00 29.12 ? 2008 HOH A O   1 
HETATM 879  O O   . HOH C 2 .  ? -10.779 -5.773  2.522   1.00 47.66 ? 2009 HOH A O   1 
HETATM 880  O O   . HOH C 2 .  ? -10.338 -7.785  6.189   1.00 31.93 ? 2010 HOH A O   1 
HETATM 881  O O   . HOH C 2 .  ? -5.530  5.035   3.404   1.00 54.46 ? 2011 HOH A O   1 
HETATM 882  O O   . HOH C 2 .  ? -8.652  0.548   4.901   1.00 57.91 ? 2012 HOH A O   1 
HETATM 883  O O   . HOH C 2 .  ? -2.464  9.782   6.781   1.00 53.90 ? 2013 HOH A O   1 
HETATM 884  O O   . HOH C 2 .  ? 1.307   5.243   18.816  1.00 31.29 ? 2014 HOH A O   1 
HETATM 885  O O   . HOH C 2 .  ? 7.584   10.598  5.473   1.00 42.96 ? 2015 HOH A O   1 
HETATM 886  O O   . HOH C 2 .  ? 2.929   9.564   3.976   1.00 43.68 ? 2016 HOH A O   1 
HETATM 887  O O   . HOH C 2 .  ? 0.946   11.263  4.246   1.00 63.46 ? 2017 HOH A O   1 
HETATM 888  O O   . HOH C 2 .  ? 3.892   15.885  12.621  1.00 34.77 ? 2018 HOH A O   1 
HETATM 889  O O   . HOH C 2 .  ? 1.380   18.144  14.856  1.00 65.39 ? 2019 HOH A O   1 
HETATM 890  O O   . HOH C 2 .  ? 3.202   3.446   20.350  1.00 51.23 ? 2020 HOH A O   1 
HETATM 891  O O   . HOH C 2 .  ? 7.347   19.044  15.028  1.00 37.94 ? 2021 HOH A O   1 
HETATM 892  O O   . HOH C 2 .  ? 4.388   24.511  24.636  1.00 48.04 ? 2022 HOH A O   1 
HETATM 893  O O   . HOH C 2 .  ? 12.151  25.884  16.879  1.00 51.78 ? 2023 HOH A O   1 
HETATM 894  O O   . HOH C 2 .  ? -2.400  -2.294  12.967  1.00 54.27 ? 2024 HOH A O   1 
HETATM 895  O O   . HOH C 2 .  ? -2.409  -17.287 -11.566 1.00 51.18 ? 2025 HOH A O   1 
HETATM 896  O O   . HOH C 2 .  ? 4.348   -13.454 -9.051  1.00 59.66 ? 2026 HOH A O   1 
HETATM 897  O O   . HOH C 2 .  ? -2.238  10.119  3.847   1.00 52.33 ? 2027 HOH A O   1 
HETATM 898  O O   . HOH C 2 .  ? 5.514   8.558   4.371   1.00 45.50 ? 2028 HOH A O   1 
HETATM 899  O O   . HOH C 2 .  ? -9.203  -17.324 -33.161 1.00 59.55 ? 2029 HOH A O   1 
HETATM 900  O O   . HOH C 2 .  ? -6.716  -19.376 -24.455 1.00 47.20 ? 2030 HOH A O   1 
HETATM 901  O O   . HOH C 2 .  ? -15.898 -21.867 -22.566 1.00 52.43 ? 2031 HOH A O   1 
HETATM 902  O O   . HOH C 2 .  ? -9.269  -20.615 -18.583 1.00 47.96 ? 2032 HOH A O   1 
HETATM 903  O O   . HOH C 2 .  ? -15.896 -20.094 -16.494 1.00 38.80 ? 2033 HOH A O   1 
HETATM 904  O O   . HOH C 2 .  ? -13.635 -21.395 -20.485 1.00 53.09 ? 2034 HOH A O   1 
HETATM 905  O O   . HOH C 2 .  ? -6.398  -17.844 -14.316 1.00 43.36 ? 2035 HOH A O   1 
HETATM 906  O O   . HOH C 2 .  ? -6.205  -19.528 -21.232 1.00 42.58 ? 2036 HOH A O   1 
HETATM 907  O O   . HOH C 2 .  ? -12.297 -9.895  -13.357 1.00 23.80 ? 2037 HOH A O   1 
HETATM 908  O O   . HOH C 2 .  ? -12.434 -19.233 -12.599 1.00 44.61 ? 2038 HOH A O   1 
HETATM 909  O O   . HOH C 2 .  ? -0.460  -13.174 -16.016 1.00 40.82 ? 2039 HOH A O   1 
HETATM 910  O O   . HOH C 2 .  ? -6.563  -17.083 -11.825 1.00 29.53 ? 2040 HOH A O   1 
HETATM 911  O O   . HOH C 2 .  ? -4.064  -13.136 -10.423 1.00 25.00 ? 2041 HOH A O   1 
HETATM 912  O O   . HOH C 2 .  ? -11.557 -8.101  -14.969 1.00 21.86 ? 2042 HOH A O   1 
HETATM 913  O O   . HOH C 2 .  ? -10.428 -18.837 -8.332  1.00 34.48 ? 2043 HOH A O   1 
HETATM 914  O O   . HOH C 2 .  ? -7.240  -13.721 -4.094  1.00 14.68 ? 2044 HOH A O   1 
HETATM 915  O O   . HOH C 2 .  ? -10.587 -3.339  -10.510 1.00 31.21 ? 2045 HOH A O   1 
HETATM 916  O O   . HOH C 2 .  ? -13.527 -9.034  -11.046 1.00 27.30 ? 2046 HOH A O   1 
HETATM 917  O O   . HOH C 2 .  ? -9.487  -4.044  -5.484  1.00 17.70 ? 2047 HOH A O   1 
HETATM 918  O O   . HOH C 2 .  ? -10.755 -5.755  -13.426 1.00 27.60 ? 2048 HOH A O   1 
HETATM 919  O O   . HOH C 2 .  ? -13.965 -6.007  -11.298 1.00 47.10 ? 2049 HOH A O   1 
HETATM 920  O O   . HOH C 2 .  ? -9.267  -8.342  -0.742  1.00 27.23 ? 2050 HOH A O   1 
HETATM 921  O O   . HOH C 2 .  ? -3.108  -11.352 -6.741  1.00 25.57 ? 2051 HOH A O   1 
HETATM 922  O O   . HOH C 2 .  ? 1.110   -10.131 -7.069  1.00 30.95 ? 2052 HOH A O   1 
HETATM 923  O O   . HOH C 2 .  ? 2.271   -10.589 -3.398  1.00 25.74 ? 2053 HOH A O   1 
HETATM 924  O O   . HOH C 2 .  ? 0.540   -8.125  -1.830  1.00 17.52 ? 2054 HOH A O   1 
HETATM 925  O O   . HOH C 2 .  ? -9.138  -2.128  0.902   1.00 19.12 ? 2055 HOH A O   1 
HETATM 926  O O   . HOH C 2 .  ? -8.432  -7.221  2.079   1.00 18.49 ? 2056 HOH A O   1 
HETATM 927  O O   . HOH C 2 .  ? -7.295  -10.956 5.635   1.00 27.93 ? 2057 HOH A O   1 
HETATM 928  O O   . HOH C 2 .  ? -8.177  -8.301  4.859   1.00 24.51 ? 2058 HOH A O   1 
HETATM 929  O O   . HOH C 2 .  ? -5.411  2.994   1.597   1.00 32.54 ? 2059 HOH A O   1 
HETATM 930  O O   . HOH C 2 .  ? -9.409  -1.923  -3.991  1.00 26.65 ? 2060 HOH A O   1 
HETATM 931  O O   . HOH C 2 .  ? -7.079  0.471   6.449   1.00 32.74 ? 2061 HOH A O   1 
HETATM 932  O O   . HOH C 2 .  ? -3.372  -3.891  10.836  1.00 57.34 ? 2062 HOH A O   1 
HETATM 933  O O   . HOH C 2 .  ? -3.308  0.496   12.831  1.00 79.21 ? 2063 HOH A O   1 
HETATM 934  O O   . HOH C 2 .  ? -3.693  -4.266  7.252   1.00 36.31 ? 2064 HOH A O   1 
HETATM 935  O O   . HOH C 2 .  ? -0.358  9.260   8.262   1.00 33.45 ? 2065 HOH A O   1 
HETATM 936  O O   . HOH C 2 .  ? -4.545  6.458   14.212  1.00 60.78 ? 2066 HOH A O   1 
HETATM 937  O O   . HOH C 2 .  ? -5.951  1.206   11.271  1.00 43.65 ? 2067 HOH A O   1 
HETATM 938  O O   . HOH C 2 .  ? -5.524  5.603   6.971   1.00 48.70 ? 2068 HOH A O   1 
HETATM 939  O O   . HOH C 2 .  ? 1.250   4.149   16.105  1.00 30.42 ? 2069 HOH A O   1 
HETATM 940  O O   . HOH C 2 .  ? 5.357   12.982  6.487   1.00 63.40 ? 2070 HOH A O   1 
HETATM 941  O O   . HOH C 2 .  ? 1.363   10.627  6.594   1.00 43.27 ? 2071 HOH A O   1 
HETATM 942  O O   . HOH C 2 .  ? -0.244  13.013  13.204  1.00 39.58 ? 2072 HOH A O   1 
HETATM 943  O O   . HOH C 2 .  ? 1.854   15.248  13.945  1.00 33.30 ? 2073 HOH A O   1 
HETATM 944  O O   . HOH C 2 .  ? 0.827   12.957  10.722  1.00 40.72 ? 2074 HOH A O   1 
HETATM 945  O O   . HOH C 2 .  ? 7.321   12.771  12.921  1.00 32.89 ? 2075 HOH A O   1 
HETATM 946  O O   . HOH C 2 .  ? 5.877   14.769  13.851  1.00 23.55 ? 2076 HOH A O   1 
HETATM 947  O O   . HOH C 2 .  ? 6.564   11.547  9.787   1.00 22.96 ? 2077 HOH A O   1 
HETATM 948  O O   . HOH C 2 .  ? 5.148   5.039   21.183  1.00 45.34 ? 2078 HOH A O   1 
HETATM 949  O O   . HOH C 2 .  ? 2.224   7.316   19.490  1.00 27.71 ? 2079 HOH A O   1 
HETATM 950  O O   . HOH C 2 .  ? 14.380  13.805  17.423  1.00 41.93 ? 2080 HOH A O   1 
HETATM 951  O O   . HOH C 2 .  ? 7.888   16.640  14.658  1.00 31.11 ? 2081 HOH A O   1 
HETATM 952  O O   . HOH C 2 .  ? 7.221   24.626  24.358  1.00 32.88 ? 2082 HOH A O   1 
HETATM 953  O O   . HOH C 2 .  ? 16.635  19.048  17.791  1.00 40.06 ? 2083 HOH A O   1 
HETATM 954  O O   . HOH C 2 .  ? 14.456  21.600  17.782  1.00 38.59 ? 2084 HOH A O   1 
HETATM 955  O O   . HOH C 2 .  ? 15.348  23.700  19.953  1.00 37.66 ? 2085 HOH A O   1 
HETATM 956  O O   . HOH C 2 .  ? 13.596  26.440  21.311  1.00 26.77 ? 2086 HOH A O   1 
HETATM 957  O O   . HOH C 2 .  ? 9.076   28.023  21.896  1.00 41.11 ? 2087 HOH A O   1 
HETATM 958  O O   . HOH C 2 .  ? 7.478   26.609  22.243  1.00 70.39 ? 2088 HOH A O   1 
HETATM 959  O O   . HOH C 2 .  ? 6.346   20.221  17.419  1.00 25.95 ? 2089 HOH A O   1 
HETATM 960  O O   . HOH C 2 .  ? 13.713  18.035  16.464  1.00 46.25 ? 2090 HOH A O   1 
HETATM 961  O O   . HOH C 2 .  ? 9.516   26.515  16.355  1.00 59.33 ? 2091 HOH A O   1 
HETATM 962  O O   . HOH D 2 .  ? -7.991  -4.842  -29.061 1.00 58.97 ? 2001 HOH B O   1 
HETATM 963  O O   . HOH D 2 .  ? -6.194  -1.045  -11.827 1.00 31.13 ? 2002 HOH B O   1 
HETATM 964  O O   . HOH D 2 .  ? -9.740  -3.424  -13.396 1.00 30.23 ? 2003 HOH B O   1 
HETATM 965  O O   . HOH D 2 .  ? 3.947   -3.876  -13.386 1.00 41.16 ? 2004 HOH B O   1 
HETATM 966  O O   . HOH D 2 .  ? 6.875   0.136   -18.163 1.00 29.23 ? 2005 HOH B O   1 
HETATM 967  O O   . HOH D 2 .  ? -3.366  2.602   -13.103 1.00 38.44 ? 2006 HOH B O   1 
HETATM 968  O O   . HOH D 2 .  ? -1.593  -13.047 -11.799 1.00 30.47 ? 2007 HOH B O   1 
HETATM 969  O O   . HOH D 2 .  ? 1.280   -8.749  -9.567  1.00 35.90 ? 2008 HOH B O   1 
HETATM 970  O O   . HOH D 2 .  ? 0.006   -12.138 -10.150 1.00 55.88 ? 2009 HOH B O   1 
HETATM 971  O O   . HOH D 2 .  ? -7.043  -1.167  -9.006  1.00 31.72 ? 2010 HOH B O   1 
HETATM 972  O O   . HOH D 2 .  ? 2.090   7.341   -2.822  1.00 38.49 ? 2011 HOH B O   1 
HETATM 973  O O   . HOH D 2 .  ? 9.317   7.489   2.391   1.00 41.14 ? 2012 HOH B O   1 
HETATM 974  O O   . HOH D 2 .  ? 6.220   7.138   -4.488  1.00 57.40 ? 2013 HOH B O   1 
HETATM 975  O O   . HOH D 2 .  ? 12.012  7.973   7.329   1.00 39.84 ? 2014 HOH B O   1 
HETATM 976  O O   . HOH D 2 .  ? 8.754   10.866  8.010   1.00 45.05 ? 2015 HOH B O   1 
HETATM 977  O O   . HOH D 2 .  ? 12.875  1.129   17.639  1.00 35.54 ? 2016 HOH B O   1 
HETATM 978  O O   . HOH D 2 .  ? 16.727  8.636   15.085  1.00 29.98 ? 2017 HOH B O   1 
HETATM 979  O O   . HOH D 2 .  ? 16.364  5.637   11.700  1.00 32.49 ? 2018 HOH B O   1 
HETATM 980  O O   . HOH D 2 .  ? 14.670  9.435   11.321  1.00 39.92 ? 2019 HOH B O   1 
HETATM 981  O O   . HOH D 2 .  ? 16.308  0.469   11.448  1.00 49.85 ? 2020 HOH B O   1 
HETATM 982  O O   . HOH D 2 .  ? 6.368   -0.126  18.257  1.00 48.13 ? 2021 HOH B O   1 
HETATM 983  O O   . HOH D 2 .  ? 9.561   3.663   22.648  1.00 33.29 ? 2022 HOH B O   1 
HETATM 984  O O   . HOH D 2 .  ? 10.659  0.862   19.407  1.00 41.61 ? 2023 HOH B O   1 
HETATM 985  O O   . HOH D 2 .  ? 10.359  -2.590  16.188  1.00 38.18 ? 2024 HOH B O   1 
HETATM 986  O O   . HOH D 2 .  ? 16.916  4.277   22.225  1.00 50.37 ? 2025 HOH B O   1 
HETATM 987  O O   . HOH D 2 .  ? 15.238  2.213   18.871  1.00 36.17 ? 2026 HOH B O   1 
HETATM 988  O O   . HOH D 2 .  ? 19.106  5.132   18.703  1.00 45.47 ? 2027 HOH B O   1 
HETATM 989  O O   . HOH D 2 .  ? 11.055  2.238   24.314  1.00 45.35 ? 2028 HOH B O   1 
HETATM 990  O O   . HOH D 2 .  ? -5.275  1.583   -12.403 1.00 42.44 ? 2029 HOH B O   1 
HETATM 991  O O   . HOH D 2 .  ? 6.213   6.710   2.651   1.00 40.96 ? 2030 HOH B O   1 
HETATM 992  O O   . HOH D 2 .  ? 14.896  7.791   7.707   1.00 63.15 ? 2031 HOH B O   1 
HETATM 993  O O   . HOH D 2 .  ? 17.476  10.885  13.326  1.00 47.48 ? 2032 HOH B O   1 
HETATM 994  O O   . HOH D 2 .  ? 18.519  4.782   12.517  1.00 60.11 ? 2033 HOH B O   1 
HETATM 995  O O   . HOH D 2 .  ? 12.839  0.511   21.960  1.00 49.53 ? 2034 HOH B O   1 
HETATM 996  O O   . HOH D 2 .  ? 5.796   -4.103  -17.171 1.00 67.14 ? 2035 HOH B O   1 
HETATM 997  O O   . HOH D 2 .  ? 5.449   7.956   0.501   1.00 66.64 ? 2036 HOH B O   1 
HETATM 998  O O   . HOH D 2 .  ? -21.444 -7.135  -26.033 1.00 35.16 ? 2037 HOH B O   1 
HETATM 999  O O   . HOH D 2 .  ? -16.561 -7.989  -26.059 1.00 51.04 ? 2038 HOH B O   1 
HETATM 1000 O O   . HOH D 2 .  ? -9.564  -6.527  -31.003 1.00 60.90 ? 2039 HOH B O   1 
HETATM 1001 O O   . HOH D 2 .  ? -10.729 -4.352  -26.433 1.00 44.33 ? 2040 HOH B O   1 
HETATM 1002 O O   . HOH D 2 .  ? -4.624  -4.972  -24.431 1.00 54.39 ? 2041 HOH B O   1 
HETATM 1003 O O   . HOH D 2 .  ? -9.509  -2.173  -20.218 1.00 41.19 ? 2042 HOH B O   1 
HETATM 1004 O O   . HOH D 2 .  ? -7.630  -0.812  -18.902 1.00 27.08 ? 2043 HOH B O   1 
HETATM 1005 O O   . HOH D 2 .  ? -7.251  -2.496  -14.333 1.00 22.46 ? 2044 HOH B O   1 
HETATM 1006 O O   . HOH D 2 .  ? -13.917 -6.916  -15.850 1.00 33.84 ? 2045 HOH B O   1 
HETATM 1007 O O   . HOH D 2 .  ? -0.957  -11.678 -17.687 1.00 53.79 ? 2046 HOH B O   1 
HETATM 1008 O O   . HOH D 2 .  ? -0.394  -7.910  -17.961 1.00 42.95 ? 2047 HOH B O   1 
HETATM 1009 O O   . HOH D 2 .  ? 2.335   2.013   -20.101 1.00 21.19 ? 2048 HOH B O   1 
HETATM 1010 O O   . HOH D 2 .  ? 5.231   -1.329  -19.516 1.00 35.58 ? 2049 HOH B O   1 
HETATM 1011 O O   . HOH D 2 .  ? 2.151   -3.669  -15.414 1.00 41.97 ? 2050 HOH B O   1 
HETATM 1012 O O   . HOH D 2 .  ? -3.531  1.364   -21.675 1.00 45.69 ? 2051 HOH B O   1 
HETATM 1013 O O   . HOH D 2 .  ? -0.682  1.611   -15.105 1.00 37.61 ? 2052 HOH B O   1 
HETATM 1014 O O   . HOH D 2 .  ? 2.749   -6.563  -10.151 1.00 22.97 ? 2053 HOH B O   1 
HETATM 1015 O O   . HOH D 2 .  ? 4.267   -7.986  -13.933 1.00 58.81 ? 2054 HOH B O   1 
HETATM 1016 O O   . HOH D 2 .  ? 1.262   -10.479 -11.084 1.00 44.38 ? 2055 HOH B O   1 
HETATM 1017 O O   . HOH D 2 .  ? -1.657  -11.509 -14.106 1.00 24.58 ? 2056 HOH B O   1 
HETATM 1018 O O   . HOH D 2 .  ? -1.174  2.210   -10.679 1.00 29.40 ? 2057 HOH B O   1 
HETATM 1019 O O   . HOH D 2 .  ? -6.549  0.997   -7.509  1.00 34.44 ? 2058 HOH B O   1 
HETATM 1020 O O   . HOH D 2 .  ? -3.539  4.289   -8.691  1.00 30.82 ? 2059 HOH B O   1 
HETATM 1021 O O   . HOH D 2 .  ? 6.809   -3.071  -6.252  1.00 21.15 ? 2060 HOH B O   1 
HETATM 1022 O O   . HOH D 2 .  ? 2.732   5.299   -4.573  1.00 35.79 ? 2061 HOH B O   1 
HETATM 1023 O O   . HOH D 2 .  ? -2.668  6.521   -6.925  1.00 40.11 ? 2062 HOH B O   1 
HETATM 1024 O O   . HOH D 2 .  ? 4.462   3.595   -4.506  1.00 18.42 ? 2063 HOH B O   1 
HETATM 1025 O O   . HOH D 2 .  ? -2.133  5.509   -2.263  1.00 35.81 ? 2064 HOH B O   1 
HETATM 1026 O O   . HOH D 2 .  ? -4.105  3.638   -2.854  1.00 38.19 ? 2065 HOH B O   1 
HETATM 1027 O O   . HOH D 2 .  ? 4.287   -6.744  -7.738  1.00 20.98 ? 2066 HOH B O   1 
HETATM 1028 O O   . HOH D 2 .  ? 11.940  4.518   -5.818  1.00 26.93 ? 2067 HOH B O   1 
HETATM 1029 O O   . HOH D 2 .  ? 10.272  0.272   -0.230  1.00 35.39 ? 2068 HOH B O   1 
HETATM 1030 O O   . HOH D 2 .  ? 10.710  5.147   3.783   1.00 39.62 ? 2069 HOH B O   1 
HETATM 1031 O O   . HOH D 2 .  ? 5.885   4.794   -2.305  1.00 28.31 ? 2070 HOH B O   1 
HETATM 1032 O O   . HOH D 2 .  ? 8.659   -1.493  10.321  1.00 32.79 ? 2071 HOH B O   1 
HETATM 1033 O O   . HOH D 2 .  ? 13.302  -2.722  5.201   1.00 57.68 ? 2072 HOH B O   1 
HETATM 1034 O O   . HOH D 2 .  ? 11.207  -1.682  7.149   1.00 58.18 ? 2073 HOH B O   1 
HETATM 1035 O O   . HOH D 2 .  ? 14.027  3.185   8.368   1.00 35.01 ? 2074 HOH B O   1 
HETATM 1036 O O   . HOH D 2 .  ? 11.901  3.325   2.107   1.00 42.93 ? 2075 HOH B O   1 
HETATM 1037 O O   . HOH D 2 .  ? 10.493  8.463   9.508   1.00 39.64 ? 2076 HOH B O   1 
HETATM 1038 O O   . HOH D 2 .  ? 12.270  5.713   5.858   1.00 36.09 ? 2077 HOH B O   1 
HETATM 1039 O O   . HOH D 2 .  ? 8.591   -1.909  12.927  1.00 26.20 ? 2078 HOH B O   1 
HETATM 1040 O O   . HOH D 2 .  ? 12.494  0.751   14.927  1.00 30.97 ? 2079 HOH B O   1 
HETATM 1041 O O   . HOH D 2 .  ? 15.294  3.418   10.656  1.00 36.71 ? 2080 HOH B O   1 
HETATM 1042 O O   . HOH D 2 .  ? 15.112  7.389   13.183  1.00 24.67 ? 2081 HOH B O   1 
HETATM 1043 O O   . HOH D 2 .  ? 10.228  -0.516  14.648  1.00 26.27 ? 2082 HOH B O   1 
HETATM 1044 O O   . HOH D 2 .  ? 7.170   3.695   18.886  1.00 26.89 ? 2083 HOH B O   1 
HETATM 1045 O O   . HOH D 2 .  ? 9.675   3.248   19.911  1.00 25.95 ? 2084 HOH B O   1 
HETATM 1046 O O   . HOH D 2 .  ? 5.073   1.541   16.304  1.00 28.04 ? 2085 HOH B O   1 
HETATM 1047 O O   . HOH D 2 .  ? 16.003  4.596   19.490  1.00 38.57 ? 2086 HOH B O   1 
HETATM 1048 O O   . HOH D 2 .  ? 12.986  13.743  11.865  1.00 61.77 ? 2087 HOH B O   1 
HETATM 1049 O O   . HOH D 2 .  ? 14.700  11.588  18.547  1.00 40.56 ? 2088 HOH B O   1 
HETATM 1050 O O   . HOH D 2 .  ? 11.942  9.677   11.297  1.00 41.76 ? 2089 HOH B O   1 
HETATM 1051 O O   . HOH D 2 .  ? 10.121  12.754  12.804  1.00 26.53 ? 2090 HOH B O   1 
HETATM 1052 O O   . HOH D 2 .  ? 13.094  3.941   24.918  1.00 40.05 ? 2091 HOH B O   1 
HETATM 1053 O O   . HOH D 2 .  ? 18.390  8.328   24.219  1.00 42.41 ? 2092 HOH B O   1 
HETATM 1054 O O   . HOH D 2 .  ? 16.754  9.517   17.716  1.00 29.80 ? 2093 HOH B O   1 
HETATM 1055 O O   . HOH D 2 .  ? 14.916  16.185  17.940  1.00 54.68 ? 2094 HOH B O   1 
HETATM 1056 O O   . HOH D 2 .  ? 4.996   5.640   23.745  1.00 65.17 ? 2095 HOH B O   1 
HETATM 1057 O O   . HOH D 2 .  ? 5.808   2.721   28.795  1.00 54.13 ? 2096 HOH B O   1 
HETATM 1058 O O   . HOH D 2 .  ? 6.374   4.027   22.804  1.00 35.94 ? 2097 HOH B O   1 
HETATM 1059 O O   . HOH D 2 .  ? 7.557   8.577   28.001  1.00 46.74 ? 2098 HOH B O   1 
HETATM 1060 O O   . HOH D 2 .  ? 6.222   6.806   30.027  1.00 61.97 ? 2099 HOH B O   1 
HETATM 1061 O O   . HOH D 2 .  ? 9.648   9.821   31.377  1.00 41.57 ? 2100 HOH B O   1 
HETATM 1062 O O   . HOH D 2 .  ? 10.241  9.746   34.203  1.00 45.18 ? 2101 HOH B O   1 
HETATM 1063 O O   . HOH D 2 .  ? 13.514  12.045  33.726  1.00 53.46 ? 2102 HOH B O   1 
HETATM 1064 O O   . HOH D 2 .  ? 14.259  4.156   30.158  1.00 44.44 ? 2103 HOH B O   1 
# 
loop_
_pdbx_poly_seq_scheme.asym_id 
_pdbx_poly_seq_scheme.entity_id 
_pdbx_poly_seq_scheme.seq_id 
_pdbx_poly_seq_scheme.mon_id 
_pdbx_poly_seq_scheme.ndb_seq_num 
_pdbx_poly_seq_scheme.pdb_seq_num 
_pdbx_poly_seq_scheme.auth_seq_num 
_pdbx_poly_seq_scheme.pdb_mon_id 
_pdbx_poly_seq_scheme.auth_mon_id 
_pdbx_poly_seq_scheme.pdb_strand_id 
_pdbx_poly_seq_scheme.pdb_ins_code 
_pdbx_poly_seq_scheme.hetero 
A 1 1  ARG 1  354 ?   ?   ?   A . n 
A 1 2  MET 2  355 355 MET MET A . n 
A 1 3  LYS 3  356 356 LYS LYS A . n 
A 1 4  GLN 4  357 357 GLN GLN A . n 
A 1 5  LEU 5  358 358 LEU LEU A . n 
A 1 6  GLU 6  359 359 GLU GLU A . n 
A 1 7  ASP 7  360 360 ASP ASP A . n 
A 1 8  LYS 8  361 361 LYS LYS A . n 
A 1 9  VAL 9  362 362 VAL VAL A . n 
A 1 10 GLU 10 363 363 GLU GLU A . n 
A 1 11 GLU 11 364 364 GLU GLU A . n 
A 1 12 LEU 12 365 365 LEU LEU A . n 
A 1 13 LEU 13 366 366 LEU LEU A . n 
A 1 14 SER 14 367 367 SER SER A . n 
A 1 15 LYS 15 368 368 LYS LYS A . n 
A 1 16 ASN 16 369 369 ASN ASN A . n 
A 1 17 TYR 17 370 370 TYR TYR A . n 
A 1 18 HIS 18 371 371 HIS HIS A . n 
A 1 19 LEU 19 372 372 LEU LEU A . n 
A 1 20 GLU 20 373 373 GLU GLU A . n 
A 1 21 ASN 21 374 374 ASN ASN A . n 
A 1 22 GLU 22 375 375 GLU GLU A . n 
A 1 23 VAL 23 376 376 VAL VAL A . n 
A 1 24 ALA 24 377 377 ALA ALA A . n 
A 1 25 ARG 25 378 378 ARG ARG A . n 
A 1 26 LEU 26 379 379 LEU LEU A . n 
A 1 27 LYS 27 380 380 LYS LYS A . n 
A 1 28 LYS 28 381 381 LYS LYS A . n 
A 1 29 LEU 29 382 382 LEU LEU A . n 
A 1 30 VAL 30 383 383 VAL VAL A . n 
A 1 31 GLY 31 384 384 GLY GLY A . n 
A 1 32 ASP 32 385 385 ASP ASP A . n 
A 1 33 LEU 33 386 386 LEU LEU A . n 
A 1 34 LEU 34 387 387 LEU LEU A . n 
A 1 35 ASN 35 388 388 ASN ASN A . n 
A 1 36 VAL 36 389 389 VAL VAL A . n 
A 1 37 LYS 37 390 390 LYS LYS A . n 
A 1 38 MET 38 391 391 MET MET A . n 
A 1 39 ALA 39 392 392 ALA ALA A . n 
A 1 40 LEU 40 393 393 LEU LEU A . n 
A 1 41 ASP 41 394 394 ASP ASP A . n 
A 1 42 ILE 42 395 395 ILE ILE A . n 
A 1 43 GLU 43 396 396 GLU GLU A . n 
A 1 44 ILE 44 397 397 ILE ILE A . n 
A 1 45 ALA 45 398 398 ALA ALA A . n 
A 1 46 THR 46 399 399 THR THR A . n 
A 1 47 TYR 47 400 400 TYR TYR A . n 
A 1 48 ARG 48 401 401 ARG ARG A . n 
A 1 49 LYS 49 402 402 LYS LYS A . n 
A 1 50 LEU 50 403 403 LEU LEU A . n 
A 1 51 LEU 51 404 404 LEU LEU A . n 
A 1 52 GLU 52 405 405 GLU GLU A . n 
A 1 53 GLY 53 406 406 GLY GLY A . n 
A 1 54 GLU 54 407 407 GLU GLU A . n 
A 1 55 GLU 55 408 408 GLU GLU A . n 
A 1 56 SER 56 409 409 SER SER A . n 
A 1 57 ARG 57 410 ?   ?   ?   A . n 
A 1 58 ILE 58 411 ?   ?   ?   A . n 
A 1 59 SER 59 412 ?   ?   ?   A . n 
B 1 1  ARG 1  354 ?   ?   ?   B . n 
B 1 2  MET 2  355 355 MET MET B . n 
B 1 3  LYS 3  356 356 LYS LYS B . n 
B 1 4  GLN 4  357 357 GLN GLN B . n 
B 1 5  LEU 5  358 358 LEU LEU B . n 
B 1 6  GLU 6  359 359 GLU GLU B . n 
B 1 7  ASP 7  360 360 ASP ASP B . n 
B 1 8  LYS 8  361 361 LYS LYS B . n 
B 1 9  VAL 9  362 362 VAL VAL B . n 
B 1 10 GLU 10 363 363 GLU GLU B . n 
B 1 11 GLU 11 364 364 GLU GLU B . n 
B 1 12 LEU 12 365 365 LEU LEU B . n 
B 1 13 LEU 13 366 366 LEU LEU B . n 
B 1 14 SER 14 367 367 SER SER B . n 
B 1 15 LYS 15 368 368 LYS LYS B . n 
B 1 16 ASN 16 369 369 ASN ASN B . n 
B 1 17 TYR 17 370 370 TYR TYR B . n 
B 1 18 HIS 18 371 371 HIS HIS B . n 
B 1 19 LEU 19 372 372 LEU LEU B . n 
B 1 20 GLU 20 373 373 GLU GLU B . n 
B 1 21 ASN 21 374 374 ASN ASN B . n 
B 1 22 GLU 22 375 375 GLU GLU B . n 
B 1 23 VAL 23 376 376 VAL VAL B . n 
B 1 24 ALA 24 377 377 ALA ALA B . n 
B 1 25 ARG 25 378 378 ARG ARG B . n 
B 1 26 LEU 26 379 379 LEU LEU B . n 
B 1 27 LYS 27 380 380 LYS LYS B . n 
B 1 28 LYS 28 381 381 LYS LYS B . n 
B 1 29 LEU 29 382 382 LEU LEU B . n 
B 1 30 VAL 30 383 383 VAL VAL B . n 
B 1 31 GLY 31 384 384 GLY GLY B . n 
B 1 32 ASP 32 385 385 ASP ASP B . n 
B 1 33 LEU 33 386 386 LEU LEU B . n 
B 1 34 LEU 34 387 387 LEU LEU B . n 
B 1 35 ASN 35 388 388 ASN ASN B . n 
B 1 36 VAL 36 389 389 VAL VAL B . n 
B 1 37 LYS 37 390 390 LYS LYS B . n 
B 1 38 MET 38 391 391 MET MET B . n 
B 1 39 ALA 39 392 392 ALA ALA B . n 
B 1 40 LEU 40 393 393 LEU LEU B . n 
B 1 41 ASP 41 394 394 ASP ASP B . n 
B 1 42 ILE 42 395 395 ILE ILE B . n 
B 1 43 GLU 43 396 396 GLU GLU B . n 
B 1 44 ILE 44 397 397 ILE ILE B . n 
B 1 45 ALA 45 398 398 ALA ALA B . n 
B 1 46 THR 46 399 399 THR THR B . n 
B 1 47 TYR 47 400 400 TYR TYR B . n 
B 1 48 ARG 48 401 401 ARG ARG B . n 
B 1 49 LYS 49 402 402 LYS LYS B . n 
B 1 50 LEU 50 403 403 LEU LEU B . n 
B 1 51 LEU 51 404 404 LEU LEU B . n 
B 1 52 GLU 52 405 405 GLU GLU B . n 
B 1 53 GLY 53 406 406 GLY GLY B . n 
B 1 54 GLU 54 407 ?   ?   ?   B . n 
B 1 55 GLU 55 408 ?   ?   ?   B . n 
B 1 56 SER 56 409 ?   ?   ?   B . n 
B 1 57 ARG 57 410 ?   ?   ?   B . n 
B 1 58 ILE 58 411 ?   ?   ?   B . n 
B 1 59 SER 59 412 ?   ?   ?   B . n 
# 
loop_
_pdbx_nonpoly_scheme.asym_id 
_pdbx_nonpoly_scheme.entity_id 
_pdbx_nonpoly_scheme.mon_id 
_pdbx_nonpoly_scheme.ndb_seq_num 
_pdbx_nonpoly_scheme.pdb_seq_num 
_pdbx_nonpoly_scheme.auth_seq_num 
_pdbx_nonpoly_scheme.pdb_mon_id 
_pdbx_nonpoly_scheme.auth_mon_id 
_pdbx_nonpoly_scheme.pdb_strand_id 
_pdbx_nonpoly_scheme.pdb_ins_code 
C 2 HOH 1   2001 2001 HOH HOH A . 
C 2 HOH 2   2002 2002 HOH HOH A . 
C 2 HOH 3   2003 2003 HOH HOH A . 
C 2 HOH 4   2004 2004 HOH HOH A . 
C 2 HOH 5   2005 2005 HOH HOH A . 
C 2 HOH 6   2006 2006 HOH HOH A . 
C 2 HOH 7   2007 2007 HOH HOH A . 
C 2 HOH 8   2008 2008 HOH HOH A . 
C 2 HOH 9   2009 2009 HOH HOH A . 
C 2 HOH 10  2010 2010 HOH HOH A . 
C 2 HOH 11  2011 2011 HOH HOH A . 
C 2 HOH 12  2012 2012 HOH HOH A . 
C 2 HOH 13  2013 2013 HOH HOH A . 
C 2 HOH 14  2014 2014 HOH HOH A . 
C 2 HOH 15  2015 2015 HOH HOH A . 
C 2 HOH 16  2016 2016 HOH HOH A . 
C 2 HOH 17  2017 2017 HOH HOH A . 
C 2 HOH 18  2018 2018 HOH HOH A . 
C 2 HOH 19  2019 2019 HOH HOH A . 
C 2 HOH 20  2020 2020 HOH HOH A . 
C 2 HOH 21  2021 2021 HOH HOH A . 
C 2 HOH 22  2022 2022 HOH HOH A . 
C 2 HOH 23  2023 2023 HOH HOH A . 
C 2 HOH 24  2024 2024 HOH HOH A . 
C 2 HOH 25  2025 2025 HOH HOH A . 
C 2 HOH 26  2026 2026 HOH HOH A . 
C 2 HOH 27  2027 2027 HOH HOH A . 
C 2 HOH 28  2028 2028 HOH HOH A . 
C 2 HOH 29  2029 2029 HOH HOH A . 
C 2 HOH 30  2030 2030 HOH HOH A . 
C 2 HOH 31  2031 2031 HOH HOH A . 
C 2 HOH 32  2032 2032 HOH HOH A . 
C 2 HOH 33  2033 2033 HOH HOH A . 
C 2 HOH 34  2034 2034 HOH HOH A . 
C 2 HOH 35  2035 2035 HOH HOH A . 
C 2 HOH 36  2036 2036 HOH HOH A . 
C 2 HOH 37  2037 2037 HOH HOH A . 
C 2 HOH 38  2038 2038 HOH HOH A . 
C 2 HOH 39  2039 2039 HOH HOH A . 
C 2 HOH 40  2040 2040 HOH HOH A . 
C 2 HOH 41  2041 2041 HOH HOH A . 
C 2 HOH 42  2042 2042 HOH HOH A . 
C 2 HOH 43  2043 2043 HOH HOH A . 
C 2 HOH 44  2044 2044 HOH HOH A . 
C 2 HOH 45  2045 2045 HOH HOH A . 
C 2 HOH 46  2046 2046 HOH HOH A . 
C 2 HOH 47  2047 2047 HOH HOH A . 
C 2 HOH 48  2048 2048 HOH HOH A . 
C 2 HOH 49  2049 2049 HOH HOH A . 
C 2 HOH 50  2050 2050 HOH HOH A . 
C 2 HOH 51  2051 2051 HOH HOH A . 
C 2 HOH 52  2052 2052 HOH HOH A . 
C 2 HOH 53  2053 2053 HOH HOH A . 
C 2 HOH 54  2054 2054 HOH HOH A . 
C 2 HOH 55  2055 2055 HOH HOH A . 
C 2 HOH 56  2056 2056 HOH HOH A . 
C 2 HOH 57  2057 2057 HOH HOH A . 
C 2 HOH 58  2058 2058 HOH HOH A . 
C 2 HOH 59  2059 2059 HOH HOH A . 
C 2 HOH 60  2060 2060 HOH HOH A . 
C 2 HOH 61  2061 2061 HOH HOH A . 
C 2 HOH 62  2062 2062 HOH HOH A . 
C 2 HOH 63  2063 2063 HOH HOH A . 
C 2 HOH 64  2064 2064 HOH HOH A . 
C 2 HOH 65  2065 2065 HOH HOH A . 
C 2 HOH 66  2066 2066 HOH HOH A . 
C 2 HOH 67  2067 2067 HOH HOH A . 
C 2 HOH 68  2068 2068 HOH HOH A . 
C 2 HOH 69  2069 2069 HOH HOH A . 
C 2 HOH 70  2070 2070 HOH HOH A . 
C 2 HOH 71  2071 2071 HOH HOH A . 
C 2 HOH 72  2072 2072 HOH HOH A . 
C 2 HOH 73  2073 2073 HOH HOH A . 
C 2 HOH 74  2074 2074 HOH HOH A . 
C 2 HOH 75  2075 2075 HOH HOH A . 
C 2 HOH 76  2076 2076 HOH HOH A . 
C 2 HOH 77  2077 2077 HOH HOH A . 
C 2 HOH 78  2078 2078 HOH HOH A . 
C 2 HOH 79  2079 2079 HOH HOH A . 
C 2 HOH 80  2080 2080 HOH HOH A . 
C 2 HOH 81  2081 2081 HOH HOH A . 
C 2 HOH 82  2082 2082 HOH HOH A . 
C 2 HOH 83  2083 2083 HOH HOH A . 
C 2 HOH 84  2084 2084 HOH HOH A . 
C 2 HOH 85  2085 2085 HOH HOH A . 
C 2 HOH 86  2086 2086 HOH HOH A . 
C 2 HOH 87  2087 2087 HOH HOH A . 
C 2 HOH 88  2088 2088 HOH HOH A . 
C 2 HOH 89  2089 2089 HOH HOH A . 
C 2 HOH 90  2090 2090 HOH HOH A . 
C 2 HOH 91  2091 2091 HOH HOH A . 
D 2 HOH 1   2001 2001 HOH HOH B . 
D 2 HOH 2   2002 2002 HOH HOH B . 
D 2 HOH 3   2003 2003 HOH HOH B . 
D 2 HOH 4   2004 2004 HOH HOH B . 
D 2 HOH 5   2005 2005 HOH HOH B . 
D 2 HOH 6   2006 2006 HOH HOH B . 
D 2 HOH 7   2007 2007 HOH HOH B . 
D 2 HOH 8   2008 2008 HOH HOH B . 
D 2 HOH 9   2009 2009 HOH HOH B . 
D 2 HOH 10  2010 2010 HOH HOH B . 
D 2 HOH 11  2011 2011 HOH HOH B . 
D 2 HOH 12  2012 2012 HOH HOH B . 
D 2 HOH 13  2013 2013 HOH HOH B . 
D 2 HOH 14  2014 2014 HOH HOH B . 
D 2 HOH 15  2015 2015 HOH HOH B . 
D 2 HOH 16  2016 2016 HOH HOH B . 
D 2 HOH 17  2017 2017 HOH HOH B . 
D 2 HOH 18  2018 2018 HOH HOH B . 
D 2 HOH 19  2019 2019 HOH HOH B . 
D 2 HOH 20  2020 2020 HOH HOH B . 
D 2 HOH 21  2021 2021 HOH HOH B . 
D 2 HOH 22  2022 2022 HOH HOH B . 
D 2 HOH 23  2023 2023 HOH HOH B . 
D 2 HOH 24  2024 2024 HOH HOH B . 
D 2 HOH 25  2025 2025 HOH HOH B . 
D 2 HOH 26  2026 2026 HOH HOH B . 
D 2 HOH 27  2027 2027 HOH HOH B . 
D 2 HOH 28  2028 2028 HOH HOH B . 
D 2 HOH 29  2029 2029 HOH HOH B . 
D 2 HOH 30  2030 2030 HOH HOH B . 
D 2 HOH 31  2031 2031 HOH HOH B . 
D 2 HOH 32  2032 2032 HOH HOH B . 
D 2 HOH 33  2033 2033 HOH HOH B . 
D 2 HOH 34  2034 2034 HOH HOH B . 
D 2 HOH 35  2035 2035 HOH HOH B . 
D 2 HOH 36  2036 2036 HOH HOH B . 
D 2 HOH 37  2037 2037 HOH HOH B . 
D 2 HOH 38  2038 2038 HOH HOH B . 
D 2 HOH 39  2039 2039 HOH HOH B . 
D 2 HOH 40  2040 2040 HOH HOH B . 
D 2 HOH 41  2041 2041 HOH HOH B . 
D 2 HOH 42  2042 2042 HOH HOH B . 
D 2 HOH 43  2043 2043 HOH HOH B . 
D 2 HOH 44  2044 2044 HOH HOH B . 
D 2 HOH 45  2045 2045 HOH HOH B . 
D 2 HOH 46  2046 2046 HOH HOH B . 
D 2 HOH 47  2047 2047 HOH HOH B . 
D 2 HOH 48  2048 2048 HOH HOH B . 
D 2 HOH 49  2049 2049 HOH HOH B . 
D 2 HOH 50  2050 2050 HOH HOH B . 
D 2 HOH 51  2051 2051 HOH HOH B . 
D 2 HOH 52  2052 2052 HOH HOH B . 
D 2 HOH 53  2053 2053 HOH HOH B . 
D 2 HOH 54  2054 2054 HOH HOH B . 
D 2 HOH 55  2055 2055 HOH HOH B . 
D 2 HOH 56  2056 2056 HOH HOH B . 
D 2 HOH 57  2057 2057 HOH HOH B . 
D 2 HOH 58  2058 2058 HOH HOH B . 
D 2 HOH 59  2059 2059 HOH HOH B . 
D 2 HOH 60  2060 2060 HOH HOH B . 
D 2 HOH 61  2061 2061 HOH HOH B . 
D 2 HOH 62  2062 2062 HOH HOH B . 
D 2 HOH 63  2063 2063 HOH HOH B . 
D 2 HOH 64  2064 2064 HOH HOH B . 
D 2 HOH 65  2065 2065 HOH HOH B . 
D 2 HOH 66  2066 2066 HOH HOH B . 
D 2 HOH 67  2067 2067 HOH HOH B . 
D 2 HOH 68  2068 2068 HOH HOH B . 
D 2 HOH 69  2069 2069 HOH HOH B . 
D 2 HOH 70  2070 2070 HOH HOH B . 
D 2 HOH 71  2071 2071 HOH HOH B . 
D 2 HOH 72  2072 2072 HOH HOH B . 
D 2 HOH 73  2073 2073 HOH HOH B . 
D 2 HOH 74  2074 2074 HOH HOH B . 
D 2 HOH 75  2075 2075 HOH HOH B . 
D 2 HOH 76  2076 2076 HOH HOH B . 
D 2 HOH 77  2077 2077 HOH HOH B . 
D 2 HOH 78  2078 2078 HOH HOH B . 
D 2 HOH 79  2079 2079 HOH HOH B . 
D 2 HOH 80  2080 2080 HOH HOH B . 
D 2 HOH 81  2081 2081 HOH HOH B . 
D 2 HOH 82  2082 2082 HOH HOH B . 
D 2 HOH 83  2083 2083 HOH HOH B . 
D 2 HOH 84  2084 2084 HOH HOH B . 
D 2 HOH 85  2085 2085 HOH HOH B . 
D 2 HOH 86  2086 2086 HOH HOH B . 
D 2 HOH 87  2087 2087 HOH HOH B . 
D 2 HOH 88  2088 2088 HOH HOH B . 
D 2 HOH 89  2089 2089 HOH HOH B . 
D 2 HOH 90  2090 2090 HOH HOH B . 
D 2 HOH 91  2091 2091 HOH HOH B . 
D 2 HOH 92  2092 2092 HOH HOH B . 
D 2 HOH 93  2093 2093 HOH HOH B . 
D 2 HOH 94  2094 2094 HOH HOH B . 
D 2 HOH 95  2095 2095 HOH HOH B . 
D 2 HOH 96  2096 2096 HOH HOH B . 
D 2 HOH 97  2097 2097 HOH HOH B . 
D 2 HOH 98  2098 2098 HOH HOH B . 
D 2 HOH 99  2099 2099 HOH HOH B . 
D 2 HOH 100 2100 2100 HOH HOH B . 
D 2 HOH 101 2101 2101 HOH HOH B . 
D 2 HOH 102 2102 2102 HOH HOH B . 
D 2 HOH 103 2103 2103 HOH HOH B . 
# 
_pdbx_struct_assembly.id                   1 
_pdbx_struct_assembly.details              author_and_software_defined_assembly 
_pdbx_struct_assembly.method_details       PISA 
_pdbx_struct_assembly.oligomeric_details   dimeric 
_pdbx_struct_assembly.oligomeric_count     2 
# 
_pdbx_struct_assembly_gen.assembly_id       1 
_pdbx_struct_assembly_gen.oper_expression   1 
_pdbx_struct_assembly_gen.asym_id_list      A,B,C,D 
# 
loop_
_pdbx_struct_assembly_prop.biol_id 
_pdbx_struct_assembly_prop.type 
_pdbx_struct_assembly_prop.value 
_pdbx_struct_assembly_prop.details 
1 'ABSA (A^2)' 2650  ? 
1 MORE         -32.4 ? 
1 'SSA (A^2)'  8010  ? 
# 
_pdbx_struct_oper_list.id                   1 
_pdbx_struct_oper_list.type                 'identity operation' 
_pdbx_struct_oper_list.name                 1_555 
_pdbx_struct_oper_list.symmetry_operation   x,y,z 
_pdbx_struct_oper_list.matrix[1][1]         1.0000000000 
_pdbx_struct_oper_list.matrix[1][2]         0.0000000000 
_pdbx_struct_oper_list.matrix[1][3]         0.0000000000 
_pdbx_struct_oper_list.vector[1]            0.0000000000 
_pdbx_struct_oper_list.matrix[2][1]         0.0000000000 
_pdbx_struct_oper_list.matrix[2][2]         1.0000000000 
_pdbx_struct_oper_list.matrix[2][3]         0.0000000000 
_pdbx_struct_oper_list.vector[2]            0.0000000000 
_pdbx_struct_oper_list.matrix[3][1]         0.0000000000 
_pdbx_struct_oper_list.matrix[3][2]         0.0000000000 
_pdbx_struct_oper_list.matrix[3][3]         1.0000000000 
_pdbx_struct_oper_list.vector[3]            0.0000000000 
# 
loop_
_pdbx_audit_revision_history.ordinal 
_pdbx_audit_revision_history.data_content_type 
_pdbx_audit_revision_history.major_revision 
_pdbx_audit_revision_history.minor_revision 
_pdbx_audit_revision_history.revision_date 
1 'Structure model' 1 0 2002-03-15 
2 'Structure model' 1 1 2015-11-25 
3 'Structure model' 1 2 2017-03-15 
4 'Structure model' 1 3 2019-05-08 
5 'Structure model' 1 4 2019-07-24 
6 'Structure model' 1 5 2023-12-13 
# 
_pdbx_audit_revision_details.ordinal             1 
_pdbx_audit_revision_details.revision_ordinal    1 
_pdbx_audit_revision_details.data_content_type   'Structure model' 
_pdbx_audit_revision_details.provider            repository 
_pdbx_audit_revision_details.type                'Initial release' 
_pdbx_audit_revision_details.description         ? 
_pdbx_audit_revision_details.details             ? 
# 
loop_
_pdbx_audit_revision_group.ordinal 
_pdbx_audit_revision_group.revision_ordinal 
_pdbx_audit_revision_group.data_content_type 
_pdbx_audit_revision_group.group 
1  2 'Structure model' 'Data collection'           
2  2 'Structure model' 'Derived calculations'      
3  2 'Structure model' 'Non-polymer description'   
4  2 'Structure model' Other                       
5  2 'Structure model' 'Source and taxonomy'       
6  2 'Structure model' 'Structure summary'         
7  2 'Structure model' 'Version format compliance' 
8  3 'Structure model' 'Source and taxonomy'       
9  4 'Structure model' 'Data collection'           
10 4 'Structure model' 'Experimental preparation'  
11 5 'Structure model' 'Data collection'           
12 6 'Structure model' 'Data collection'           
13 6 'Structure model' 'Database references'       
14 6 'Structure model' Other                       
15 6 'Structure model' 'Refinement description'    
# 
loop_
_pdbx_audit_revision_category.ordinal 
_pdbx_audit_revision_category.revision_ordinal 
_pdbx_audit_revision_category.data_content_type 
_pdbx_audit_revision_category.category 
1 4 'Structure model' database_PDB_rev              
2 4 'Structure model' database_PDB_rev_record       
3 4 'Structure model' exptl_crystal_grow            
4 5 'Structure model' diffrn_source                 
5 6 'Structure model' chem_comp_atom                
6 6 'Structure model' chem_comp_bond                
7 6 'Structure model' database_2                    
8 6 'Structure model' pdbx_database_status          
9 6 'Structure model' pdbx_initial_refinement_model 
# 
loop_
_pdbx_audit_revision_item.ordinal 
_pdbx_audit_revision_item.revision_ordinal 
_pdbx_audit_revision_item.data_content_type 
_pdbx_audit_revision_item.item 
1 4 'Structure model' '_exptl_crystal_grow.method'           
2 5 'Structure model' '_diffrn_source.pdbx_synchrotron_site' 
3 6 'Structure model' '_database_2.pdbx_DOI'                 
4 6 'Structure model' '_database_2.pdbx_database_accession'  
5 6 'Structure model' '_pdbx_database_status.status_code_sf' 
# 
loop_
_software.name 
_software.classification 
_software.version 
_software.citation_id 
_software.pdbx_ordinal 
REFMAC    refinement       5 ? 1 
DENZO     'data reduction' . ? 2 
SCALEPACK 'data scaling'   . ? 3 
CCP4      phasing          . ? 4 
# 
_pdbx_entry_details.entry_id                 1GK6 
_pdbx_entry_details.compound_details         ? 
_pdbx_entry_details.source_details           ? 
_pdbx_entry_details.nonpolymer_details       ? 
_pdbx_entry_details.sequence_details         
;THE RESIDUE NUMBERING USED IN THE LITERATURE FOR
 VIMENTIN DIFFERS BY +1 FROM THE NUMBERING USED
 IN SWISSPROT ENTRY P08670
;
_pdbx_entry_details.has_ligand_of_interest   ? 
# 
_pdbx_validate_close_contact.id               1 
_pdbx_validate_close_contact.PDB_model_num    1 
_pdbx_validate_close_contact.auth_atom_id_1   O 
_pdbx_validate_close_contact.auth_asym_id_1   A 
_pdbx_validate_close_contact.auth_comp_id_1   HOH 
_pdbx_validate_close_contact.auth_seq_id_1    2087 
_pdbx_validate_close_contact.PDB_ins_code_1   ? 
_pdbx_validate_close_contact.label_alt_id_1   ? 
_pdbx_validate_close_contact.auth_atom_id_2   O 
_pdbx_validate_close_contact.auth_asym_id_2   A 
_pdbx_validate_close_contact.auth_comp_id_2   HOH 
_pdbx_validate_close_contact.auth_seq_id_2    2088 
_pdbx_validate_close_contact.PDB_ins_code_2   ? 
_pdbx_validate_close_contact.label_alt_id_2   ? 
_pdbx_validate_close_contact.dist             2.16 
# 
loop_
_pdbx_validate_symm_contact.id 
_pdbx_validate_symm_contact.PDB_model_num 
_pdbx_validate_symm_contact.auth_atom_id_1 
_pdbx_validate_symm_contact.auth_asym_id_1 
_pdbx_validate_symm_contact.auth_comp_id_1 
_pdbx_validate_symm_contact.auth_seq_id_1 
_pdbx_validate_symm_contact.PDB_ins_code_1 
_pdbx_validate_symm_contact.label_alt_id_1 
_pdbx_validate_symm_contact.site_symmetry_1 
_pdbx_validate_symm_contact.auth_atom_id_2 
_pdbx_validate_symm_contact.auth_asym_id_2 
_pdbx_validate_symm_contact.auth_comp_id_2 
_pdbx_validate_symm_contact.auth_seq_id_2 
_pdbx_validate_symm_contact.PDB_ins_code_2 
_pdbx_validate_symm_contact.label_alt_id_2 
_pdbx_validate_symm_contact.site_symmetry_2 
_pdbx_validate_symm_contact.dist 
1 1 O A HOH 2050 ? ? 1_555 O A HOH 2050 ? ? 6_765 0.84 
2 1 O A HOH 2009 ? ? 1_555 O A HOH 2009 ? ? 6_765 1.31 
# 
_pdbx_validate_torsion.id              1 
_pdbx_validate_torsion.PDB_model_num   1 
_pdbx_validate_torsion.auth_comp_id    GLN 
_pdbx_validate_torsion.auth_asym_id    B 
_pdbx_validate_torsion.auth_seq_id     357 
_pdbx_validate_torsion.PDB_ins_code    ? 
_pdbx_validate_torsion.label_alt_id    ? 
_pdbx_validate_torsion.phi             -38.32 
_pdbx_validate_torsion.psi             -36.37 
# 
loop_
_pdbx_distant_solvent_atoms.id 
_pdbx_distant_solvent_atoms.PDB_model_num 
_pdbx_distant_solvent_atoms.auth_atom_id 
_pdbx_distant_solvent_atoms.label_alt_id 
_pdbx_distant_solvent_atoms.auth_asym_id 
_pdbx_distant_solvent_atoms.auth_comp_id 
_pdbx_distant_solvent_atoms.auth_seq_id 
_pdbx_distant_solvent_atoms.PDB_ins_code 
_pdbx_distant_solvent_atoms.neighbor_macromolecule_distance 
_pdbx_distant_solvent_atoms.neighbor_ligand_distance 
1 1 O ? A HOH 2026 ? 6.20 . 
2 1 O ? A HOH 2027 ? 6.65 . 
3 1 O ? B HOH 2033 ? 6.44 . 
# 
loop_
_pdbx_unobs_or_zero_occ_residues.id 
_pdbx_unobs_or_zero_occ_residues.PDB_model_num 
_pdbx_unobs_or_zero_occ_residues.polymer_flag 
_pdbx_unobs_or_zero_occ_residues.occupancy_flag 
_pdbx_unobs_or_zero_occ_residues.auth_asym_id 
_pdbx_unobs_or_zero_occ_residues.auth_comp_id 
_pdbx_unobs_or_zero_occ_residues.auth_seq_id 
_pdbx_unobs_or_zero_occ_residues.PDB_ins_code 
_pdbx_unobs_or_zero_occ_residues.label_asym_id 
_pdbx_unobs_or_zero_occ_residues.label_comp_id 
_pdbx_unobs_or_zero_occ_residues.label_seq_id 
1  1 Y 1 A ARG 354 ? A ARG 1  
2  1 Y 1 A ARG 410 ? A ARG 57 
3  1 Y 1 A ILE 411 ? A ILE 58 
4  1 Y 1 A SER 412 ? A SER 59 
5  1 Y 1 B ARG 354 ? B ARG 1  
6  1 Y 1 B GLU 407 ? B GLU 54 
7  1 Y 1 B GLU 408 ? B GLU 55 
8  1 Y 1 B SER 409 ? B SER 56 
9  1 Y 1 B ARG 410 ? B ARG 57 
10 1 Y 1 B ILE 411 ? B ILE 58 
11 1 Y 1 B SER 412 ? B SER 59 
# 
loop_
_chem_comp_atom.comp_id 
_chem_comp_atom.atom_id 
_chem_comp_atom.type_symbol 
_chem_comp_atom.pdbx_aromatic_flag 
_chem_comp_atom.pdbx_stereo_config 
_chem_comp_atom.pdbx_ordinal 
ALA N    N N N 1   
ALA CA   C N S 2   
ALA C    C N N 3   
ALA O    O N N 4   
ALA CB   C N N 5   
ALA OXT  O N N 6   
ALA H    H N N 7   
ALA H2   H N N 8   
ALA HA   H N N 9   
ALA HB1  H N N 10  
ALA HB2  H N N 11  
ALA HB3  H N N 12  
ALA HXT  H N N 13  
ARG N    N N N 14  
ARG CA   C N S 15  
ARG C    C N N 16  
ARG O    O N N 17  
ARG CB   C N N 18  
ARG CG   C N N 19  
ARG CD   C N N 20  
ARG NE   N N N 21  
ARG CZ   C N N 22  
ARG NH1  N N N 23  
ARG NH2  N N N 24  
ARG OXT  O N N 25  
ARG H    H N N 26  
ARG H2   H N N 27  
ARG HA   H N N 28  
ARG HB2  H N N 29  
ARG HB3  H N N 30  
ARG HG2  H N N 31  
ARG HG3  H N N 32  
ARG HD2  H N N 33  
ARG HD3  H N N 34  
ARG HE   H N N 35  
ARG HH11 H N N 36  
ARG HH12 H N N 37  
ARG HH21 H N N 38  
ARG HH22 H N N 39  
ARG HXT  H N N 40  
ASN N    N N N 41  
ASN CA   C N S 42  
ASN C    C N N 43  
ASN O    O N N 44  
ASN CB   C N N 45  
ASN CG   C N N 46  
ASN OD1  O N N 47  
ASN ND2  N N N 48  
ASN OXT  O N N 49  
ASN H    H N N 50  
ASN H2   H N N 51  
ASN HA   H N N 52  
ASN HB2  H N N 53  
ASN HB3  H N N 54  
ASN HD21 H N N 55  
ASN HD22 H N N 56  
ASN HXT  H N N 57  
ASP N    N N N 58  
ASP CA   C N S 59  
ASP C    C N N 60  
ASP O    O N N 61  
ASP CB   C N N 62  
ASP CG   C N N 63  
ASP OD1  O N N 64  
ASP OD2  O N N 65  
ASP OXT  O N N 66  
ASP H    H N N 67  
ASP H2   H N N 68  
ASP HA   H N N 69  
ASP HB2  H N N 70  
ASP HB3  H N N 71  
ASP HD2  H N N 72  
ASP HXT  H N N 73  
GLN N    N N N 74  
GLN CA   C N S 75  
GLN C    C N N 76  
GLN O    O N N 77  
GLN CB   C N N 78  
GLN CG   C N N 79  
GLN CD   C N N 80  
GLN OE1  O N N 81  
GLN NE2  N N N 82  
GLN OXT  O N N 83  
GLN H    H N N 84  
GLN H2   H N N 85  
GLN HA   H N N 86  
GLN HB2  H N N 87  
GLN HB3  H N N 88  
GLN HG2  H N N 89  
GLN HG3  H N N 90  
GLN HE21 H N N 91  
GLN HE22 H N N 92  
GLN HXT  H N N 93  
GLU N    N N N 94  
GLU CA   C N S 95  
GLU C    C N N 96  
GLU O    O N N 97  
GLU CB   C N N 98  
GLU CG   C N N 99  
GLU CD   C N N 100 
GLU OE1  O N N 101 
GLU OE2  O N N 102 
GLU OXT  O N N 103 
GLU H    H N N 104 
GLU H2   H N N 105 
GLU HA   H N N 106 
GLU HB2  H N N 107 
GLU HB3  H N N 108 
GLU HG2  H N N 109 
GLU HG3  H N N 110 
GLU HE2  H N N 111 
GLU HXT  H N N 112 
GLY N    N N N 113 
GLY CA   C N N 114 
GLY C    C N N 115 
GLY O    O N N 116 
GLY OXT  O N N 117 
GLY H    H N N 118 
GLY H2   H N N 119 
GLY HA2  H N N 120 
GLY HA3  H N N 121 
GLY HXT  H N N 122 
HIS N    N N N 123 
HIS CA   C N S 124 
HIS C    C N N 125 
HIS O    O N N 126 
HIS CB   C N N 127 
HIS CG   C Y N 128 
HIS ND1  N Y N 129 
HIS CD2  C Y N 130 
HIS CE1  C Y N 131 
HIS NE2  N Y N 132 
HIS OXT  O N N 133 
HIS H    H N N 134 
HIS H2   H N N 135 
HIS HA   H N N 136 
HIS HB2  H N N 137 
HIS HB3  H N N 138 
HIS HD1  H N N 139 
HIS HD2  H N N 140 
HIS HE1  H N N 141 
HIS HE2  H N N 142 
HIS HXT  H N N 143 
HOH O    O N N 144 
HOH H1   H N N 145 
HOH H2   H N N 146 
ILE N    N N N 147 
ILE CA   C N S 148 
ILE C    C N N 149 
ILE O    O N N 150 
ILE CB   C N S 151 
ILE CG1  C N N 152 
ILE CG2  C N N 153 
ILE CD1  C N N 154 
ILE OXT  O N N 155 
ILE H    H N N 156 
ILE H2   H N N 157 
ILE HA   H N N 158 
ILE HB   H N N 159 
ILE HG12 H N N 160 
ILE HG13 H N N 161 
ILE HG21 H N N 162 
ILE HG22 H N N 163 
ILE HG23 H N N 164 
ILE HD11 H N N 165 
ILE HD12 H N N 166 
ILE HD13 H N N 167 
ILE HXT  H N N 168 
LEU N    N N N 169 
LEU CA   C N S 170 
LEU C    C N N 171 
LEU O    O N N 172 
LEU CB   C N N 173 
LEU CG   C N N 174 
LEU CD1  C N N 175 
LEU CD2  C N N 176 
LEU OXT  O N N 177 
LEU H    H N N 178 
LEU H2   H N N 179 
LEU HA   H N N 180 
LEU HB2  H N N 181 
LEU HB3  H N N 182 
LEU HG   H N N 183 
LEU HD11 H N N 184 
LEU HD12 H N N 185 
LEU HD13 H N N 186 
LEU HD21 H N N 187 
LEU HD22 H N N 188 
LEU HD23 H N N 189 
LEU HXT  H N N 190 
LYS N    N N N 191 
LYS CA   C N S 192 
LYS C    C N N 193 
LYS O    O N N 194 
LYS CB   C N N 195 
LYS CG   C N N 196 
LYS CD   C N N 197 
LYS CE   C N N 198 
LYS NZ   N N N 199 
LYS OXT  O N N 200 
LYS H    H N N 201 
LYS H2   H N N 202 
LYS HA   H N N 203 
LYS HB2  H N N 204 
LYS HB3  H N N 205 
LYS HG2  H N N 206 
LYS HG3  H N N 207 
LYS HD2  H N N 208 
LYS HD3  H N N 209 
LYS HE2  H N N 210 
LYS HE3  H N N 211 
LYS HZ1  H N N 212 
LYS HZ2  H N N 213 
LYS HZ3  H N N 214 
LYS HXT  H N N 215 
MET N    N N N 216 
MET CA   C N S 217 
MET C    C N N 218 
MET O    O N N 219 
MET CB   C N N 220 
MET CG   C N N 221 
MET SD   S N N 222 
MET CE   C N N 223 
MET OXT  O N N 224 
MET H    H N N 225 
MET H2   H N N 226 
MET HA   H N N 227 
MET HB2  H N N 228 
MET HB3  H N N 229 
MET HG2  H N N 230 
MET HG3  H N N 231 
MET HE1  H N N 232 
MET HE2  H N N 233 
MET HE3  H N N 234 
MET HXT  H N N 235 
SER N    N N N 236 
SER CA   C N S 237 
SER C    C N N 238 
SER O    O N N 239 
SER CB   C N N 240 
SER OG   O N N 241 
SER OXT  O N N 242 
SER H    H N N 243 
SER H2   H N N 244 
SER HA   H N N 245 
SER HB2  H N N 246 
SER HB3  H N N 247 
SER HG   H N N 248 
SER HXT  H N N 249 
THR N    N N N 250 
THR CA   C N S 251 
THR C    C N N 252 
THR O    O N N 253 
THR CB   C N R 254 
THR OG1  O N N 255 
THR CG2  C N N 256 
THR OXT  O N N 257 
THR H    H N N 258 
THR H2   H N N 259 
THR HA   H N N 260 
THR HB   H N N 261 
THR HG1  H N N 262 
THR HG21 H N N 263 
THR HG22 H N N 264 
THR HG23 H N N 265 
THR HXT  H N N 266 
TYR N    N N N 267 
TYR CA   C N S 268 
TYR C    C N N 269 
TYR O    O N N 270 
TYR CB   C N N 271 
TYR CG   C Y N 272 
TYR CD1  C Y N 273 
TYR CD2  C Y N 274 
TYR CE1  C Y N 275 
TYR CE2  C Y N 276 
TYR CZ   C Y N 277 
TYR OH   O N N 278 
TYR OXT  O N N 279 
TYR H    H N N 280 
TYR H2   H N N 281 
TYR HA   H N N 282 
TYR HB2  H N N 283 
TYR HB3  H N N 284 
TYR HD1  H N N 285 
TYR HD2  H N N 286 
TYR HE1  H N N 287 
TYR HE2  H N N 288 
TYR HH   H N N 289 
TYR HXT  H N N 290 
VAL N    N N N 291 
VAL CA   C N S 292 
VAL C    C N N 293 
VAL O    O N N 294 
VAL CB   C N N 295 
VAL CG1  C N N 296 
VAL CG2  C N N 297 
VAL OXT  O N N 298 
VAL H    H N N 299 
VAL H2   H N N 300 
VAL HA   H N N 301 
VAL HB   H N N 302 
VAL HG11 H N N 303 
VAL HG12 H N N 304 
VAL HG13 H N N 305 
VAL HG21 H N N 306 
VAL HG22 H N N 307 
VAL HG23 H N N 308 
VAL HXT  H N N 309 
# 
loop_
_chem_comp_bond.comp_id 
_chem_comp_bond.atom_id_1 
_chem_comp_bond.atom_id_2 
_chem_comp_bond.value_order 
_chem_comp_bond.pdbx_aromatic_flag 
_chem_comp_bond.pdbx_stereo_config 
_chem_comp_bond.pdbx_ordinal 
ALA N   CA   sing N N 1   
ALA N   H    sing N N 2   
ALA N   H2   sing N N 3   
ALA CA  C    sing N N 4   
ALA CA  CB   sing N N 5   
ALA CA  HA   sing N N 6   
ALA C   O    doub N N 7   
ALA C   OXT  sing N N 8   
ALA CB  HB1  sing N N 9   
ALA CB  HB2  sing N N 10  
ALA CB  HB3  sing N N 11  
ALA OXT HXT  sing N N 12  
ARG N   CA   sing N N 13  
ARG N   H    sing N N 14  
ARG N   H2   sing N N 15  
ARG CA  C    sing N N 16  
ARG CA  CB   sing N N 17  
ARG CA  HA   sing N N 18  
ARG C   O    doub N N 19  
ARG C   OXT  sing N N 20  
ARG CB  CG   sing N N 21  
ARG CB  HB2  sing N N 22  
ARG CB  HB3  sing N N 23  
ARG CG  CD   sing N N 24  
ARG CG  HG2  sing N N 25  
ARG CG  HG3  sing N N 26  
ARG CD  NE   sing N N 27  
ARG CD  HD2  sing N N 28  
ARG CD  HD3  sing N N 29  
ARG NE  CZ   sing N N 30  
ARG NE  HE   sing N N 31  
ARG CZ  NH1  sing N N 32  
ARG CZ  NH2  doub N N 33  
ARG NH1 HH11 sing N N 34  
ARG NH1 HH12 sing N N 35  
ARG NH2 HH21 sing N N 36  
ARG NH2 HH22 sing N N 37  
ARG OXT HXT  sing N N 38  
ASN N   CA   sing N N 39  
ASN N   H    sing N N 40  
ASN N   H2   sing N N 41  
ASN CA  C    sing N N 42  
ASN CA  CB   sing N N 43  
ASN CA  HA   sing N N 44  
ASN C   O    doub N N 45  
ASN C   OXT  sing N N 46  
ASN CB  CG   sing N N 47  
ASN CB  HB2  sing N N 48  
ASN CB  HB3  sing N N 49  
ASN CG  OD1  doub N N 50  
ASN CG  ND2  sing N N 51  
ASN ND2 HD21 sing N N 52  
ASN ND2 HD22 sing N N 53  
ASN OXT HXT  sing N N 54  
ASP N   CA   sing N N 55  
ASP N   H    sing N N 56  
ASP N   H2   sing N N 57  
ASP CA  C    sing N N 58  
ASP CA  CB   sing N N 59  
ASP CA  HA   sing N N 60  
ASP C   O    doub N N 61  
ASP C   OXT  sing N N 62  
ASP CB  CG   sing N N 63  
ASP CB  HB2  sing N N 64  
ASP CB  HB3  sing N N 65  
ASP CG  OD1  doub N N 66  
ASP CG  OD2  sing N N 67  
ASP OD2 HD2  sing N N 68  
ASP OXT HXT  sing N N 69  
GLN N   CA   sing N N 70  
GLN N   H    sing N N 71  
GLN N   H2   sing N N 72  
GLN CA  C    sing N N 73  
GLN CA  CB   sing N N 74  
GLN CA  HA   sing N N 75  
GLN C   O    doub N N 76  
GLN C   OXT  sing N N 77  
GLN CB  CG   sing N N 78  
GLN CB  HB2  sing N N 79  
GLN CB  HB3  sing N N 80  
GLN CG  CD   sing N N 81  
GLN CG  HG2  sing N N 82  
GLN CG  HG3  sing N N 83  
GLN CD  OE1  doub N N 84  
GLN CD  NE2  sing N N 85  
GLN NE2 HE21 sing N N 86  
GLN NE2 HE22 sing N N 87  
GLN OXT HXT  sing N N 88  
GLU N   CA   sing N N 89  
GLU N   H    sing N N 90  
GLU N   H2   sing N N 91  
GLU CA  C    sing N N 92  
GLU CA  CB   sing N N 93  
GLU CA  HA   sing N N 94  
GLU C   O    doub N N 95  
GLU C   OXT  sing N N 96  
GLU CB  CG   sing N N 97  
GLU CB  HB2  sing N N 98  
GLU CB  HB3  sing N N 99  
GLU CG  CD   sing N N 100 
GLU CG  HG2  sing N N 101 
GLU CG  HG3  sing N N 102 
GLU CD  OE1  doub N N 103 
GLU CD  OE2  sing N N 104 
GLU OE2 HE2  sing N N 105 
GLU OXT HXT  sing N N 106 
GLY N   CA   sing N N 107 
GLY N   H    sing N N 108 
GLY N   H2   sing N N 109 
GLY CA  C    sing N N 110 
GLY CA  HA2  sing N N 111 
GLY CA  HA3  sing N N 112 
GLY C   O    doub N N 113 
GLY C   OXT  sing N N 114 
GLY OXT HXT  sing N N 115 
HIS N   CA   sing N N 116 
HIS N   H    sing N N 117 
HIS N   H2   sing N N 118 
HIS CA  C    sing N N 119 
HIS CA  CB   sing N N 120 
HIS CA  HA   sing N N 121 
HIS C   O    doub N N 122 
HIS C   OXT  sing N N 123 
HIS CB  CG   sing N N 124 
HIS CB  HB2  sing N N 125 
HIS CB  HB3  sing N N 126 
HIS CG  ND1  sing Y N 127 
HIS CG  CD2  doub Y N 128 
HIS ND1 CE1  doub Y N 129 
HIS ND1 HD1  sing N N 130 
HIS CD2 NE2  sing Y N 131 
HIS CD2 HD2  sing N N 132 
HIS CE1 NE2  sing Y N 133 
HIS CE1 HE1  sing N N 134 
HIS NE2 HE2  sing N N 135 
HIS OXT HXT  sing N N 136 
HOH O   H1   sing N N 137 
HOH O   H2   sing N N 138 
ILE N   CA   sing N N 139 
ILE N   H    sing N N 140 
ILE N   H2   sing N N 141 
ILE CA  C    sing N N 142 
ILE CA  CB   sing N N 143 
ILE CA  HA   sing N N 144 
ILE C   O    doub N N 145 
ILE C   OXT  sing N N 146 
ILE CB  CG1  sing N N 147 
ILE CB  CG2  sing N N 148 
ILE CB  HB   sing N N 149 
ILE CG1 CD1  sing N N 150 
ILE CG1 HG12 sing N N 151 
ILE CG1 HG13 sing N N 152 
ILE CG2 HG21 sing N N 153 
ILE CG2 HG22 sing N N 154 
ILE CG2 HG23 sing N N 155 
ILE CD1 HD11 sing N N 156 
ILE CD1 HD12 sing N N 157 
ILE CD1 HD13 sing N N 158 
ILE OXT HXT  sing N N 159 
LEU N   CA   sing N N 160 
LEU N   H    sing N N 161 
LEU N   H2   sing N N 162 
LEU CA  C    sing N N 163 
LEU CA  CB   sing N N 164 
LEU CA  HA   sing N N 165 
LEU C   O    doub N N 166 
LEU C   OXT  sing N N 167 
LEU CB  CG   sing N N 168 
LEU CB  HB2  sing N N 169 
LEU CB  HB3  sing N N 170 
LEU CG  CD1  sing N N 171 
LEU CG  CD2  sing N N 172 
LEU CG  HG   sing N N 173 
LEU CD1 HD11 sing N N 174 
LEU CD1 HD12 sing N N 175 
LEU CD1 HD13 sing N N 176 
LEU CD2 HD21 sing N N 177 
LEU CD2 HD22 sing N N 178 
LEU CD2 HD23 sing N N 179 
LEU OXT HXT  sing N N 180 
LYS N   CA   sing N N 181 
LYS N   H    sing N N 182 
LYS N   H2   sing N N 183 
LYS CA  C    sing N N 184 
LYS CA  CB   sing N N 185 
LYS CA  HA   sing N N 186 
LYS C   O    doub N N 187 
LYS C   OXT  sing N N 188 
LYS CB  CG   sing N N 189 
LYS CB  HB2  sing N N 190 
LYS CB  HB3  sing N N 191 
LYS CG  CD   sing N N 192 
LYS CG  HG2  sing N N 193 
LYS CG  HG3  sing N N 194 
LYS CD  CE   sing N N 195 
LYS CD  HD2  sing N N 196 
LYS CD  HD3  sing N N 197 
LYS CE  NZ   sing N N 198 
LYS CE  HE2  sing N N 199 
LYS CE  HE3  sing N N 200 
LYS NZ  HZ1  sing N N 201 
LYS NZ  HZ2  sing N N 202 
LYS NZ  HZ3  sing N N 203 
LYS OXT HXT  sing N N 204 
MET N   CA   sing N N 205 
MET N   H    sing N N 206 
MET N   H2   sing N N 207 
MET CA  C    sing N N 208 
MET CA  CB   sing N N 209 
MET CA  HA   sing N N 210 
MET C   O    doub N N 211 
MET C   OXT  sing N N 212 
MET CB  CG   sing N N 213 
MET CB  HB2  sing N N 214 
MET CB  HB3  sing N N 215 
MET CG  SD   sing N N 216 
MET CG  HG2  sing N N 217 
MET CG  HG3  sing N N 218 
MET SD  CE   sing N N 219 
MET CE  HE1  sing N N 220 
MET CE  HE2  sing N N 221 
MET CE  HE3  sing N N 222 
MET OXT HXT  sing N N 223 
SER N   CA   sing N N 224 
SER N   H    sing N N 225 
SER N   H2   sing N N 226 
SER CA  C    sing N N 227 
SER CA  CB   sing N N 228 
SER CA  HA   sing N N 229 
SER C   O    doub N N 230 
SER C   OXT  sing N N 231 
SER CB  OG   sing N N 232 
SER CB  HB2  sing N N 233 
SER CB  HB3  sing N N 234 
SER OG  HG   sing N N 235 
SER OXT HXT  sing N N 236 
THR N   CA   sing N N 237 
THR N   H    sing N N 238 
THR N   H2   sing N N 239 
THR CA  C    sing N N 240 
THR CA  CB   sing N N 241 
THR CA  HA   sing N N 242 
THR C   O    doub N N 243 
THR C   OXT  sing N N 244 
THR CB  OG1  sing N N 245 
THR CB  CG2  sing N N 246 
THR CB  HB   sing N N 247 
THR OG1 HG1  sing N N 248 
THR CG2 HG21 sing N N 249 
THR CG2 HG22 sing N N 250 
THR CG2 HG23 sing N N 251 
THR OXT HXT  sing N N 252 
TYR N   CA   sing N N 253 
TYR N   H    sing N N 254 
TYR N   H2   sing N N 255 
TYR CA  C    sing N N 256 
TYR CA  CB   sing N N 257 
TYR CA  HA   sing N N 258 
TYR C   O    doub N N 259 
TYR C   OXT  sing N N 260 
TYR CB  CG   sing N N 261 
TYR CB  HB2  sing N N 262 
TYR CB  HB3  sing N N 263 
TYR CG  CD1  doub Y N 264 
TYR CG  CD2  sing Y N 265 
TYR CD1 CE1  sing Y N 266 
TYR CD1 HD1  sing N N 267 
TYR CD2 CE2  doub Y N 268 
TYR CD2 HD2  sing N N 269 
TYR CE1 CZ   doub Y N 270 
TYR CE1 HE1  sing N N 271 
TYR CE2 CZ   sing Y N 272 
TYR CE2 HE2  sing N N 273 
TYR CZ  OH   sing N N 274 
TYR OH  HH   sing N N 275 
TYR OXT HXT  sing N N 276 
VAL N   CA   sing N N 277 
VAL N   H    sing N N 278 
VAL N   H2   sing N N 279 
VAL CA  C    sing N N 280 
VAL CA  CB   sing N N 281 
VAL CA  HA   sing N N 282 
VAL C   O    doub N N 283 
VAL C   OXT  sing N N 284 
VAL CB  CG1  sing N N 285 
VAL CB  CG2  sing N N 286 
VAL CB  HB   sing N N 287 
VAL CG1 HG11 sing N N 288 
VAL CG1 HG12 sing N N 289 
VAL CG1 HG13 sing N N 290 
VAL CG2 HG21 sing N N 291 
VAL CG2 HG22 sing N N 292 
VAL CG2 HG23 sing N N 293 
VAL OXT HXT  sing N N 294 
# 
_pdbx_entity_nonpoly.entity_id   2 
_pdbx_entity_nonpoly.name        water 
_pdbx_entity_nonpoly.comp_id     HOH 
# 
_pdbx_initial_refinement_model.id               1 
_pdbx_initial_refinement_model.entity_id_list   ? 
_pdbx_initial_refinement_model.type             'experimental model' 
_pdbx_initial_refinement_model.source_name      PDB 
_pdbx_initial_refinement_model.accession_code   2ZTA 
_pdbx_initial_refinement_model.details          'PDB ENTRY 2ZTA' 
# 
